data_2GBC
#
_entry.id   2GBC
#
_cell.length_a   208.152
_cell.length_b   208.152
_cell.length_c   208.152
_cell.angle_alpha   90.00
_cell.angle_beta   90.00
_cell.angle_gamma   90.00
#
_symmetry.space_group_name_H-M   'P 21 3'
#
loop_
_entity.id
_entity.type
_entity.pdbx_description
1 polymer 'Dipeptidyl peptidase 4'
2 non-polymer 2-acetamido-2-deoxy-beta-D-glucopyranose
3 water water
#
_entity_poly.entity_id   1
_entity_poly.type   'polypeptide(L)'
_entity_poly.pdbx_seq_one_letter_code
;RRTYTLADYLKNTFRVKSYSLRWVSDSEYLYKQENNILLFNAEHGNSSIFLENSTFEIFGDSISDYSVSPDRLFVLLEYN
YVKQWRHSYTASYSIYDLNKRQLITEEKIPNNTQWITWSQEGHKLAYVWKNDIYVKIEPHLPSHRITSTGKENVIFNGIN
DWVYEEEIFGAYSALWWSPNGTFLAYAQFNDTGVPLIEYSFYSDESLQYPKTVWIPYPKAGAVNPTVKFFIVNTDSLSST
TTTIPMQITAPASVTTGDHYLCDVAWVSEDRISLQWLRRIQNYSVMAICDYDKTTLVWNCPTTQEHIETSATGWCGRFRP
AEPHFTSDGSSFYKIVSDKDGYKHICQFQKDRKPEQVCTFITKGAWEVISIEALTSDYLYYISNEYKEMPGGRNLYKIQL
TDHTNKKCLSCDLNPERCQYYSVSLSKEAKYYQLGCRGPGLPLYTLHRSTDQKELRVLEDNSALDKMLQDVQMPSKKLDF
IVLNETRFWYQMILPPHFDKSKKYPLLIDVYAGPCSQKADAAFRLNWATYLASTENIIVASFDGRGSGYQGDKIMHAINK
RLGTLEVEDQIEAARQFLKMGFVDSKRVAIWGWSYGGYVTSMVLGSGSGVFKCGIAVAPVSRWEYYDSVYTERYMGLPTP
EDNLDHYRNSTVMSRAENFKQVEYLLIHGTADDNVHFQQSAQISKALVDAGVDFQAMWYTDEDHGIASSTAHQHIYSHMS
HFLQQCFSLR
;
_entity_poly.pdbx_strand_id   A,B
#
loop_
_chem_comp.id
_chem_comp.type
_chem_comp.name
_chem_comp.formula
NAG D-saccharide, beta linking 2-acetamido-2-deoxy-beta-D-glucopyranose 'C8 H15 N O6'
#
# COMPACT_ATOMS: atom_id res chain seq x y z
N ARG A 1 -7.20 -7.18 44.12
CA ARG A 1 -8.35 -6.91 43.21
C ARG A 1 -7.91 -6.37 41.84
N ARG A 2 -6.69 -6.75 41.39
CA ARG A 2 -6.16 -6.32 40.10
C ARG A 2 -6.74 -7.19 38.99
N THR A 3 -6.83 -6.66 37.77
CA THR A 3 -7.36 -7.44 36.64
C THR A 3 -6.28 -7.72 35.62
N TYR A 4 -6.61 -8.54 34.63
CA TYR A 4 -5.68 -8.87 33.54
C TYR A 4 -5.80 -7.71 32.58
N THR A 5 -4.79 -6.85 32.56
CA THR A 5 -4.80 -5.67 31.72
C THR A 5 -4.29 -5.90 30.30
N LEU A 6 -4.43 -4.89 29.45
CA LEU A 6 -3.96 -5.01 28.08
C LEU A 6 -2.44 -5.17 28.16
N ALA A 7 -1.81 -4.45 29.09
CA ALA A 7 -0.37 -4.52 29.27
C ALA A 7 0.09 -5.92 29.66
N ASP A 8 -0.67 -6.58 30.54
CA ASP A 8 -0.34 -7.93 30.98
C ASP A 8 -0.21 -8.85 29.77
N TYR A 9 -1.12 -8.65 28.81
CA TYR A 9 -1.11 -9.44 27.60
C TYR A 9 0.04 -9.02 26.68
N LEU A 10 0.09 -7.75 26.34
CA LEU A 10 1.13 -7.22 25.45
C LEU A 10 2.58 -7.37 25.94
N LYS A 11 2.81 -7.22 27.24
CA LYS A 11 4.16 -7.35 27.78
C LYS A 11 4.39 -8.75 28.29
N ASN A 12 3.42 -9.63 28.08
CA ASN A 12 3.49 -11.02 28.52
C ASN A 12 4.01 -11.09 29.96
N THR A 13 3.20 -10.57 30.89
CA THR A 13 3.56 -10.53 32.30
C THR A 13 3.44 -11.87 32.98
N PHE A 14 2.39 -12.61 32.65
CA PHE A 14 2.17 -13.91 33.23
C PHE A 14 2.56 -15.02 32.26
N ARG A 15 3.80 -15.50 32.40
CA ARG A 15 4.33 -16.55 31.55
C ARG A 15 3.69 -17.91 31.86
N VAL A 16 3.27 -18.61 30.81
CA VAL A 16 2.69 -19.95 30.94
C VAL A 16 3.75 -20.95 30.54
N LYS A 17 4.32 -21.68 31.50
CA LYS A 17 5.37 -22.66 31.19
C LYS A 17 4.89 -23.96 30.54
N SER A 18 5.84 -24.68 29.95
CA SER A 18 5.56 -25.95 29.30
C SER A 18 6.79 -26.84 29.48
N TYR A 19 6.78 -28.04 28.91
CA TYR A 19 7.94 -28.93 29.03
C TYR A 19 8.17 -29.61 27.69
N SER A 20 8.88 -28.92 26.82
CA SER A 20 9.16 -29.46 25.50
C SER A 20 10.45 -30.26 25.51
N LEU A 21 10.31 -31.58 25.52
CA LEU A 21 11.48 -32.45 25.54
C LEU A 21 11.77 -33.02 24.16
N ARG A 22 12.92 -33.67 24.03
CA ARG A 22 13.30 -34.28 22.76
C ARG A 22 13.78 -35.70 23.03
N TRP A 23 12.93 -36.68 22.75
CA TRP A 23 13.30 -38.06 22.98
C TRP A 23 14.52 -38.43 22.15
N VAL A 24 15.56 -38.90 22.82
CA VAL A 24 16.79 -39.29 22.16
C VAL A 24 16.84 -40.79 21.91
N SER A 25 16.18 -41.54 22.78
CA SER A 25 16.12 -42.99 22.66
C SER A 25 14.79 -43.46 23.22
N ASP A 26 14.68 -44.74 23.52
CA ASP A 26 13.43 -45.25 24.05
C ASP A 26 13.36 -44.95 25.53
N SER A 27 14.46 -44.44 26.11
CA SER A 27 14.47 -44.19 27.54
C SER A 27 15.13 -42.90 28.03
N GLU A 28 15.67 -42.09 27.12
CA GLU A 28 16.29 -40.82 27.52
C GLU A 28 15.79 -39.70 26.63
N TYR A 29 15.86 -38.47 27.13
CA TYR A 29 15.42 -37.33 26.34
C TYR A 29 16.24 -36.09 26.65
N LEU A 30 16.09 -35.07 25.81
CA LEU A 30 16.82 -33.83 26.01
C LEU A 30 15.88 -32.73 26.44
N TYR A 31 16.37 -31.86 27.31
CA TYR A 31 15.59 -30.75 27.82
C TYR A 31 16.47 -29.52 28.01
N LYS A 32 15.99 -28.38 27.53
CA LYS A 32 16.73 -27.11 27.62
C LYS A 32 16.48 -26.55 29.00
N GLN A 33 17.55 -26.21 29.72
CA GLN A 33 17.42 -25.66 31.06
C GLN A 33 18.47 -24.58 31.31
N GLU A 34 18.01 -23.35 31.52
CA GLU A 34 18.90 -22.21 31.75
C GLU A 34 19.94 -22.16 30.61
N ASN A 35 19.52 -22.53 29.41
CA ASN A 35 20.40 -22.54 28.24
C ASN A 35 21.46 -23.63 28.30
N ASN A 36 21.04 -24.79 28.79
CA ASN A 36 21.89 -25.96 28.91
C ASN A 36 21.05 -27.12 28.44
N ILE A 37 21.58 -27.90 27.53
CA ILE A 37 20.82 -29.03 27.09
C ILE A 37 21.16 -30.13 28.07
N LEU A 38 20.13 -30.67 28.73
CA LEU A 38 20.34 -31.73 29.69
C LEU A 38 19.74 -33.03 29.21
N LEU A 39 20.45 -34.12 29.47
CA LEU A 39 19.98 -35.45 29.11
C LEU A 39 19.30 -36.07 30.33
N PHE A 40 18.02 -36.42 30.19
CA PHE A 40 17.30 -37.03 31.29
C PHE A 40 17.04 -38.50 31.08
N ASN A 41 16.88 -39.21 32.20
CA ASN A 41 16.61 -40.63 32.19
C ASN A 41 15.14 -40.80 32.58
N ALA A 42 14.29 -41.19 31.65
CA ALA A 42 12.90 -41.38 31.99
C ALA A 42 12.91 -42.62 32.87
N GLU A 43 12.28 -42.54 34.03
CA GLU A 43 12.20 -43.64 35.00
C GLU A 43 12.66 -43.03 36.30
N HIS A 44 13.91 -42.60 36.32
CA HIS A 44 14.48 -41.97 37.50
C HIS A 44 14.80 -40.57 37.03
N GLY A 45 14.27 -39.55 37.70
CA GLY A 45 14.54 -38.17 37.29
C GLY A 45 16.00 -37.88 36.96
N ASN A 46 16.84 -38.88 37.23
CA ASN A 46 18.27 -38.88 36.99
C ASN A 46 18.63 -38.04 35.75
N SER A 47 19.37 -36.94 35.93
CA SER A 47 19.73 -36.12 34.77
C SER A 47 21.20 -36.20 34.36
N SER A 48 21.71 -35.11 33.77
CA SER A 48 23.10 -35.02 33.28
C SER A 48 23.25 -33.91 32.22
N ILE A 49 24.41 -33.26 32.18
CA ILE A 49 24.65 -32.19 31.20
C ILE A 49 25.02 -32.72 29.83
N PHE A 50 24.29 -32.31 28.80
CA PHE A 50 24.59 -32.75 27.44
C PHE A 50 25.39 -31.67 26.71
N LEU A 51 24.91 -30.44 26.81
CA LEU A 51 25.55 -29.28 26.20
C LEU A 51 25.58 -28.12 27.19
N GLU A 52 26.77 -27.56 27.39
CA GLU A 52 27.02 -26.47 28.32
C GLU A 52 26.36 -25.12 28.06
N ASN A 53 26.22 -24.33 29.11
CA ASN A 53 25.66 -22.98 29.04
C ASN A 53 26.51 -22.34 27.95
N SER A 54 27.78 -22.73 27.97
CA SER A 54 28.80 -22.28 27.03
C SER A 54 28.37 -22.77 25.66
N THR A 55 29.32 -22.95 24.75
CA THR A 55 29.05 -23.42 23.40
C THR A 55 28.05 -22.50 22.70
N PHE A 56 26.84 -22.43 23.26
CA PHE A 56 25.79 -21.58 22.73
C PHE A 56 26.17 -20.09 22.64
N GLU A 57 27.05 -19.61 23.52
CA GLU A 57 27.40 -18.18 23.44
C GLU A 57 28.58 -17.89 22.50
N ILE A 58 29.23 -18.93 22.00
CA ILE A 58 30.33 -18.72 21.08
C ILE A 58 29.80 -17.87 19.92
N PHE A 59 28.52 -18.06 19.62
CA PHE A 59 27.82 -17.34 18.55
C PHE A 59 27.01 -16.23 19.17
N GLY A 60 27.66 -15.46 20.03
CA GLY A 60 26.97 -14.37 20.69
C GLY A 60 25.60 -14.80 21.20
N ASP A 61 24.59 -14.10 20.72
CA ASP A 61 23.21 -14.34 21.14
C ASP A 61 22.30 -14.65 19.97
N SER A 62 22.88 -14.97 18.81
CA SER A 62 22.06 -15.25 17.63
C SER A 62 21.80 -16.73 17.44
N ILE A 63 22.17 -17.55 18.43
CA ILE A 63 21.92 -18.98 18.33
C ILE A 63 20.41 -19.23 18.39
N SER A 64 19.82 -19.28 17.20
CA SER A 64 18.40 -19.48 17.00
C SER A 64 17.90 -20.86 17.42
N ASP A 65 18.67 -21.91 17.14
CA ASP A 65 18.23 -23.24 17.50
C ASP A 65 19.36 -24.27 17.46
N TYR A 66 19.04 -25.50 17.78
CA TYR A 66 20.03 -26.56 17.79
C TYR A 66 19.40 -27.90 17.40
N SER A 67 20.20 -28.77 16.78
CA SER A 67 19.70 -30.07 16.38
C SER A 67 20.79 -31.11 16.65
N VAL A 68 20.45 -32.11 17.44
CA VAL A 68 21.41 -33.14 17.78
C VAL A 68 21.32 -34.32 16.82
N SER A 69 22.45 -34.71 16.26
CA SER A 69 22.45 -35.83 15.33
C SER A 69 21.88 -37.03 16.06
N PRO A 70 21.11 -37.85 15.37
CA PRO A 70 20.52 -39.03 16.01
C PRO A 70 21.50 -39.91 16.78
N ASP A 71 22.77 -39.94 16.42
CA ASP A 71 23.71 -40.78 17.17
C ASP A 71 24.40 -39.97 18.28
N ARG A 72 23.80 -38.83 18.62
CA ARG A 72 24.32 -37.95 19.66
C ARG A 72 25.80 -37.63 19.60
N LEU A 73 26.42 -37.76 18.43
CA LEU A 73 27.84 -37.46 18.32
C LEU A 73 28.10 -36.03 17.90
N PHE A 74 27.09 -35.39 17.31
CA PHE A 74 27.22 -34.00 16.86
C PHE A 74 25.97 -33.15 17.12
N VAL A 75 26.14 -31.84 17.00
CA VAL A 75 25.03 -30.93 17.19
C VAL A 75 25.10 -29.77 16.20
N LEU A 76 23.95 -29.52 15.55
CA LEU A 76 23.82 -28.43 14.61
C LEU A 76 23.48 -27.17 15.37
N LEU A 77 24.27 -26.13 15.19
CA LEU A 77 23.99 -24.88 15.85
C LEU A 77 23.50 -23.91 14.80
N GLU A 78 22.23 -23.54 14.92
CA GLU A 78 21.58 -22.62 14.00
C GLU A 78 21.66 -21.18 14.48
N TYR A 79 22.10 -20.27 13.61
CA TYR A 79 22.22 -18.86 13.98
C TYR A 79 22.06 -17.99 12.75
N ASN A 80 21.76 -16.70 12.96
CA ASN A 80 21.55 -15.76 11.86
C ASN A 80 20.27 -16.10 11.12
N TYR A 81 19.24 -16.39 11.90
CA TYR A 81 17.93 -16.73 11.38
C TYR A 81 17.26 -15.53 10.73
N VAL A 82 16.74 -15.73 9.51
CA VAL A 82 16.02 -14.69 8.79
C VAL A 82 14.76 -15.29 8.19
N LYS A 83 13.61 -14.90 8.73
CA LYS A 83 12.32 -15.40 8.28
C LYS A 83 12.01 -15.12 6.81
N GLN A 84 11.12 -15.94 6.26
CA GLN A 84 10.67 -15.87 4.88
C GLN A 84 9.41 -16.72 4.84
N TRP A 85 8.24 -16.09 4.74
CA TRP A 85 6.97 -16.83 4.72
C TRP A 85 6.74 -17.50 6.07
N ARG A 86 5.69 -18.32 6.15
CA ARG A 86 5.33 -19.01 7.39
C ARG A 86 6.40 -19.92 7.98
N HIS A 87 6.93 -20.85 7.18
CA HIS A 87 7.92 -21.79 7.67
C HIS A 87 9.32 -21.68 7.06
N SER A 88 9.42 -20.99 5.94
CA SER A 88 10.70 -20.81 5.27
C SER A 88 11.57 -19.87 6.10
N TYR A 89 12.86 -19.82 5.78
CA TYR A 89 13.83 -18.95 6.45
C TYR A 89 15.24 -19.47 6.18
N THR A 90 16.20 -18.56 6.13
CA THR A 90 17.60 -18.94 5.93
C THR A 90 18.38 -18.68 7.21
N ALA A 91 19.43 -19.45 7.42
CA ALA A 91 20.26 -19.33 8.60
C ALA A 91 21.67 -19.81 8.31
N SER A 92 22.55 -19.66 9.30
CA SER A 92 23.92 -20.12 9.19
C SER A 92 24.02 -21.31 10.12
N TYR A 93 25.00 -22.19 9.89
CA TYR A 93 25.11 -23.35 10.77
C TYR A 93 26.55 -23.72 11.08
N SER A 94 26.72 -24.37 12.22
CA SER A 94 28.02 -24.84 12.68
C SER A 94 27.83 -26.19 13.32
N ILE A 95 28.68 -27.15 12.96
CA ILE A 95 28.56 -28.48 13.54
C ILE A 95 29.49 -28.49 14.75
N TYR A 96 29.01 -29.00 15.87
CA TYR A 96 29.83 -29.09 17.06
C TYR A 96 30.11 -30.56 17.33
N ASP A 97 31.39 -30.91 17.41
CA ASP A 97 31.77 -32.30 17.65
C ASP A 97 31.76 -32.53 19.14
N LEU A 98 30.77 -33.26 19.63
CA LEU A 98 30.67 -33.52 21.06
C LEU A 98 31.87 -34.27 21.55
N ASN A 99 32.24 -35.32 20.85
CA ASN A 99 33.37 -36.13 21.26
C ASN A 99 34.70 -35.37 21.24
N LYS A 100 35.06 -34.80 20.09
CA LYS A 100 36.31 -34.04 19.95
C LYS A 100 36.22 -32.74 20.76
N ARG A 101 35.03 -32.46 21.30
CA ARG A 101 34.77 -31.27 22.10
C ARG A 101 35.11 -29.92 21.45
N GLN A 102 34.70 -29.70 20.22
CA GLN A 102 34.96 -28.44 19.54
C GLN A 102 34.22 -28.27 18.21
N LEU A 103 34.14 -27.04 17.73
CA LEU A 103 33.43 -26.73 16.48
C LEU A 103 34.20 -27.18 15.26
N ILE A 104 33.54 -28.00 14.42
CA ILE A 104 34.13 -28.47 13.19
C ILE A 104 34.26 -27.25 12.30
N THR A 105 35.47 -27.01 11.80
CA THR A 105 35.74 -25.83 11.01
C THR A 105 36.20 -26.06 9.57
N GLU A 106 36.40 -27.31 9.19
CA GLU A 106 36.87 -27.63 7.84
C GLU A 106 35.83 -27.41 6.74
N GLU A 107 35.18 -28.50 6.36
CA GLU A 107 34.16 -28.43 5.31
C GLU A 107 32.91 -27.81 5.89
N LYS A 108 32.91 -26.49 6.05
CA LYS A 108 31.77 -25.78 6.62
C LYS A 108 30.53 -25.89 5.77
N ILE A 109 29.41 -25.41 6.31
CA ILE A 109 28.15 -25.43 5.61
C ILE A 109 27.82 -23.99 5.20
N PRO A 110 27.46 -23.78 3.91
CA PRO A 110 27.13 -22.47 3.32
C PRO A 110 26.46 -21.50 4.29
N ASN A 111 26.87 -20.23 4.21
CA ASN A 111 26.35 -19.24 5.11
C ASN A 111 25.00 -18.66 4.79
N ASN A 112 24.16 -19.42 4.10
CA ASN A 112 22.81 -18.94 3.79
C ASN A 112 21.85 -20.06 3.48
N THR A 113 22.06 -21.17 4.15
CA THR A 113 21.27 -22.37 3.95
C THR A 113 19.79 -22.17 4.14
N GLN A 114 19.01 -22.77 3.24
CA GLN A 114 17.55 -22.68 3.26
C GLN A 114 16.92 -23.80 4.06
N TRP A 115 17.61 -24.93 4.17
CA TRP A 115 17.09 -26.02 4.93
C TRP A 115 18.17 -27.06 5.17
N ILE A 116 18.13 -27.71 6.32
CA ILE A 116 19.12 -28.72 6.63
C ILE A 116 18.55 -29.77 7.58
N THR A 117 19.08 -30.98 7.51
CA THR A 117 18.58 -32.04 8.38
C THR A 117 19.47 -33.27 8.48
N TRP A 118 19.56 -33.81 9.69
CA TRP A 118 20.34 -35.02 9.93
C TRP A 118 19.60 -36.18 9.26
N SER A 119 20.31 -37.27 9.04
CA SER A 119 19.66 -38.43 8.47
C SER A 119 18.81 -38.99 9.61
N GLN A 120 18.08 -40.07 9.38
CA GLN A 120 17.25 -40.63 10.44
C GLN A 120 18.09 -41.38 11.46
N GLU A 121 19.28 -41.82 11.06
CA GLU A 121 20.12 -42.61 11.93
C GLU A 121 21.49 -42.08 12.34
N GLY A 122 22.44 -42.08 11.42
CA GLY A 122 23.79 -41.67 11.78
C GLY A 122 24.07 -40.21 12.02
N HIS A 123 24.98 -39.67 11.22
CA HIS A 123 25.36 -38.28 11.30
C HIS A 123 25.49 -37.72 9.89
N LYS A 124 24.60 -38.18 9.01
CA LYS A 124 24.59 -37.70 7.64
C LYS A 124 23.77 -36.43 7.61
N LEU A 125 24.10 -35.54 6.68
CA LEU A 125 23.40 -34.29 6.55
C LEU A 125 22.96 -34.09 5.10
N ALA A 126 21.87 -33.37 4.92
CA ALA A 126 21.35 -33.03 3.60
C ALA A 126 20.86 -31.62 3.80
N TYR A 127 21.33 -30.69 2.97
CA TYR A 127 20.89 -29.32 3.11
C TYR A 127 20.62 -28.70 1.74
N VAL A 128 19.80 -27.66 1.72
CA VAL A 128 19.47 -26.99 0.48
C VAL A 128 20.08 -25.60 0.54
N TRP A 129 20.75 -25.22 -0.55
CA TRP A 129 21.41 -23.93 -0.66
C TRP A 129 21.31 -23.48 -2.11
N LYS A 130 20.77 -22.28 -2.31
CA LYS A 130 20.60 -21.75 -3.66
C LYS A 130 19.68 -22.70 -4.45
N ASN A 131 18.69 -23.27 -3.76
CA ASN A 131 17.73 -24.18 -4.38
C ASN A 131 18.27 -25.52 -4.84
N ASP A 132 19.49 -25.85 -4.43
CA ASP A 132 20.05 -27.14 -4.79
C ASP A 132 20.33 -27.97 -3.53
N ILE A 133 20.33 -29.28 -3.70
CA ILE A 133 20.57 -30.18 -2.57
C ILE A 133 22.03 -30.59 -2.49
N TYR A 134 22.51 -30.75 -1.26
CA TYR A 134 23.88 -31.16 -1.00
C TYR A 134 23.85 -32.18 0.12
N VAL A 135 24.74 -33.16 0.05
CA VAL A 135 24.84 -34.19 1.07
C VAL A 135 26.24 -34.28 1.65
N LYS A 136 26.34 -34.59 2.94
CA LYS A 136 27.63 -34.74 3.61
C LYS A 136 27.56 -36.00 4.46
N ILE A 137 28.23 -37.05 4.01
CA ILE A 137 28.21 -38.31 4.75
C ILE A 137 28.74 -38.16 6.18
N GLU A 138 29.62 -37.18 6.36
CA GLU A 138 30.25 -36.91 7.65
C GLU A 138 30.39 -35.41 7.85
N PRO A 139 30.25 -34.93 9.09
CA PRO A 139 30.38 -33.49 9.32
C PRO A 139 31.73 -32.93 8.90
N HIS A 140 32.76 -33.77 8.93
CA HIS A 140 34.11 -33.36 8.58
C HIS A 140 34.39 -33.38 7.09
N LEU A 141 33.67 -34.24 6.37
CA LEU A 141 33.86 -34.40 4.94
C LEU A 141 33.21 -33.33 4.08
N PRO A 142 33.67 -33.18 2.84
CA PRO A 142 33.13 -32.19 1.91
C PRO A 142 31.76 -32.58 1.39
N SER A 143 30.93 -31.58 1.13
CA SER A 143 29.58 -31.82 0.62
C SER A 143 29.58 -32.28 -0.84
N HIS A 144 28.56 -33.05 -1.20
CA HIS A 144 28.38 -33.57 -2.56
C HIS A 144 27.12 -32.95 -3.14
N ARG A 145 27.27 -32.20 -4.23
CA ARG A 145 26.12 -31.55 -4.84
C ARG A 145 25.24 -32.61 -5.52
N ILE A 146 23.97 -32.65 -5.12
CA ILE A 146 23.03 -33.65 -5.66
C ILE A 146 22.26 -33.13 -6.86
N THR A 147 21.96 -31.84 -6.88
CA THR A 147 21.25 -31.24 -8.00
C THR A 147 21.95 -29.95 -8.40
N SER A 148 21.67 -29.47 -9.61
CA SER A 148 22.29 -28.24 -10.07
C SER A 148 21.37 -27.48 -11.00
N THR A 149 20.08 -27.77 -10.89
CA THR A 149 19.05 -27.12 -11.70
C THR A 149 18.40 -25.98 -10.91
N GLY A 150 18.77 -25.87 -9.64
CA GLY A 150 18.20 -24.86 -8.77
C GLY A 150 18.28 -23.46 -9.30
N LYS A 151 17.18 -22.71 -9.18
CA LYS A 151 17.12 -21.34 -9.64
C LYS A 151 16.01 -20.57 -8.92
N GLU A 152 16.39 -19.47 -8.29
CA GLU A 152 15.45 -18.63 -7.55
C GLU A 152 14.11 -18.36 -8.25
N ASN A 153 13.02 -18.66 -7.54
CA ASN A 153 11.65 -18.46 -8.02
C ASN A 153 11.32 -19.24 -9.28
N VAL A 154 12.07 -20.31 -9.54
CA VAL A 154 11.81 -21.12 -10.71
C VAL A 154 11.95 -22.60 -10.41
N ILE A 155 13.15 -23.04 -10.06
CA ILE A 155 13.35 -24.45 -9.75
C ILE A 155 13.73 -24.65 -8.30
N PHE A 156 12.90 -25.43 -7.61
CA PHE A 156 13.12 -25.71 -6.20
C PHE A 156 13.46 -27.16 -6.00
N ASN A 157 14.64 -27.44 -5.44
CA ASN A 157 15.05 -28.81 -5.18
C ASN A 157 15.17 -29.08 -3.70
N GLY A 158 14.25 -29.90 -3.18
CA GLY A 158 14.32 -30.21 -1.76
C GLY A 158 13.64 -29.21 -0.84
N ILE A 159 13.01 -28.18 -1.41
CA ILE A 159 12.27 -27.20 -0.60
C ILE A 159 11.01 -26.90 -1.38
N ASN A 160 9.95 -26.51 -0.70
CA ASN A 160 8.68 -26.21 -1.39
C ASN A 160 8.64 -24.78 -1.90
N ASP A 161 7.86 -24.55 -2.95
CA ASP A 161 7.69 -23.21 -3.49
C ASP A 161 6.62 -22.59 -2.57
N TRP A 162 6.29 -21.32 -2.77
CA TRP A 162 5.32 -20.68 -1.87
C TRP A 162 4.04 -21.45 -1.53
N VAL A 163 3.31 -21.86 -2.55
CA VAL A 163 2.05 -22.55 -2.30
C VAL A 163 2.20 -23.93 -1.67
N TYR A 164 3.19 -24.70 -2.11
CA TYR A 164 3.39 -26.03 -1.53
C TYR A 164 3.75 -25.93 -0.05
N GLU A 165 4.50 -24.89 0.30
CA GLU A 165 4.88 -24.69 1.67
C GLU A 165 3.66 -24.34 2.52
N GLU A 166 2.94 -23.32 2.10
CA GLU A 166 1.77 -22.86 2.82
C GLU A 166 0.57 -23.79 2.83
N GLU A 167 0.19 -24.32 1.66
CA GLU A 167 -1.00 -25.17 1.55
C GLU A 167 -0.90 -26.69 1.50
N ILE A 168 0.27 -27.25 1.24
CA ILE A 168 0.37 -28.71 1.18
C ILE A 168 1.13 -29.31 2.36
N PHE A 169 2.42 -29.03 2.42
CA PHE A 169 3.24 -29.61 3.48
C PHE A 169 3.28 -28.83 4.77
N GLY A 170 2.96 -27.55 4.71
CA GLY A 170 3.00 -26.74 5.90
C GLY A 170 4.39 -26.69 6.48
N ALA A 171 5.38 -26.85 5.62
CA ALA A 171 6.77 -26.80 6.04
C ALA A 171 7.59 -26.40 4.84
N TYR A 172 8.84 -26.01 5.07
CA TYR A 172 9.71 -25.59 3.98
C TYR A 172 10.40 -26.78 3.32
N SER A 173 10.69 -27.79 4.13
CA SER A 173 11.38 -28.97 3.65
C SER A 173 10.66 -29.80 2.60
N ALA A 174 11.44 -30.42 1.73
CA ALA A 174 10.97 -31.32 0.68
C ALA A 174 12.05 -32.40 0.49
N LEU A 175 12.63 -32.81 1.62
CA LEU A 175 13.67 -33.84 1.71
C LEU A 175 13.20 -34.94 2.64
N TRP A 176 13.57 -36.17 2.33
CA TRP A 176 13.19 -37.32 3.16
C TRP A 176 14.26 -38.40 3.15
N TRP A 177 14.98 -38.53 4.25
CA TRP A 177 15.98 -39.58 4.35
C TRP A 177 15.24 -40.89 4.56
N SER A 178 15.71 -41.94 3.90
CA SER A 178 15.11 -43.25 4.08
C SER A 178 15.65 -43.72 5.41
N PRO A 179 15.08 -44.77 6.01
CA PRO A 179 15.65 -45.18 7.28
C PRO A 179 16.99 -45.78 6.89
N ASN A 180 17.94 -45.85 7.81
CA ASN A 180 19.26 -46.41 7.49
C ASN A 180 20.02 -45.58 6.46
N GLY A 181 19.52 -44.37 6.19
CA GLY A 181 20.17 -43.45 5.27
C GLY A 181 20.81 -43.87 3.95
N THR A 182 20.30 -44.90 3.30
CA THR A 182 20.89 -45.30 2.02
C THR A 182 20.43 -44.31 0.94
N PHE A 183 19.11 -44.12 0.88
CA PHE A 183 18.53 -43.22 -0.11
C PHE A 183 18.13 -41.89 0.49
N LEU A 184 17.99 -40.91 -0.40
CA LEU A 184 17.55 -39.57 -0.04
C LEU A 184 16.52 -39.20 -1.11
N ALA A 185 15.28 -39.02 -0.69
CA ALA A 185 14.21 -38.68 -1.61
C ALA A 185 13.94 -37.20 -1.54
N TYR A 186 13.47 -36.65 -2.65
CA TYR A 186 13.16 -35.23 -2.68
C TYR A 186 12.22 -34.86 -3.82
N ALA A 187 11.55 -33.73 -3.64
CA ALA A 187 10.63 -33.24 -4.65
C ALA A 187 11.32 -32.09 -5.37
N GLN A 188 10.91 -31.86 -6.60
CA GLN A 188 11.43 -30.76 -7.38
C GLN A 188 10.23 -30.01 -7.92
N PHE A 189 10.21 -28.71 -7.68
CA PHE A 189 9.10 -27.91 -8.15
C PHE A 189 9.53 -26.93 -9.22
N ASN A 190 8.67 -26.75 -10.20
CA ASN A 190 8.92 -25.83 -11.29
C ASN A 190 7.82 -24.78 -11.27
N ASP A 191 8.19 -23.54 -11.00
CA ASP A 191 7.23 -22.44 -10.95
C ASP A 191 7.14 -21.68 -12.26
N THR A 192 7.74 -22.23 -13.31
CA THR A 192 7.77 -21.53 -14.58
C THR A 192 6.54 -20.75 -15.02
N GLY A 193 5.43 -21.41 -15.23
CA GLY A 193 4.26 -20.66 -15.68
C GLY A 193 3.39 -19.97 -14.63
N VAL A 194 3.77 -20.12 -13.35
CA VAL A 194 3.02 -19.52 -12.27
C VAL A 194 3.17 -18.01 -12.28
N PRO A 195 2.06 -17.28 -12.31
CA PRO A 195 2.09 -15.81 -12.33
C PRO A 195 2.75 -15.25 -11.09
N LEU A 196 3.18 -14.02 -11.18
CA LEU A 196 3.83 -13.35 -10.07
C LEU A 196 2.94 -12.30 -9.42
N ILE A 197 3.16 -12.09 -8.13
CA ILE A 197 2.43 -11.07 -7.39
C ILE A 197 3.56 -10.26 -6.80
N GLU A 198 3.34 -8.97 -6.58
CA GLU A 198 4.38 -8.17 -6.00
C GLU A 198 3.90 -7.17 -4.97
N TYR A 199 4.73 -6.93 -3.98
CA TYR A 199 4.39 -5.97 -2.97
C TYR A 199 5.65 -5.15 -2.71
N SER A 200 5.46 -3.89 -2.32
CA SER A 200 6.59 -3.03 -2.04
C SER A 200 7.10 -3.25 -0.63
N PHE A 201 8.38 -2.98 -0.43
CA PHE A 201 8.95 -3.10 0.89
C PHE A 201 9.72 -1.83 1.16
N TYR A 202 9.31 -1.11 2.19
CA TYR A 202 9.93 0.16 2.49
C TYR A 202 11.19 0.09 3.30
N SER A 203 11.31 -0.92 4.15
CA SER A 203 12.51 -1.10 4.95
C SER A 203 12.83 0.17 5.73
N ASP A 204 14.08 0.28 6.21
CA ASP A 204 14.51 1.45 6.96
C ASP A 204 14.17 2.74 6.24
N GLU A 205 14.00 3.81 7.00
CA GLU A 205 13.65 5.06 6.37
C GLU A 205 14.82 5.62 5.58
N SER A 206 15.97 4.97 5.68
CA SER A 206 17.14 5.43 4.96
C SER A 206 17.13 4.94 3.50
N LEU A 207 16.37 3.89 3.22
CA LEU A 207 16.26 3.38 1.86
C LEU A 207 15.48 4.40 1.02
N GLN A 208 16.17 5.06 0.10
CA GLN A 208 15.53 6.06 -0.74
C GLN A 208 14.46 5.52 -1.68
N TYR A 209 14.71 4.40 -2.34
CA TYR A 209 13.72 3.82 -3.24
C TYR A 209 13.27 2.48 -2.69
N PRO A 210 11.98 2.34 -2.38
CA PRO A 210 11.50 1.06 -1.85
C PRO A 210 11.73 -0.14 -2.78
N LYS A 211 11.92 -1.31 -2.17
CA LYS A 211 12.17 -2.54 -2.92
C LYS A 211 10.87 -3.10 -3.47
N THR A 212 10.98 -4.17 -4.25
CA THR A 212 9.81 -4.82 -4.81
C THR A 212 10.02 -6.31 -4.66
N VAL A 213 9.14 -6.98 -3.93
CA VAL A 213 9.27 -8.41 -3.72
C VAL A 213 8.38 -9.13 -4.70
N TRP A 214 8.97 -10.06 -5.46
CA TRP A 214 8.21 -10.82 -6.45
C TRP A 214 8.09 -12.26 -5.99
N ILE A 215 6.90 -12.81 -6.09
CA ILE A 215 6.68 -14.18 -5.67
C ILE A 215 5.77 -14.93 -6.62
N PRO A 216 6.22 -16.09 -7.11
CA PRO A 216 5.32 -16.84 -7.99
C PRO A 216 4.22 -17.36 -7.07
N TYR A 217 2.99 -16.86 -7.28
CA TYR A 217 1.83 -17.18 -6.45
C TYR A 217 0.61 -17.49 -7.33
N PRO A 218 0.14 -18.75 -7.29
CA PRO A 218 -1.02 -19.06 -8.12
C PRO A 218 -2.35 -18.78 -7.43
N LYS A 219 -3.10 -17.83 -7.98
CA LYS A 219 -4.41 -17.52 -7.42
C LYS A 219 -5.41 -18.54 -8.00
N ALA A 220 -6.62 -18.57 -7.46
CA ALA A 220 -7.60 -19.53 -7.94
C ALA A 220 -7.61 -19.67 -9.49
N GLY A 221 -7.45 -20.90 -9.97
CA GLY A 221 -7.48 -21.18 -11.38
C GLY A 221 -6.26 -20.86 -12.22
N ALA A 222 -5.23 -20.30 -11.62
CA ALA A 222 -4.02 -19.97 -12.37
C ALA A 222 -3.16 -21.19 -12.64
N VAL A 223 -2.14 -21.02 -13.46
CA VAL A 223 -1.25 -22.13 -13.75
C VAL A 223 -0.47 -22.47 -12.48
N ASN A 224 -0.56 -23.72 -12.05
CA ASN A 224 0.15 -24.16 -10.84
C ASN A 224 1.56 -24.65 -11.10
N PRO A 225 2.36 -24.79 -10.04
CA PRO A 225 3.72 -25.28 -10.27
C PRO A 225 3.61 -26.76 -10.63
N THR A 226 4.71 -27.36 -11.07
CA THR A 226 4.69 -28.78 -11.39
C THR A 226 5.65 -29.51 -10.47
N VAL A 227 5.45 -30.81 -10.31
CA VAL A 227 6.30 -31.62 -9.43
C VAL A 227 6.98 -32.81 -10.08
N LYS A 228 8.08 -33.24 -9.48
CA LYS A 228 8.79 -34.42 -9.92
C LYS A 228 9.35 -35.03 -8.65
N PHE A 229 9.41 -36.34 -8.58
CA PHE A 229 9.92 -36.96 -7.37
C PHE A 229 11.18 -37.76 -7.67
N PHE A 230 12.20 -37.60 -6.84
CA PHE A 230 13.44 -38.31 -7.02
C PHE A 230 13.94 -38.99 -5.76
N ILE A 231 14.75 -40.01 -5.97
CA ILE A 231 15.37 -40.74 -4.90
C ILE A 231 16.78 -40.95 -5.41
N VAL A 232 17.75 -40.45 -4.66
CA VAL A 232 19.14 -40.60 -5.06
C VAL A 232 19.86 -41.52 -4.09
N ASN A 233 20.73 -42.38 -4.61
CA ASN A 233 21.49 -43.32 -3.77
C ASN A 233 22.68 -42.59 -3.15
N THR A 234 22.67 -42.51 -1.82
CA THR A 234 23.70 -41.81 -1.07
C THR A 234 25.03 -42.56 -0.88
N ASP A 235 24.96 -43.88 -0.86
CA ASP A 235 26.14 -44.71 -0.65
C ASP A 235 27.17 -44.68 -1.78
N SER A 236 26.85 -44.03 -2.89
CA SER A 236 27.78 -44.01 -4.01
C SER A 236 28.55 -42.71 -4.21
N LEU A 237 28.12 -41.64 -3.56
CA LEU A 237 28.75 -40.34 -3.70
C LEU A 237 30.29 -40.30 -3.64
N SER A 238 30.88 -41.14 -2.81
CA SER A 238 32.33 -41.17 -2.66
C SER A 238 33.08 -41.66 -3.90
N SER A 239 32.38 -42.40 -4.74
CA SER A 239 32.95 -42.97 -5.95
C SER A 239 32.51 -42.39 -7.31
N THR A 240 32.00 -41.17 -7.32
CA THR A 240 31.57 -40.53 -8.57
C THR A 240 31.67 -39.04 -8.42
N THR A 241 31.64 -38.32 -9.54
CA THR A 241 31.65 -36.88 -9.44
C THR A 241 30.17 -36.51 -9.33
N THR A 242 29.32 -37.28 -10.00
CA THR A 242 27.89 -37.01 -9.99
C THR A 242 27.10 -38.31 -9.91
N THR A 243 25.99 -38.28 -9.19
CA THR A 243 25.13 -39.46 -9.10
C THR A 243 23.89 -39.13 -9.89
N ILE A 244 23.24 -40.15 -10.43
CA ILE A 244 22.04 -39.92 -11.23
C ILE A 244 20.80 -40.33 -10.45
N PRO A 245 20.09 -39.36 -9.90
CA PRO A 245 18.89 -39.67 -9.12
C PRO A 245 17.87 -40.40 -9.97
N MET A 246 17.20 -41.37 -9.38
CA MET A 246 16.17 -42.07 -10.12
C MET A 246 14.85 -41.39 -9.78
N GLN A 247 14.02 -41.21 -10.80
CA GLN A 247 12.75 -40.55 -10.63
C GLN A 247 11.56 -41.49 -10.49
N ILE A 248 10.59 -41.08 -9.68
CA ILE A 248 9.39 -41.86 -9.52
C ILE A 248 8.34 -41.01 -10.17
N THR A 249 7.51 -41.61 -10.99
CA THR A 249 6.50 -40.82 -11.65
C THR A 249 5.13 -41.04 -11.05
N ALA A 250 4.40 -39.95 -10.83
CA ALA A 250 3.08 -40.06 -10.24
C ALA A 250 2.23 -41.08 -11.00
N PRO A 251 1.25 -41.67 -10.32
CA PRO A 251 0.37 -42.66 -10.95
C PRO A 251 -0.49 -42.11 -12.09
N ALA A 252 -0.76 -42.95 -13.08
CA ALA A 252 -1.54 -42.59 -14.26
C ALA A 252 -2.88 -41.90 -14.01
N SER A 253 -3.61 -42.37 -13.01
CA SER A 253 -4.91 -41.78 -12.70
C SER A 253 -4.78 -40.36 -12.14
N VAL A 254 -3.58 -39.79 -12.23
CA VAL A 254 -3.31 -38.46 -11.71
C VAL A 254 -2.61 -37.55 -12.74
N THR A 255 -1.82 -38.18 -13.60
CA THR A 255 -1.03 -37.54 -14.66
C THR A 255 -1.78 -36.76 -15.76
N THR A 256 -3.01 -37.15 -16.05
CA THR A 256 -3.79 -36.52 -17.12
C THR A 256 -3.87 -35.01 -17.10
N GLY A 257 -4.02 -34.43 -15.90
CA GLY A 257 -4.09 -32.99 -15.79
C GLY A 257 -3.35 -32.50 -14.56
N ASP A 258 -3.57 -31.24 -14.16
CA ASP A 258 -2.89 -30.68 -12.98
C ASP A 258 -3.08 -31.59 -11.76
N HIS A 259 -2.04 -31.71 -10.94
CA HIS A 259 -2.11 -32.54 -9.75
C HIS A 259 -1.06 -32.11 -8.72
N TYR A 260 -1.07 -32.71 -7.53
CA TYR A 260 -0.10 -32.35 -6.49
C TYR A 260 0.50 -33.56 -5.80
N LEU A 261 1.67 -33.34 -5.19
CA LEU A 261 2.33 -34.36 -4.40
C LEU A 261 1.76 -34.06 -3.01
N CYS A 262 1.04 -35.04 -2.45
CA CYS A 262 0.35 -34.93 -1.16
C CYS A 262 1.19 -35.14 0.08
N ASP A 263 1.86 -36.27 0.14
CA ASP A 263 2.66 -36.63 1.28
C ASP A 263 3.69 -37.72 0.94
N VAL A 264 4.78 -37.74 1.70
CA VAL A 264 5.86 -38.71 1.50
C VAL A 264 6.08 -39.48 2.81
N ALA A 265 6.15 -40.80 2.72
CA ALA A 265 6.35 -41.60 3.92
C ALA A 265 7.19 -42.83 3.67
N TRP A 266 8.41 -42.85 4.19
CA TRP A 266 9.28 -44.03 4.02
C TRP A 266 8.75 -45.21 4.84
N VAL A 267 8.53 -46.35 4.20
CA VAL A 267 8.04 -47.53 4.90
C VAL A 267 9.23 -48.28 5.44
N SER A 268 10.16 -48.63 4.57
CA SER A 268 11.36 -49.33 5.01
C SER A 268 12.44 -48.83 4.08
N GLU A 269 13.62 -49.44 4.11
CA GLU A 269 14.69 -48.97 3.24
C GLU A 269 14.43 -49.21 1.75
N ASP A 270 13.60 -50.19 1.41
CA ASP A 270 13.33 -50.48 0.01
C ASP A 270 11.88 -50.25 -0.37
N ARG A 271 11.18 -49.50 0.45
CA ARG A 271 9.77 -49.23 0.19
C ARG A 271 9.42 -47.83 0.67
N ILE A 272 8.75 -47.08 -0.19
CA ILE A 272 8.38 -45.71 0.15
C ILE A 272 6.93 -45.48 -0.26
N SER A 273 6.23 -44.66 0.51
CA SER A 273 4.84 -44.36 0.24
C SER A 273 4.65 -42.92 -0.19
N LEU A 274 4.03 -42.74 -1.35
CA LEU A 274 3.78 -41.39 -1.86
C LEU A 274 2.28 -41.22 -2.12
N GLN A 275 1.75 -40.08 -1.69
CA GLN A 275 0.33 -39.77 -1.91
C GLN A 275 0.19 -38.64 -2.92
N TRP A 276 -0.70 -38.81 -3.87
CA TRP A 276 -0.92 -37.79 -4.88
C TRP A 276 -2.36 -37.33 -4.85
N LEU A 277 -2.59 -36.11 -5.34
CA LEU A 277 -3.91 -35.53 -5.32
C LEU A 277 -4.18 -34.74 -6.59
N ARG A 278 -5.35 -34.91 -7.19
CA ARG A 278 -5.70 -34.16 -8.41
C ARG A 278 -6.01 -32.71 -8.07
N ARG A 279 -5.86 -31.81 -9.04
CA ARG A 279 -6.13 -30.41 -8.78
C ARG A 279 -7.50 -30.22 -8.14
N ILE A 280 -8.48 -31.01 -8.59
CA ILE A 280 -9.82 -30.99 -8.00
C ILE A 280 -9.68 -32.10 -6.97
N GLN A 281 -9.43 -31.69 -5.73
CA GLN A 281 -9.14 -32.57 -4.62
C GLN A 281 -10.16 -33.54 -4.04
N ASN A 282 -10.92 -34.22 -4.89
CA ASN A 282 -11.87 -35.21 -4.38
C ASN A 282 -11.40 -36.59 -4.82
N TYR A 283 -10.16 -36.62 -5.31
CA TYR A 283 -9.51 -37.86 -5.76
C TYR A 283 -8.04 -37.86 -5.32
N SER A 284 -7.64 -38.93 -4.66
CA SER A 284 -6.28 -39.07 -4.17
C SER A 284 -5.80 -40.50 -4.35
N VAL A 285 -4.51 -40.67 -4.59
CA VAL A 285 -3.94 -41.99 -4.74
C VAL A 285 -2.67 -42.14 -3.92
N MET A 286 -2.58 -43.25 -3.20
CA MET A 286 -1.40 -43.55 -2.39
C MET A 286 -0.72 -44.72 -3.08
N ALA A 287 0.47 -44.48 -3.60
CA ALA A 287 1.21 -45.53 -4.26
C ALA A 287 2.31 -46.02 -3.34
N ILE A 288 2.50 -47.33 -3.29
CA ILE A 288 3.56 -47.89 -2.48
C ILE A 288 4.61 -48.32 -3.50
N CYS A 289 5.82 -47.80 -3.38
CA CYS A 289 6.87 -48.14 -4.33
C CYS A 289 8.00 -48.95 -3.74
N ASP A 290 8.43 -49.96 -4.49
CA ASP A 290 9.50 -50.85 -4.07
C ASP A 290 10.75 -50.68 -4.91
N TYR A 291 11.89 -50.87 -4.26
CA TYR A 291 13.16 -50.72 -4.91
C TYR A 291 13.65 -52.02 -5.53
N ASP A 292 13.87 -52.00 -6.85
CA ASP A 292 14.36 -53.15 -7.60
C ASP A 292 15.90 -53.20 -7.53
N LYS A 293 16.43 -54.15 -6.76
CA LYS A 293 17.88 -54.28 -6.61
C LYS A 293 18.57 -54.58 -7.94
N THR A 294 17.91 -55.40 -8.76
CA THR A 294 18.44 -55.80 -10.06
C THR A 294 18.53 -54.73 -11.12
N THR A 295 17.41 -54.05 -11.37
CA THR A 295 17.40 -53.02 -12.40
C THR A 295 17.60 -51.61 -11.83
N LEU A 296 17.89 -51.53 -10.54
CA LEU A 296 18.13 -50.27 -9.83
C LEU A 296 17.10 -49.20 -10.18
N VAL A 297 15.84 -49.52 -9.93
CA VAL A 297 14.71 -48.65 -10.23
C VAL A 297 13.63 -48.85 -9.17
N TRP A 298 12.78 -47.85 -8.98
CA TRP A 298 11.68 -47.99 -8.04
C TRP A 298 10.42 -48.27 -8.84
N ASN A 299 9.61 -49.20 -8.36
CA ASN A 299 8.37 -49.55 -9.06
C ASN A 299 7.16 -49.26 -8.19
N CYS A 300 6.13 -48.68 -8.78
CA CYS A 300 4.92 -48.40 -8.03
C CYS A 300 3.74 -49.05 -8.73
N PRO A 301 3.70 -50.40 -8.73
CA PRO A 301 2.65 -51.21 -9.35
C PRO A 301 1.23 -50.80 -8.95
N THR A 302 0.34 -50.69 -9.93
CA THR A 302 -1.04 -50.30 -9.66
C THR A 302 -1.71 -51.22 -8.61
N THR A 303 -1.14 -52.42 -8.43
CA THR A 303 -1.67 -53.37 -7.48
C THR A 303 -1.50 -52.86 -6.05
N GLN A 304 -0.49 -52.02 -5.83
CA GLN A 304 -0.22 -51.47 -4.50
C GLN A 304 -0.63 -50.00 -4.43
N GLU A 305 -1.56 -49.63 -5.30
CA GLU A 305 -2.04 -48.27 -5.40
C GLU A 305 -3.38 -48.19 -4.67
N HIS A 306 -3.51 -47.28 -3.71
CA HIS A 306 -4.76 -47.13 -2.95
C HIS A 306 -5.48 -45.84 -3.28
N ILE A 307 -6.79 -45.93 -3.49
CA ILE A 307 -7.57 -44.75 -3.83
C ILE A 307 -8.48 -44.20 -2.73
N GLU A 308 -8.40 -42.89 -2.50
CA GLU A 308 -9.23 -42.24 -1.50
C GLU A 308 -10.11 -41.27 -2.29
N THR A 309 -11.42 -41.32 -2.04
CA THR A 309 -12.36 -40.49 -2.76
C THR A 309 -13.36 -39.79 -1.86
N SER A 310 -14.09 -38.83 -2.42
CA SER A 310 -15.09 -38.09 -1.65
C SER A 310 -16.17 -37.53 -2.57
N ALA A 311 -17.43 -37.81 -2.23
CA ALA A 311 -18.54 -37.31 -3.03
C ALA A 311 -19.19 -36.11 -2.35
N THR A 312 -18.86 -35.90 -1.09
CA THR A 312 -19.40 -34.80 -0.29
C THR A 312 -18.57 -33.54 -0.50
N GLY A 313 -17.25 -33.67 -0.49
CA GLY A 313 -16.39 -32.53 -0.65
C GLY A 313 -14.98 -32.85 -1.11
N TRP A 314 -14.01 -32.81 -0.19
CA TRP A 314 -12.62 -33.07 -0.52
C TRP A 314 -11.99 -34.14 0.35
N CYS A 315 -10.82 -34.64 -0.06
CA CYS A 315 -10.11 -35.68 0.68
C CYS A 315 -9.34 -35.19 1.87
N GLY A 316 -9.64 -35.77 3.03
CA GLY A 316 -8.96 -35.41 4.27
C GLY A 316 -9.45 -34.11 4.86
N ARG A 317 -8.80 -33.69 5.95
CA ARG A 317 -9.14 -32.46 6.63
C ARG A 317 -8.58 -31.28 5.83
N PHE A 318 -7.29 -31.39 5.50
CA PHE A 318 -6.62 -30.37 4.70
C PHE A 318 -5.84 -31.08 3.61
N ARG A 319 -5.89 -32.40 3.67
CA ARG A 319 -5.24 -33.31 2.74
C ARG A 319 -5.31 -34.71 3.31
N PRO A 320 -5.10 -35.72 2.46
CA PRO A 320 -5.15 -37.12 2.92
C PRO A 320 -4.29 -37.28 4.18
N ALA A 321 -4.71 -38.13 5.11
CA ALA A 321 -3.96 -38.34 6.34
C ALA A 321 -2.74 -39.22 6.06
N GLU A 322 -1.72 -39.13 6.90
CA GLU A 322 -0.52 -39.94 6.67
C GLU A 322 -0.63 -41.41 7.09
N PRO A 323 -0.10 -42.32 6.26
CA PRO A 323 -0.14 -43.75 6.61
C PRO A 323 0.88 -44.07 7.68
N HIS A 324 0.59 -45.12 8.45
CA HIS A 324 1.49 -45.60 9.51
C HIS A 324 1.64 -47.11 9.28
N PHE A 325 2.79 -47.48 8.75
CA PHE A 325 3.08 -48.88 8.44
C PHE A 325 3.62 -49.67 9.61
N THR A 326 3.44 -50.98 9.51
CA THR A 326 3.92 -51.91 10.51
C THR A 326 5.40 -52.14 10.20
N SER A 327 6.15 -52.73 11.13
CA SER A 327 7.57 -52.99 10.91
C SER A 327 7.86 -53.65 9.57
N ASP A 328 7.22 -54.79 9.31
CA ASP A 328 7.44 -55.51 8.07
C ASP A 328 6.80 -54.83 6.85
N GLY A 329 6.20 -53.67 7.08
CA GLY A 329 5.56 -52.91 6.02
C GLY A 329 4.52 -53.66 5.21
N SER A 330 3.89 -54.66 5.81
CA SER A 330 2.86 -55.46 5.12
C SER A 330 1.48 -54.80 5.16
N SER A 331 1.26 -54.01 6.21
CA SER A 331 -0.01 -53.33 6.39
C SER A 331 0.26 -51.96 6.97
N PHE A 332 -0.76 -51.12 6.93
CA PHE A 332 -0.63 -49.79 7.48
C PHE A 332 -2.00 -49.30 7.94
N TYR A 333 -1.98 -48.42 8.94
CA TYR A 333 -3.19 -47.85 9.50
C TYR A 333 -3.22 -46.41 9.07
N LYS A 334 -4.42 -45.91 8.76
CA LYS A 334 -4.57 -44.55 8.30
C LYS A 334 -5.96 -44.03 8.63
N ILE A 335 -6.05 -42.74 8.93
CA ILE A 335 -7.33 -42.11 9.24
C ILE A 335 -8.09 -41.73 7.98
N VAL A 336 -9.31 -42.26 7.84
CA VAL A 336 -10.17 -41.96 6.70
C VAL A 336 -11.62 -41.94 7.16
N SER A 337 -12.48 -41.22 6.45
CA SER A 337 -13.88 -41.15 6.84
C SER A 337 -14.57 -42.49 6.60
N ASP A 338 -15.37 -42.92 7.57
CA ASP A 338 -16.11 -44.18 7.42
C ASP A 338 -17.45 -43.92 6.75
N LYS A 339 -18.24 -44.98 6.62
CA LYS A 339 -19.55 -44.91 5.98
C LYS A 339 -20.37 -43.71 6.45
N ASP A 340 -20.28 -43.38 7.73
CA ASP A 340 -21.04 -42.26 8.30
C ASP A 340 -20.38 -40.89 8.22
N GLY A 341 -19.22 -40.82 7.59
CA GLY A 341 -18.54 -39.55 7.44
C GLY A 341 -17.70 -39.16 8.63
N TYR A 342 -17.32 -40.15 9.45
CA TYR A 342 -16.50 -39.86 10.61
C TYR A 342 -15.07 -40.35 10.43
N LYS A 343 -14.12 -39.42 10.59
CA LYS A 343 -12.71 -39.73 10.45
C LYS A 343 -12.28 -40.74 11.54
N HIS A 344 -11.98 -41.97 11.09
CA HIS A 344 -11.55 -43.05 11.98
C HIS A 344 -10.37 -43.83 11.46
N ILE A 345 -9.76 -44.61 12.35
CA ILE A 345 -8.60 -45.42 12.00
C ILE A 345 -8.99 -46.73 11.33
N CYS A 346 -8.47 -47.00 10.14
CA CYS A 346 -8.74 -48.30 9.55
C CYS A 346 -7.48 -48.93 8.95
N GLN A 347 -7.49 -50.26 8.89
CA GLN A 347 -6.36 -51.04 8.42
C GLN A 347 -6.36 -51.34 6.94
N PHE A 348 -5.17 -51.30 6.35
CA PHE A 348 -4.98 -51.58 4.95
C PHE A 348 -3.89 -52.62 4.77
N GLN A 349 -3.91 -53.25 3.60
CA GLN A 349 -2.91 -54.24 3.21
C GLN A 349 -2.08 -53.56 2.11
N LYS A 350 -0.83 -53.95 1.98
CA LYS A 350 0.02 -53.38 0.95
C LYS A 350 -0.75 -53.40 -0.38
N ASP A 351 -1.21 -54.57 -0.80
CA ASP A 351 -1.96 -54.66 -2.05
C ASP A 351 -3.39 -54.21 -1.80
N ARG A 352 -3.94 -53.44 -2.72
CA ARG A 352 -5.32 -52.98 -2.57
C ARG A 352 -6.27 -54.14 -2.80
N LYS A 353 -7.49 -53.99 -2.28
CA LYS A 353 -8.51 -55.01 -2.44
C LYS A 353 -9.76 -54.37 -3.03
N PRO A 354 -10.42 -55.04 -3.98
CA PRO A 354 -11.62 -54.50 -4.62
C PRO A 354 -12.77 -54.08 -3.70
N GLU A 355 -12.83 -52.78 -3.41
CA GLU A 355 -13.88 -52.20 -2.57
C GLU A 355 -13.98 -52.75 -1.15
N GLN A 356 -12.83 -53.02 -0.54
CA GLN A 356 -12.74 -53.56 0.81
C GLN A 356 -11.31 -53.30 1.28
N VAL A 357 -10.68 -52.27 0.73
CA VAL A 357 -9.28 -51.96 1.09
C VAL A 357 -9.15 -51.66 2.59
N CYS A 358 -10.25 -51.24 3.21
CA CYS A 358 -10.19 -50.91 4.62
C CYS A 358 -11.03 -51.75 5.56
N THR A 359 -10.55 -51.80 6.79
CA THR A 359 -11.22 -52.48 7.89
C THR A 359 -11.09 -51.48 9.04
N PHE A 360 -12.20 -50.87 9.42
CA PHE A 360 -12.14 -49.89 10.49
C PHE A 360 -11.88 -50.49 11.87
N ILE A 361 -11.06 -49.79 12.63
CA ILE A 361 -10.70 -50.21 13.97
C ILE A 361 -11.35 -49.28 14.98
N THR A 362 -12.08 -48.30 14.46
CA THR A 362 -12.74 -47.32 15.30
C THR A 362 -14.09 -46.91 14.70
N LYS A 363 -15.12 -46.83 15.55
CA LYS A 363 -16.47 -46.46 15.12
C LYS A 363 -17.01 -45.41 16.09
N GLY A 364 -18.05 -44.69 15.68
CA GLY A 364 -18.63 -43.69 16.56
C GLY A 364 -18.78 -42.28 16.05
N ALA A 365 -19.64 -41.51 16.71
CA ALA A 365 -19.89 -40.12 16.35
C ALA A 365 -18.86 -39.24 17.08
N TRP A 366 -17.62 -39.38 16.65
CA TRP A 366 -16.49 -38.64 17.18
C TRP A 366 -15.38 -39.02 16.21
N GLU A 367 -14.26 -38.32 16.26
CA GLU A 367 -13.20 -38.61 15.31
C GLU A 367 -11.82 -38.81 15.92
N VAL A 368 -10.97 -39.55 15.21
CA VAL A 368 -9.62 -39.75 15.67
C VAL A 368 -8.87 -38.53 15.12
N ILE A 369 -8.20 -37.82 16.00
CA ILE A 369 -7.47 -36.63 15.59
C ILE A 369 -6.17 -37.01 14.89
N SER A 370 -5.45 -37.96 15.46
CA SER A 370 -4.17 -38.36 14.88
C SER A 370 -3.56 -39.60 15.51
N ILE A 371 -2.86 -40.38 14.70
CA ILE A 371 -2.20 -41.59 15.17
C ILE A 371 -0.83 -41.14 15.71
N GLU A 372 -0.57 -41.40 16.98
CA GLU A 372 0.66 -40.98 17.63
C GLU A 372 1.81 -41.98 17.65
N ALA A 373 1.50 -43.27 17.57
CA ALA A 373 2.55 -44.29 17.60
C ALA A 373 1.98 -45.64 17.25
N LEU A 374 2.80 -46.46 16.57
CA LEU A 374 2.39 -47.79 16.20
C LEU A 374 3.45 -48.78 16.66
N THR A 375 3.08 -49.60 17.63
CA THR A 375 3.95 -50.61 18.20
C THR A 375 3.61 -51.94 17.54
N SER A 376 4.37 -52.97 17.88
CA SER A 376 4.13 -54.29 17.35
C SER A 376 2.82 -54.85 17.91
N ASP A 377 2.37 -54.29 19.04
CA ASP A 377 1.15 -54.76 19.68
C ASP A 377 0.11 -53.69 19.96
N TYR A 378 0.55 -52.44 20.08
CA TYR A 378 -0.36 -51.34 20.36
C TYR A 378 -0.36 -50.19 19.36
N LEU A 379 -1.49 -49.51 19.27
CA LEU A 379 -1.64 -48.37 18.40
C LEU A 379 -2.12 -47.22 19.27
N TYR A 380 -1.27 -46.22 19.49
CA TYR A 380 -1.62 -45.04 20.30
C TYR A 380 -2.17 -43.93 19.42
N TYR A 381 -3.28 -43.34 19.83
CA TYR A 381 -3.87 -42.27 19.05
C TYR A 381 -4.51 -41.22 19.95
N ILE A 382 -5.08 -40.19 19.34
CA ILE A 382 -5.74 -39.13 20.08
C ILE A 382 -7.11 -38.86 19.48
N SER A 383 -8.14 -38.77 20.32
CA SER A 383 -9.48 -38.50 19.81
C SER A 383 -10.24 -37.58 20.73
N ASN A 384 -11.44 -37.21 20.28
CA ASN A 384 -12.31 -36.33 21.04
C ASN A 384 -13.57 -37.13 21.39
N GLU A 385 -13.37 -38.41 21.65
CA GLU A 385 -14.46 -39.33 22.00
C GLU A 385 -15.00 -39.06 23.41
N TYR A 386 -14.10 -38.91 24.38
CA TYR A 386 -14.49 -38.69 25.75
C TYR A 386 -15.53 -37.58 25.98
N LYS A 387 -16.54 -37.92 26.79
CA LYS A 387 -17.64 -37.01 27.14
C LYS A 387 -18.32 -36.40 25.92
N GLU A 388 -18.06 -36.96 24.75
CA GLU A 388 -18.65 -36.47 23.51
C GLU A 388 -18.31 -34.99 23.28
N MET A 389 -17.12 -34.59 23.72
CA MET A 389 -16.65 -33.21 23.55
C MET A 389 -15.70 -33.16 22.35
N PRO A 390 -16.19 -32.67 21.20
CA PRO A 390 -15.36 -32.57 20.01
C PRO A 390 -14.22 -31.59 20.23
N GLY A 391 -14.42 -30.69 21.19
CA GLY A 391 -13.40 -29.71 21.51
C GLY A 391 -12.41 -30.20 22.55
N GLY A 392 -12.47 -31.50 22.87
CA GLY A 392 -11.58 -32.08 23.84
C GLY A 392 -10.56 -33.01 23.19
N ARG A 393 -9.43 -33.23 23.87
CA ARG A 393 -8.38 -34.10 23.32
C ARG A 393 -7.88 -35.12 24.35
N ASN A 394 -8.01 -36.41 24.05
CA ASN A 394 -7.54 -37.46 24.95
C ASN A 394 -6.73 -38.57 24.27
N LEU A 395 -5.75 -39.11 24.98
CA LEU A 395 -4.89 -40.17 24.46
C LEU A 395 -5.43 -41.56 24.70
N TYR A 396 -5.52 -42.35 23.63
CA TYR A 396 -6.05 -43.70 23.73
C TYR A 396 -5.03 -44.70 23.22
N LYS A 397 -5.35 -45.98 23.33
CA LYS A 397 -4.48 -47.04 22.82
C LYS A 397 -5.25 -48.33 22.59
N ILE A 398 -5.02 -48.95 21.45
CA ILE A 398 -5.70 -50.20 21.11
C ILE A 398 -4.69 -51.30 20.91
N GLN A 399 -5.00 -52.49 21.42
CA GLN A 399 -4.14 -53.65 21.25
C GLN A 399 -4.44 -54.19 19.85
N LEU A 400 -3.40 -54.38 19.05
CA LEU A 400 -3.58 -54.84 17.69
C LEU A 400 -4.20 -56.23 17.60
N THR A 401 -3.68 -57.15 18.41
CA THR A 401 -4.20 -58.51 18.43
C THR A 401 -5.63 -58.64 18.93
N ASP A 402 -6.09 -57.66 19.71
CA ASP A 402 -7.45 -57.64 20.26
C ASP A 402 -7.98 -56.19 20.25
N HIS A 403 -8.74 -55.84 19.21
CA HIS A 403 -9.29 -54.49 19.08
C HIS A 403 -10.25 -54.08 20.19
N THR A 404 -10.50 -54.98 21.13
CA THR A 404 -11.42 -54.64 22.22
C THR A 404 -10.66 -54.00 23.36
N ASN A 405 -9.41 -54.41 23.53
CA ASN A 405 -8.55 -53.88 24.56
C ASN A 405 -8.19 -52.43 24.25
N LYS A 406 -9.23 -51.59 24.21
CA LYS A 406 -9.12 -50.16 23.93
C LYS A 406 -9.19 -49.45 25.27
N LYS A 407 -8.20 -48.60 25.56
CA LYS A 407 -8.18 -47.89 26.83
C LYS A 407 -7.74 -46.44 26.76
N CYS A 408 -8.50 -45.55 27.42
CA CYS A 408 -8.17 -44.14 27.46
C CYS A 408 -7.09 -43.98 28.55
N LEU A 409 -6.03 -43.25 28.26
CA LEU A 409 -4.95 -43.10 29.22
C LEU A 409 -4.88 -41.74 29.92
N SER A 410 -5.67 -40.77 29.48
CA SER A 410 -5.62 -39.43 30.07
C SER A 410 -6.93 -38.98 30.70
N CYS A 411 -8.00 -39.71 30.39
CA CYS A 411 -9.35 -39.44 30.87
C CYS A 411 -9.50 -39.18 32.37
N ASP A 412 -8.94 -40.08 33.19
CA ASP A 412 -9.04 -39.98 34.65
C ASP A 412 -8.12 -38.95 35.27
N LEU A 413 -6.85 -39.00 34.90
CA LEU A 413 -5.83 -38.09 35.44
C LEU A 413 -6.26 -36.86 36.22
N ASN A 414 -6.90 -35.90 35.55
CA ASN A 414 -7.36 -34.68 36.21
C ASN A 414 -8.58 -34.19 35.46
N PRO A 415 -9.69 -34.94 35.55
CA PRO A 415 -10.93 -34.57 34.85
C PRO A 415 -11.36 -33.12 35.00
N GLU A 416 -10.93 -32.50 36.09
CA GLU A 416 -11.27 -31.10 36.37
C GLU A 416 -10.38 -30.12 35.60
N ARG A 417 -9.07 -30.30 35.76
CA ARG A 417 -8.08 -29.44 35.14
C ARG A 417 -7.73 -29.77 33.68
N CYS A 418 -7.68 -31.07 33.38
CA CYS A 418 -7.28 -31.56 32.07
C CYS A 418 -8.27 -32.28 31.18
N GLN A 419 -8.54 -31.67 30.03
CA GLN A 419 -9.46 -32.21 29.04
C GLN A 419 -8.92 -32.08 27.61
N TYR A 420 -7.77 -31.41 27.48
CA TYR A 420 -7.15 -31.21 26.18
C TYR A 420 -5.70 -31.68 26.28
N TYR A 421 -5.44 -32.90 25.82
CA TYR A 421 -4.10 -33.43 25.89
C TYR A 421 -3.27 -33.46 24.62
N SER A 422 -1.96 -33.39 24.81
CA SER A 422 -0.98 -33.47 23.74
C SER A 422 -0.11 -34.62 24.26
N VAL A 423 0.55 -35.35 23.37
CA VAL A 423 1.37 -36.43 23.86
C VAL A 423 2.73 -36.46 23.18
N SER A 424 3.63 -37.28 23.69
CA SER A 424 4.96 -37.42 23.15
C SER A 424 5.56 -38.72 23.64
N LEU A 425 5.47 -39.78 22.84
CA LEU A 425 6.02 -41.06 23.26
C LEU A 425 7.50 -41.19 22.94
N SER A 426 8.21 -42.02 23.71
CA SER A 426 9.62 -42.26 23.49
C SER A 426 9.77 -43.09 22.22
N LYS A 427 11.00 -43.21 21.73
CA LYS A 427 11.29 -43.93 20.51
C LYS A 427 10.48 -45.20 20.26
N GLU A 428 10.41 -46.08 21.24
CA GLU A 428 9.63 -47.30 21.05
C GLU A 428 8.46 -47.41 22.03
N ALA A 429 8.00 -46.25 22.48
CA ALA A 429 6.86 -46.12 23.37
C ALA A 429 7.00 -46.71 24.77
N LYS A 430 8.19 -46.68 25.35
CA LYS A 430 8.35 -47.21 26.70
C LYS A 430 7.80 -46.20 27.70
N TYR A 431 7.86 -44.93 27.35
CA TYR A 431 7.35 -43.87 28.21
C TYR A 431 6.57 -42.90 27.36
N TYR A 432 5.83 -42.00 27.98
CA TYR A 432 5.08 -41.02 27.23
C TYR A 432 4.79 -39.80 28.06
N GLN A 433 5.20 -38.65 27.54
CA GLN A 433 4.97 -37.38 28.22
C GLN A 433 3.58 -36.92 27.84
N LEU A 434 2.86 -36.38 28.81
CA LEU A 434 1.53 -35.87 28.54
C LEU A 434 1.55 -34.36 28.71
N GLY A 435 0.85 -33.70 27.81
CA GLY A 435 0.76 -32.25 27.85
C GLY A 435 -0.69 -31.87 28.02
N CYS A 436 -1.04 -31.54 29.25
CA CYS A 436 -2.39 -31.12 29.57
C CYS A 436 -2.47 -29.63 29.20
N ARG A 437 -3.19 -29.33 28.12
CA ARG A 437 -3.39 -27.95 27.68
C ARG A 437 -4.76 -27.59 28.23
N GLY A 438 -5.40 -28.64 28.76
CA GLY A 438 -6.74 -28.63 29.33
C GLY A 438 -7.25 -27.33 29.92
N PRO A 439 -8.52 -27.30 30.33
CA PRO A 439 -9.17 -26.12 30.92
C PRO A 439 -8.32 -25.32 31.91
N GLY A 440 -7.70 -26.01 32.88
CA GLY A 440 -6.89 -25.32 33.85
C GLY A 440 -5.47 -25.04 33.39
N LEU A 441 -4.63 -24.51 34.26
CA LEU A 441 -3.26 -24.24 33.87
C LEU A 441 -2.65 -25.53 33.35
N PRO A 442 -1.94 -25.47 32.22
CA PRO A 442 -1.31 -26.65 31.61
C PRO A 442 -0.41 -27.45 32.56
N LEU A 443 -0.55 -28.77 32.50
CA LEU A 443 0.20 -29.68 33.36
C LEU A 443 0.94 -30.74 32.56
N TYR A 444 2.25 -30.82 32.74
CA TYR A 444 3.06 -31.78 32.02
C TYR A 444 3.60 -32.87 32.93
N THR A 445 3.34 -34.11 32.55
CA THR A 445 3.78 -35.25 33.33
C THR A 445 4.22 -36.39 32.44
N LEU A 446 5.27 -37.12 32.84
CA LEU A 446 5.70 -38.25 32.03
C LEU A 446 5.29 -39.55 32.74
N HIS A 447 4.92 -40.56 31.97
CA HIS A 447 4.45 -41.84 32.51
C HIS A 447 5.21 -43.02 31.93
N ARG A 448 5.17 -44.15 32.63
CA ARG A 448 5.79 -45.37 32.11
C ARG A 448 4.67 -46.08 31.33
N SER A 449 4.93 -46.35 30.05
CA SER A 449 3.96 -46.96 29.15
C SER A 449 3.24 -48.22 29.67
N THR A 450 4.01 -49.16 30.21
CA THR A 450 3.47 -50.42 30.72
C THR A 450 2.19 -50.37 31.55
N ASP A 451 2.25 -49.62 32.65
CA ASP A 451 1.12 -49.50 33.57
C ASP A 451 0.59 -48.08 33.73
N GLN A 452 1.04 -47.17 32.87
CA GLN A 452 0.61 -45.78 32.92
C GLN A 452 0.93 -45.08 34.23
N LYS A 453 1.86 -45.62 35.01
CA LYS A 453 2.22 -44.99 36.28
C LYS A 453 2.91 -43.69 36.03
N GLU A 454 2.38 -42.61 36.60
CA GLU A 454 2.98 -41.31 36.45
C GLU A 454 4.30 -41.33 37.23
N LEU A 455 5.42 -41.31 36.50
CA LEU A 455 6.74 -41.31 37.12
C LEU A 455 6.97 -40.02 37.91
N ARG A 456 6.48 -38.91 37.38
CA ARG A 456 6.62 -37.63 38.05
C ARG A 456 6.00 -36.51 37.25
N VAL A 457 5.88 -35.35 37.89
CA VAL A 457 5.30 -34.19 37.27
C VAL A 457 6.47 -33.38 36.71
N LEU A 458 6.43 -33.11 35.40
CA LEU A 458 7.50 -32.37 34.73
C LEU A 458 7.34 -30.87 34.90
N GLU A 459 6.09 -30.41 34.85
CA GLU A 459 5.80 -29.00 35.00
C GLU A 459 4.33 -28.77 35.32
N ASP A 460 4.07 -28.11 36.44
CA ASP A 460 2.73 -27.77 36.88
C ASP A 460 2.87 -26.27 37.11
N ASN A 461 2.16 -25.46 36.35
CA ASN A 461 2.34 -24.02 36.50
C ASN A 461 1.96 -23.44 37.86
N SER A 462 2.64 -23.92 38.89
CA SER A 462 2.40 -23.47 40.25
C SER A 462 2.85 -22.02 40.40
N ALA A 463 3.90 -21.64 39.70
CA ALA A 463 4.40 -20.27 39.76
C ALA A 463 3.37 -19.34 39.10
N LEU A 464 2.91 -19.74 37.92
CA LEU A 464 1.91 -18.94 37.23
C LEU A 464 0.68 -18.90 38.13
N ASP A 465 0.41 -20.01 38.79
CA ASP A 465 -0.75 -20.12 39.67
C ASP A 465 -0.70 -19.11 40.81
N LYS A 466 0.46 -19.01 41.46
CA LYS A 466 0.64 -18.09 42.57
C LYS A 466 0.42 -16.65 42.14
N MET A 467 0.89 -16.29 40.95
CA MET A 467 0.73 -14.94 40.45
C MET A 467 -0.72 -14.61 40.10
N LEU A 468 -1.43 -15.59 39.57
CA LEU A 468 -2.82 -15.39 39.17
C LEU A 468 -3.78 -15.32 40.35
N GLN A 469 -3.24 -15.55 41.54
CA GLN A 469 -4.04 -15.51 42.76
C GLN A 469 -4.52 -14.09 43.03
N ASP A 470 -3.60 -13.13 42.92
CA ASP A 470 -3.89 -11.73 43.16
C ASP A 470 -4.49 -11.03 41.95
N VAL A 471 -5.07 -11.82 41.04
CA VAL A 471 -5.65 -11.25 39.83
C VAL A 471 -7.03 -11.82 39.53
N GLN A 472 -7.98 -10.93 39.22
CA GLN A 472 -9.35 -11.33 38.89
C GLN A 472 -9.40 -11.89 37.47
N MET A 473 -9.19 -13.20 37.33
CA MET A 473 -9.20 -13.86 36.02
C MET A 473 -10.61 -14.16 35.57
N PRO A 474 -10.83 -14.21 34.25
CA PRO A 474 -12.18 -14.52 33.76
C PRO A 474 -12.32 -16.03 33.70
N SER A 475 -13.52 -16.52 33.43
CA SER A 475 -13.73 -17.95 33.34
C SER A 475 -14.08 -18.33 31.91
N LYS A 476 -13.92 -19.61 31.58
CA LYS A 476 -14.24 -20.06 30.23
C LYS A 476 -15.31 -21.13 30.25
N LYS A 477 -16.41 -20.86 29.56
CA LYS A 477 -17.50 -21.82 29.49
C LYS A 477 -17.46 -22.47 28.10
N LEU A 478 -17.54 -23.80 28.07
CA LEU A 478 -17.52 -24.52 26.82
C LEU A 478 -18.75 -25.41 26.76
N ASP A 479 -19.77 -24.97 26.05
CA ASP A 479 -20.98 -25.76 25.97
C ASP A 479 -21.43 -25.88 24.52
N PHE A 480 -22.71 -26.20 24.34
CA PHE A 480 -23.23 -26.34 23.00
C PHE A 480 -24.69 -25.92 22.88
N ILE A 481 -25.02 -25.43 21.71
CA ILE A 481 -26.35 -24.98 21.35
C ILE A 481 -26.83 -26.09 20.43
N VAL A 482 -28.11 -26.12 20.12
CA VAL A 482 -28.61 -27.14 19.20
C VAL A 482 -29.54 -26.50 18.16
N LEU A 483 -29.11 -26.57 16.91
CA LEU A 483 -29.87 -26.02 15.79
C LEU A 483 -30.27 -27.19 14.91
N ASN A 484 -31.46 -27.10 14.31
CA ASN A 484 -31.99 -28.15 13.43
C ASN A 484 -31.59 -29.56 13.83
N GLU A 485 -31.75 -29.90 15.12
CA GLU A 485 -31.44 -31.24 15.61
C GLU A 485 -29.96 -31.58 15.70
N THR A 486 -29.07 -30.58 15.71
CA THR A 486 -27.64 -30.88 15.78
C THR A 486 -26.90 -30.09 16.85
N ARG A 487 -25.94 -30.75 17.50
CA ARG A 487 -25.15 -30.06 18.51
C ARG A 487 -24.14 -29.17 17.78
N PHE A 488 -23.89 -27.99 18.31
CA PHE A 488 -22.92 -27.05 17.76
C PHE A 488 -22.28 -26.37 18.94
N TRP A 489 -21.02 -26.71 19.19
CA TRP A 489 -20.33 -26.15 20.32
C TRP A 489 -19.89 -24.70 20.21
N TYR A 490 -19.83 -24.04 21.36
CA TYR A 490 -19.41 -22.65 21.44
C TYR A 490 -18.62 -22.51 22.72
N GLN A 491 -17.93 -21.40 22.87
CA GLN A 491 -17.21 -21.17 24.09
C GLN A 491 -17.32 -19.71 24.42
N MET A 492 -17.32 -19.40 25.72
CA MET A 492 -17.43 -18.02 26.17
C MET A 492 -16.39 -17.69 27.23
N ILE A 493 -15.78 -16.54 27.07
CA ILE A 493 -14.81 -16.08 28.04
C ILE A 493 -15.61 -15.08 28.86
N LEU A 494 -16.04 -15.52 30.03
CA LEU A 494 -16.85 -14.70 30.92
C LEU A 494 -16.02 -13.88 31.86
N PRO A 495 -16.36 -12.58 31.99
CA PRO A 495 -15.59 -11.71 32.88
C PRO A 495 -15.66 -12.21 34.33
N PRO A 496 -14.64 -11.92 35.12
CA PRO A 496 -14.54 -12.33 36.52
C PRO A 496 -15.82 -12.72 37.26
N HIS A 497 -16.40 -11.80 38.02
CA HIS A 497 -17.59 -12.09 38.82
C HIS A 497 -18.87 -12.12 38.01
N PHE A 498 -18.82 -12.81 36.87
CA PHE A 498 -19.96 -12.92 35.96
C PHE A 498 -21.30 -13.17 36.63
N ASP A 499 -22.20 -12.23 36.42
CA ASP A 499 -23.55 -12.28 36.98
C ASP A 499 -24.61 -12.45 35.89
N LYS A 500 -25.14 -13.66 35.79
CA LYS A 500 -26.15 -14.04 34.79
C LYS A 500 -27.36 -13.11 34.70
N SER A 501 -27.54 -12.25 35.68
CA SER A 501 -28.69 -11.35 35.69
C SER A 501 -28.40 -10.00 35.02
N LYS A 502 -27.14 -9.63 34.95
CA LYS A 502 -26.76 -8.37 34.31
C LYS A 502 -26.65 -8.52 32.81
N LYS A 503 -26.29 -7.42 32.14
CA LYS A 503 -26.14 -7.39 30.68
C LYS A 503 -24.71 -7.00 30.34
N TYR A 504 -24.08 -7.81 29.48
CA TYR A 504 -22.72 -7.55 29.07
C TYR A 504 -22.59 -7.39 27.56
N PRO A 505 -21.58 -6.63 27.11
CA PRO A 505 -21.41 -6.46 25.67
C PRO A 505 -20.80 -7.76 25.14
N LEU A 506 -21.13 -8.12 23.90
CA LEU A 506 -20.62 -9.35 23.31
C LEU A 506 -19.71 -9.15 22.11
N LEU A 507 -18.59 -9.87 22.12
CA LEU A 507 -17.63 -9.84 21.03
C LEU A 507 -17.48 -11.25 20.47
N ILE A 508 -17.91 -11.45 19.24
CA ILE A 508 -17.77 -12.76 18.60
C ILE A 508 -16.37 -12.86 18.02
N ASP A 509 -15.65 -13.90 18.41
CA ASP A 509 -14.31 -14.14 17.91
C ASP A 509 -14.49 -15.13 16.77
N VAL A 510 -14.04 -14.78 15.57
CA VAL A 510 -14.22 -15.68 14.44
C VAL A 510 -13.04 -16.09 13.58
N TYR A 511 -13.27 -17.24 12.96
CA TYR A 511 -12.37 -17.82 12.00
C TYR A 511 -13.37 -18.58 11.13
N ALA A 512 -13.80 -19.73 11.61
CA ALA A 512 -14.79 -20.53 10.90
C ALA A 512 -14.40 -21.00 9.51
N GLY A 513 -13.10 -21.21 9.29
CA GLY A 513 -12.66 -21.71 7.99
C GLY A 513 -13.01 -23.19 7.97
N PRO A 514 -12.84 -23.85 6.81
CA PRO A 514 -13.17 -25.28 6.76
C PRO A 514 -12.35 -26.10 7.75
N CYS A 515 -13.03 -26.97 8.49
CA CYS A 515 -12.40 -27.85 9.46
C CYS A 515 -11.66 -27.10 10.57
N SER A 516 -12.18 -25.93 10.94
CA SER A 516 -11.59 -25.12 11.99
C SER A 516 -12.30 -25.42 13.29
N GLN A 517 -11.72 -24.99 14.39
CA GLN A 517 -12.34 -25.21 15.68
C GLN A 517 -11.92 -24.14 16.67
N LYS A 518 -12.80 -23.18 16.91
CA LYS A 518 -12.52 -22.11 17.84
C LYS A 518 -12.99 -22.42 19.27
N ALA A 519 -13.94 -23.34 19.40
CA ALA A 519 -14.47 -23.75 20.69
C ALA A 519 -13.80 -25.04 21.20
N ASP A 520 -12.92 -24.92 22.18
CA ASP A 520 -12.26 -26.11 22.72
C ASP A 520 -11.96 -25.98 24.20
N ALA A 521 -11.27 -26.98 24.76
CA ALA A 521 -10.95 -26.99 26.17
C ALA A 521 -9.53 -26.54 26.50
N ALA A 522 -8.89 -25.78 25.62
CA ALA A 522 -7.52 -25.35 25.89
C ALA A 522 -7.45 -24.06 26.71
N PHE A 523 -6.44 -23.97 27.57
CA PHE A 523 -6.26 -22.79 28.40
C PHE A 523 -5.46 -21.74 27.64
N ARG A 524 -5.84 -20.48 27.78
CA ARG A 524 -5.11 -19.44 27.07
C ARG A 524 -5.08 -18.10 27.80
N LEU A 525 -4.02 -17.34 27.54
CA LEU A 525 -3.84 -16.01 28.11
C LEU A 525 -3.63 -15.09 26.93
N ASN A 526 -4.73 -14.70 26.29
CA ASN A 526 -4.68 -13.82 25.13
C ASN A 526 -5.38 -12.50 25.36
N TRP A 527 -5.78 -11.87 24.26
CA TRP A 527 -6.47 -10.59 24.28
C TRP A 527 -7.87 -10.71 24.87
N ALA A 528 -8.57 -11.80 24.54
CA ALA A 528 -9.91 -12.01 25.07
C ALA A 528 -9.87 -12.04 26.60
N THR A 529 -8.74 -12.47 27.15
CA THR A 529 -8.59 -12.53 28.60
C THR A 529 -8.71 -11.10 29.13
N TYR A 530 -7.94 -10.18 28.54
CA TYR A 530 -7.98 -8.79 28.93
C TYR A 530 -9.36 -8.20 28.69
N LEU A 531 -9.95 -8.51 27.54
CA LEU A 531 -11.26 -7.98 27.23
C LEU A 531 -12.30 -8.34 28.28
N ALA A 532 -12.18 -9.53 28.87
CA ALA A 532 -13.14 -9.96 29.88
C ALA A 532 -12.76 -9.46 31.26
N SER A 533 -11.51 -9.69 31.65
CA SER A 533 -11.03 -9.27 32.94
C SER A 533 -11.10 -7.77 33.23
N THR A 534 -10.75 -6.94 32.25
CA THR A 534 -10.74 -5.51 32.46
C THR A 534 -11.84 -4.68 31.82
N GLU A 535 -12.41 -5.15 30.71
CA GLU A 535 -13.45 -4.39 30.04
C GLU A 535 -14.83 -4.99 30.27
N ASN A 536 -14.87 -6.12 30.97
CA ASN A 536 -16.12 -6.81 31.26
C ASN A 536 -16.89 -7.15 30.00
N ILE A 537 -16.18 -7.59 28.98
CA ILE A 537 -16.81 -7.95 27.72
C ILE A 537 -16.79 -9.45 27.57
N ILE A 538 -17.88 -10.01 27.03
CA ILE A 538 -17.96 -11.44 26.82
C ILE A 538 -17.44 -11.79 25.43
N VAL A 539 -16.40 -12.61 25.38
CA VAL A 539 -15.82 -13.02 24.11
C VAL A 539 -16.27 -14.44 23.82
N ALA A 540 -17.03 -14.61 22.74
CA ALA A 540 -17.55 -15.93 22.37
C ALA A 540 -17.16 -16.40 20.97
N SER A 541 -16.90 -17.70 20.84
CA SER A 541 -16.56 -18.31 19.56
C SER A 541 -17.56 -19.42 19.33
N PHE A 542 -17.95 -19.62 18.08
CA PHE A 542 -18.93 -20.65 17.74
C PHE A 542 -18.52 -21.51 16.53
N ASP A 543 -18.38 -22.82 16.72
CA ASP A 543 -18.01 -23.72 15.63
C ASP A 543 -19.27 -24.21 14.92
N GLY A 544 -19.63 -23.52 13.83
CA GLY A 544 -20.82 -23.87 13.08
C GLY A 544 -20.56 -24.80 11.92
N ARG A 545 -21.44 -24.76 10.91
CA ARG A 545 -21.27 -25.63 9.76
C ARG A 545 -19.99 -25.37 8.99
N GLY A 546 -19.40 -26.47 8.51
CA GLY A 546 -18.16 -26.41 7.78
C GLY A 546 -17.02 -26.52 8.76
N SER A 547 -17.34 -26.46 10.05
CA SER A 547 -16.32 -26.52 11.08
C SER A 547 -15.75 -27.88 11.44
N GLY A 548 -14.88 -27.81 12.44
CA GLY A 548 -14.16 -28.91 13.05
C GLY A 548 -14.25 -30.39 12.81
N TYR A 549 -13.95 -31.11 13.88
CA TYR A 549 -13.88 -32.57 13.90
C TYR A 549 -15.15 -33.26 14.40
N GLN A 550 -16.23 -33.11 13.64
CA GLN A 550 -17.51 -33.69 14.01
C GLN A 550 -18.15 -34.41 12.85
N GLY A 551 -17.34 -34.98 11.98
CA GLY A 551 -17.86 -35.69 10.83
C GLY A 551 -18.01 -34.83 9.59
N ASP A 552 -17.95 -35.48 8.44
CA ASP A 552 -18.05 -34.79 7.15
C ASP A 552 -19.37 -34.06 6.90
N LYS A 553 -20.48 -34.54 7.47
CA LYS A 553 -21.76 -33.88 7.25
C LYS A 553 -21.62 -32.41 7.62
N ILE A 554 -21.04 -32.16 8.79
CA ILE A 554 -20.84 -30.80 9.25
C ILE A 554 -19.73 -30.09 8.47
N MET A 555 -18.59 -30.74 8.30
CA MET A 555 -17.46 -30.13 7.59
C MET A 555 -17.69 -29.87 6.10
N HIS A 556 -18.28 -30.83 5.39
CA HIS A 556 -18.51 -30.66 3.96
C HIS A 556 -19.76 -29.84 3.60
N ALA A 557 -20.45 -29.30 4.60
CA ALA A 557 -21.67 -28.51 4.36
C ALA A 557 -21.37 -27.26 3.56
N ILE A 558 -20.13 -26.81 3.66
CA ILE A 558 -19.68 -25.61 2.99
C ILE A 558 -19.21 -25.82 1.53
N ASN A 559 -18.99 -27.07 1.17
CA ASN A 559 -18.47 -27.41 -0.16
C ASN A 559 -19.00 -26.60 -1.34
N LYS A 560 -18.07 -26.05 -2.12
CA LYS A 560 -18.39 -25.27 -3.32
C LYS A 560 -19.14 -23.98 -3.02
N ARG A 561 -19.29 -23.63 -1.75
CA ARG A 561 -20.01 -22.43 -1.41
C ARG A 561 -19.59 -21.74 -0.11
N LEU A 562 -18.36 -21.23 -0.11
CA LEU A 562 -17.82 -20.53 1.04
C LEU A 562 -18.58 -19.21 1.13
N GLY A 563 -18.52 -18.55 2.28
CA GLY A 563 -19.23 -17.29 2.45
C GLY A 563 -20.74 -17.48 2.56
N THR A 564 -21.13 -18.70 2.89
CA THR A 564 -22.54 -19.06 3.03
C THR A 564 -22.93 -19.48 4.45
N LEU A 565 -23.21 -20.77 4.61
CA LEU A 565 -23.63 -21.32 5.87
C LEU A 565 -22.74 -20.94 7.05
N GLU A 566 -21.43 -20.98 6.89
CA GLU A 566 -20.53 -20.66 8.00
C GLU A 566 -20.78 -19.23 8.49
N VAL A 567 -21.16 -18.34 7.57
CA VAL A 567 -21.44 -16.96 7.93
C VAL A 567 -22.79 -16.88 8.64
N GLU A 568 -23.83 -17.44 8.01
CA GLU A 568 -25.15 -17.45 8.62
C GLU A 568 -25.11 -18.00 10.05
N ASP A 569 -24.57 -19.21 10.19
CA ASP A 569 -24.46 -19.87 11.47
C ASP A 569 -23.78 -19.01 12.50
N GLN A 570 -22.91 -18.10 12.05
CA GLN A 570 -22.22 -17.23 13.00
C GLN A 570 -23.22 -16.19 13.50
N ILE A 571 -24.18 -15.83 12.66
CA ILE A 571 -25.19 -14.87 13.06
C ILE A 571 -26.20 -15.56 13.98
N GLU A 572 -26.69 -16.73 13.54
CA GLU A 572 -27.63 -17.52 14.33
C GLU A 572 -27.09 -17.67 15.75
N ALA A 573 -25.82 -18.01 15.86
CA ALA A 573 -25.20 -18.19 17.17
C ALA A 573 -25.37 -16.94 18.02
N ALA A 574 -25.14 -15.78 17.44
CA ALA A 574 -25.27 -14.53 18.18
C ALA A 574 -26.72 -14.39 18.67
N ARG A 575 -27.68 -14.72 17.80
CA ARG A 575 -29.09 -14.65 18.15
C ARG A 575 -29.32 -15.42 19.44
N GLN A 576 -28.87 -16.68 19.43
CA GLN A 576 -28.98 -17.60 20.57
C GLN A 576 -28.35 -17.04 21.84
N PHE A 577 -27.17 -16.44 21.70
CA PHE A 577 -26.49 -15.88 22.86
C PHE A 577 -27.33 -14.78 23.48
N LEU A 578 -28.08 -14.08 22.65
CA LEU A 578 -28.93 -13.01 23.14
C LEU A 578 -30.08 -13.65 23.93
N LYS A 579 -30.67 -14.69 23.36
CA LYS A 579 -31.76 -15.39 24.03
C LYS A 579 -31.32 -15.90 25.38
N MET A 580 -30.01 -16.08 25.57
CA MET A 580 -29.51 -16.56 26.85
C MET A 580 -29.67 -15.53 27.97
N GLY A 581 -30.00 -14.30 27.60
CA GLY A 581 -30.23 -13.28 28.61
C GLY A 581 -29.16 -12.28 29.02
N PHE A 582 -27.98 -12.76 29.41
CA PHE A 582 -26.90 -11.87 29.88
C PHE A 582 -26.16 -11.03 28.83
N VAL A 583 -26.77 -10.85 27.66
CA VAL A 583 -26.13 -10.07 26.61
C VAL A 583 -26.91 -8.81 26.24
N ASP A 584 -26.19 -7.69 26.23
CA ASP A 584 -26.74 -6.39 25.88
C ASP A 584 -26.90 -6.32 24.36
N SER A 585 -28.09 -6.61 23.85
CA SER A 585 -28.30 -6.60 22.40
C SER A 585 -27.80 -5.33 21.71
N LYS A 586 -27.66 -4.25 22.47
CA LYS A 586 -27.21 -2.97 21.91
C LYS A 586 -25.70 -2.84 21.73
N ARG A 587 -24.96 -3.83 22.19
CA ARG A 587 -23.50 -3.81 22.06
C ARG A 587 -22.90 -5.17 21.73
N VAL A 588 -23.08 -5.58 20.49
CA VAL A 588 -22.56 -6.85 19.97
C VAL A 588 -21.59 -6.59 18.82
N ALA A 589 -20.37 -7.09 18.95
CA ALA A 589 -19.35 -6.92 17.92
C ALA A 589 -18.87 -8.26 17.37
N ILE A 590 -17.93 -8.20 16.43
CA ILE A 590 -17.37 -9.40 15.80
C ILE A 590 -16.09 -9.05 15.07
N TRP A 591 -15.06 -9.86 15.28
CA TRP A 591 -13.78 -9.62 14.62
C TRP A 591 -13.12 -10.93 14.23
N GLY A 592 -12.32 -10.87 13.18
CA GLY A 592 -11.64 -12.06 12.69
C GLY A 592 -10.36 -11.73 11.96
N TRP A 593 -9.53 -12.76 11.82
CA TRP A 593 -8.25 -12.63 11.14
C TRP A 593 -8.24 -13.59 9.94
N SER A 594 -7.66 -13.16 8.82
CA SER A 594 -7.57 -14.00 7.61
C SER A 594 -8.94 -14.51 7.14
N TYR A 595 -9.22 -15.80 7.33
CA TYR A 595 -10.52 -16.34 6.94
C TYR A 595 -11.55 -15.68 7.86
N GLY A 596 -11.14 -15.48 9.12
CA GLY A 596 -11.99 -14.86 10.11
C GLY A 596 -12.37 -13.45 9.73
N GLY A 597 -11.42 -12.70 9.19
CA GLY A 597 -11.71 -11.35 8.76
C GLY A 597 -12.72 -11.38 7.63
N TYR A 598 -12.62 -12.42 6.80
CA TYR A 598 -13.55 -12.60 5.69
C TYR A 598 -14.98 -12.74 6.21
N VAL A 599 -15.19 -13.68 7.13
CA VAL A 599 -16.52 -13.90 7.69
C VAL A 599 -16.94 -12.65 8.46
N THR A 600 -16.06 -12.08 9.27
CA THR A 600 -16.39 -10.87 10.01
C THR A 600 -17.00 -9.88 9.02
N SER A 601 -16.31 -9.70 7.91
CA SER A 601 -16.76 -8.78 6.89
C SER A 601 -18.08 -9.22 6.27
N MET A 602 -18.19 -10.50 5.92
CA MET A 602 -19.41 -11.01 5.33
C MET A 602 -20.61 -10.83 6.27
N VAL A 603 -20.36 -10.96 7.58
CA VAL A 603 -21.40 -10.79 8.60
C VAL A 603 -21.81 -9.33 8.68
N LEU A 604 -20.85 -8.45 8.91
CA LEU A 604 -21.15 -7.03 8.98
C LEU A 604 -21.89 -6.56 7.74
N GLY A 605 -21.60 -7.17 6.60
CA GLY A 605 -22.26 -6.76 5.37
C GLY A 605 -23.52 -7.54 5.02
N SER A 606 -24.04 -8.29 5.98
CA SER A 606 -25.25 -9.08 5.74
C SER A 606 -26.51 -8.26 6.03
N GLY A 607 -26.33 -7.13 6.71
CA GLY A 607 -27.47 -6.29 7.07
C GLY A 607 -28.44 -7.00 8.01
N SER A 608 -27.93 -7.93 8.82
CA SER A 608 -28.77 -8.67 9.75
C SER A 608 -29.17 -7.79 10.92
N GLY A 609 -28.54 -6.63 11.03
CA GLY A 609 -28.85 -5.73 12.14
C GLY A 609 -28.38 -6.21 13.50
N VAL A 610 -27.94 -7.46 13.58
CA VAL A 610 -27.48 -8.03 14.85
C VAL A 610 -26.17 -7.47 15.42
N PHE A 611 -25.28 -6.96 14.57
CA PHE A 611 -24.00 -6.45 15.07
C PHE A 611 -23.84 -4.95 14.91
N LYS A 612 -23.19 -4.34 15.89
CA LYS A 612 -22.96 -2.90 15.89
C LYS A 612 -21.69 -2.53 15.15
N CYS A 613 -20.63 -3.28 15.41
CA CYS A 613 -19.35 -3.01 14.79
C CYS A 613 -18.57 -4.30 14.60
N GLY A 614 -17.39 -4.16 14.00
CA GLY A 614 -16.55 -5.30 13.77
C GLY A 614 -15.18 -4.91 13.28
N ILE A 615 -14.25 -5.84 13.40
CA ILE A 615 -12.88 -5.62 12.96
C ILE A 615 -12.40 -6.78 12.11
N ALA A 616 -12.03 -6.49 10.87
CA ALA A 616 -11.52 -7.52 9.96
C ALA A 616 -10.01 -7.28 9.78
N VAL A 617 -9.21 -8.29 10.10
CA VAL A 617 -7.76 -8.18 9.95
C VAL A 617 -7.29 -9.07 8.81
N ALA A 618 -6.64 -8.43 7.81
CA ALA A 618 -6.09 -9.12 6.64
C ALA A 618 -7.10 -10.12 6.12
N PRO A 619 -8.30 -9.64 5.82
CA PRO A 619 -9.34 -10.54 5.32
C PRO A 619 -9.24 -10.90 3.86
N VAL A 620 -9.80 -12.05 3.52
CA VAL A 620 -9.88 -12.47 2.14
C VAL A 620 -11.18 -11.76 1.75
N SER A 621 -11.22 -11.09 0.60
CA SER A 621 -12.43 -10.40 0.20
C SER A 621 -13.15 -11.06 -0.97
N ARG A 622 -12.43 -11.80 -1.80
CA ARG A 622 -13.07 -12.55 -2.89
C ARG A 622 -12.11 -13.67 -3.23
N TRP A 623 -12.64 -14.88 -3.32
CA TRP A 623 -11.82 -16.05 -3.55
C TRP A 623 -10.91 -16.12 -4.75
N GLU A 624 -11.15 -15.34 -5.80
CA GLU A 624 -10.24 -15.39 -6.93
C GLU A 624 -8.89 -14.79 -6.55
N TYR A 625 -8.85 -14.02 -5.46
CA TYR A 625 -7.60 -13.40 -5.03
C TYR A 625 -6.72 -14.35 -4.22
N TYR A 626 -7.32 -15.37 -3.63
CA TYR A 626 -6.55 -16.28 -2.82
C TYR A 626 -5.87 -17.38 -3.62
N ASP A 627 -4.91 -18.08 -3.00
CA ASP A 627 -4.18 -19.11 -3.71
C ASP A 627 -5.02 -20.29 -4.12
N SER A 628 -4.55 -20.97 -5.15
CA SER A 628 -5.23 -22.11 -5.74
C SER A 628 -5.48 -23.34 -4.87
N VAL A 629 -4.40 -23.89 -4.32
CA VAL A 629 -4.52 -25.10 -3.50
C VAL A 629 -5.60 -25.00 -2.43
N TYR A 630 -5.60 -23.90 -1.70
CA TYR A 630 -6.59 -23.71 -0.65
C TYR A 630 -7.97 -23.43 -1.23
N THR A 631 -8.08 -22.35 -1.98
CA THR A 631 -9.36 -21.97 -2.57
C THR A 631 -10.05 -23.10 -3.32
N GLU A 632 -9.38 -23.64 -4.35
CA GLU A 632 -9.96 -24.71 -5.16
C GLU A 632 -10.42 -25.93 -4.37
N ARG A 633 -9.73 -26.25 -3.29
CA ARG A 633 -10.06 -27.40 -2.46
C ARG A 633 -11.50 -27.32 -1.99
N TYR A 634 -11.96 -26.10 -1.72
CA TYR A 634 -13.30 -25.90 -1.24
C TYR A 634 -14.19 -25.28 -2.31
N MET A 635 -13.60 -24.61 -3.28
CA MET A 635 -14.42 -23.93 -4.28
C MET A 635 -14.36 -24.41 -5.73
N GLY A 636 -13.48 -25.36 -6.04
CA GLY A 636 -13.36 -25.81 -7.41
C GLY A 636 -12.69 -24.70 -8.21
N LEU A 637 -12.80 -24.78 -9.53
CA LEU A 637 -12.19 -23.77 -10.39
C LEU A 637 -13.17 -22.65 -10.70
N PRO A 638 -12.71 -21.41 -10.71
CA PRO A 638 -13.56 -20.24 -10.99
C PRO A 638 -13.93 -20.10 -12.46
N THR A 639 -14.37 -21.20 -13.06
CA THR A 639 -14.73 -21.17 -14.46
C THR A 639 -16.21 -21.44 -14.67
N PRO A 640 -16.79 -20.89 -15.74
CA PRO A 640 -18.21 -21.11 -15.98
C PRO A 640 -18.50 -22.61 -16.11
N GLU A 641 -17.48 -23.40 -16.38
CA GLU A 641 -17.69 -24.82 -16.52
C GLU A 641 -17.70 -25.51 -15.18
N ASP A 642 -17.38 -24.75 -14.13
CA ASP A 642 -17.37 -25.30 -12.79
C ASP A 642 -18.14 -24.45 -11.78
N ASN A 643 -17.44 -23.66 -10.98
CA ASN A 643 -18.06 -22.89 -9.92
C ASN A 643 -17.94 -21.36 -9.96
N LEU A 644 -17.75 -20.80 -11.15
CA LEU A 644 -17.60 -19.36 -11.30
C LEU A 644 -18.71 -18.55 -10.62
N ASP A 645 -19.95 -19.03 -10.73
CA ASP A 645 -21.05 -18.32 -10.12
C ASP A 645 -20.88 -18.11 -8.62
N HIS A 646 -20.49 -19.15 -7.88
CA HIS A 646 -20.29 -19.01 -6.45
C HIS A 646 -19.06 -18.19 -6.08
N TYR A 647 -18.09 -18.12 -6.98
CA TYR A 647 -16.92 -17.31 -6.70
C TYR A 647 -17.38 -15.85 -6.68
N ARG A 648 -18.11 -15.46 -7.71
CA ARG A 648 -18.58 -14.08 -7.84
C ARG A 648 -19.73 -13.70 -6.92
N ASN A 649 -20.42 -14.69 -6.37
CA ASN A 649 -21.53 -14.42 -5.47
C ASN A 649 -21.08 -14.23 -4.00
N SER A 650 -19.88 -14.69 -3.66
CA SER A 650 -19.41 -14.59 -2.28
C SER A 650 -18.40 -13.48 -2.01
N THR A 651 -18.54 -12.39 -2.75
CA THR A 651 -17.66 -11.24 -2.63
C THR A 651 -18.01 -10.33 -1.45
N VAL A 652 -17.01 -9.74 -0.81
CA VAL A 652 -17.28 -8.83 0.29
C VAL A 652 -17.71 -7.50 -0.30
N MET A 653 -17.05 -7.07 -1.37
CA MET A 653 -17.38 -5.80 -1.98
C MET A 653 -18.81 -5.75 -2.51
N SER A 654 -19.39 -6.91 -2.80
CA SER A 654 -20.76 -6.93 -3.32
C SER A 654 -21.78 -6.60 -2.24
N ARG A 655 -21.32 -6.51 -0.99
CA ARG A 655 -22.19 -6.19 0.13
C ARG A 655 -21.86 -4.83 0.73
N ALA A 656 -21.07 -4.05 0.01
CA ALA A 656 -20.66 -2.72 0.47
C ALA A 656 -21.81 -1.90 1.07
N GLU A 657 -22.94 -1.88 0.38
CA GLU A 657 -24.11 -1.15 0.85
C GLU A 657 -24.44 -1.40 2.32
N ASN A 658 -24.71 -2.65 2.70
CA ASN A 658 -25.07 -2.97 4.07
C ASN A 658 -24.10 -2.52 5.15
N PHE A 659 -22.97 -1.97 4.75
CA PHE A 659 -21.98 -1.49 5.72
C PHE A 659 -22.35 -0.12 6.29
N LYS A 660 -23.36 0.53 5.71
CA LYS A 660 -23.78 1.85 6.19
C LYS A 660 -24.36 1.75 7.60
N GLN A 661 -24.75 0.53 7.99
CA GLN A 661 -25.33 0.31 9.30
C GLN A 661 -24.32 -0.28 10.28
N VAL A 662 -23.03 -0.01 10.08
CA VAL A 662 -22.00 -0.58 10.94
C VAL A 662 -20.74 0.25 11.09
N GLU A 663 -20.08 0.16 12.25
CA GLU A 663 -18.81 0.84 12.46
C GLU A 663 -17.83 -0.27 12.06
N TYR A 664 -17.06 -0.04 11.00
CA TYR A 664 -16.14 -1.06 10.51
C TYR A 664 -14.67 -0.65 10.58
N LEU A 665 -13.81 -1.56 11.02
CA LEU A 665 -12.37 -1.29 11.09
C LEU A 665 -11.63 -2.35 10.25
N LEU A 666 -10.98 -1.88 9.18
CA LEU A 666 -10.24 -2.74 8.26
C LEU A 666 -8.74 -2.58 8.49
N ILE A 667 -8.05 -3.67 8.80
CA ILE A 667 -6.62 -3.62 9.06
C ILE A 667 -5.85 -4.58 8.15
N HIS A 668 -4.72 -4.16 7.60
CA HIS A 668 -3.95 -5.05 6.72
C HIS A 668 -2.47 -4.78 6.69
N GLY A 669 -1.68 -5.84 6.54
CA GLY A 669 -0.24 -5.68 6.47
C GLY A 669 0.26 -5.36 5.07
N THR A 670 1.17 -4.40 5.00
CA THR A 670 1.74 -3.96 3.74
C THR A 670 2.54 -5.02 2.98
N ALA A 671 3.14 -5.95 3.73
CA ALA A 671 3.94 -6.99 3.11
C ALA A 671 3.29 -8.35 3.22
N ASP A 672 1.96 -8.41 3.29
CA ASP A 672 1.28 -9.70 3.39
C ASP A 672 1.43 -10.50 2.09
N ASP A 673 2.23 -11.56 2.13
CA ASP A 673 2.47 -12.39 0.97
C ASP A 673 1.44 -13.52 0.88
N ASN A 674 0.64 -13.66 1.94
CA ASN A 674 -0.39 -14.71 1.98
C ASN A 674 -1.72 -14.19 1.42
N VAL A 675 -2.36 -13.32 2.20
CA VAL A 675 -3.59 -12.68 1.78
C VAL A 675 -3.08 -11.32 1.36
N HIS A 676 -2.99 -11.11 0.05
CA HIS A 676 -2.44 -9.87 -0.45
C HIS A 676 -3.27 -8.63 -0.10
N PHE A 677 -2.57 -7.52 0.12
CA PHE A 677 -3.16 -6.23 0.47
C PHE A 677 -4.31 -5.90 -0.50
N GLN A 678 -4.17 -6.38 -1.73
CA GLN A 678 -5.16 -6.22 -2.77
C GLN A 678 -6.56 -6.50 -2.22
N GLN A 679 -6.69 -7.59 -1.47
CA GLN A 679 -7.98 -7.98 -0.92
C GLN A 679 -8.65 -6.86 -0.15
N SER A 680 -7.90 -6.18 0.73
CA SER A 680 -8.48 -5.09 1.50
C SER A 680 -8.62 -3.84 0.64
N ALA A 681 -7.66 -3.63 -0.26
CA ALA A 681 -7.67 -2.48 -1.15
C ALA A 681 -8.95 -2.52 -1.97
N GLN A 682 -9.36 -3.73 -2.31
CA GLN A 682 -10.55 -3.92 -3.10
C GLN A 682 -11.77 -3.61 -2.22
N ILE A 683 -11.71 -3.96 -0.94
CA ILE A 683 -12.81 -3.70 -0.01
C ILE A 683 -13.00 -2.21 0.20
N SER A 684 -11.92 -1.54 0.60
CA SER A 684 -11.99 -0.11 0.84
C SER A 684 -12.54 0.60 -0.39
N LYS A 685 -12.09 0.20 -1.57
CA LYS A 685 -12.56 0.84 -2.79
C LYS A 685 -14.08 0.67 -2.92
N ALA A 686 -14.55 -0.56 -2.68
CA ALA A 686 -15.97 -0.86 -2.77
C ALA A 686 -16.79 0.01 -1.83
N LEU A 687 -16.32 0.16 -0.60
CA LEU A 687 -17.03 0.97 0.39
C LEU A 687 -16.99 2.46 0.02
N VAL A 688 -15.85 2.91 -0.49
CA VAL A 688 -15.72 4.31 -0.88
C VAL A 688 -16.69 4.65 -2.03
N ASP A 689 -16.86 3.70 -2.94
CA ASP A 689 -17.75 3.93 -4.06
C ASP A 689 -19.20 3.90 -3.61
N ALA A 690 -19.45 3.23 -2.48
CA ALA A 690 -20.81 3.14 -1.95
C ALA A 690 -21.08 4.31 -1.00
N GLY A 691 -20.04 5.09 -0.71
CA GLY A 691 -20.17 6.22 0.19
C GLY A 691 -20.39 5.79 1.62
N VAL A 692 -19.66 4.77 2.05
CA VAL A 692 -19.78 4.24 3.39
C VAL A 692 -18.54 4.59 4.20
N ASP A 693 -18.71 5.31 5.30
CA ASP A 693 -17.53 5.64 6.08
C ASP A 693 -17.12 4.40 6.87
N PHE A 694 -15.82 4.31 7.18
CA PHE A 694 -15.27 3.18 7.92
C PHE A 694 -13.86 3.57 8.33
N GLN A 695 -13.22 2.75 9.13
CA GLN A 695 -11.87 3.04 9.56
C GLN A 695 -10.88 2.02 9.03
N ALA A 696 -9.71 2.51 8.65
CA ALA A 696 -8.69 1.63 8.12
C ALA A 696 -7.37 1.84 8.84
N MET A 697 -6.48 0.88 8.66
CA MET A 697 -5.16 0.94 9.27
C MET A 697 -4.26 -0.03 8.50
N TRP A 698 -3.16 0.48 7.99
CA TRP A 698 -2.22 -0.35 7.26
C TRP A 698 -0.99 -0.46 8.16
N TYR A 699 -0.27 -1.56 8.05
CA TYR A 699 0.93 -1.73 8.86
C TYR A 699 2.12 -1.91 7.94
N THR A 700 2.88 -0.84 7.81
CA THR A 700 4.04 -0.83 6.95
C THR A 700 4.98 -2.00 7.18
N ASP A 701 5.23 -2.73 6.10
CA ASP A 701 6.14 -3.87 6.09
C ASP A 701 5.81 -5.03 7.03
N GLU A 702 4.54 -5.16 7.38
CA GLU A 702 4.13 -6.25 8.25
C GLU A 702 3.62 -7.43 7.45
N ASP A 703 3.87 -8.61 7.99
CA ASP A 703 3.49 -9.90 7.42
C ASP A 703 1.98 -10.14 7.54
N HIS A 704 1.57 -11.37 7.22
CA HIS A 704 0.16 -11.75 7.33
C HIS A 704 -0.19 -11.91 8.79
N GLY A 705 0.83 -11.96 9.64
CA GLY A 705 0.58 -12.11 11.06
C GLY A 705 0.74 -10.83 11.85
N ILE A 706 1.26 -9.77 11.22
CA ILE A 706 1.46 -8.50 11.92
C ILE A 706 1.98 -8.81 13.33
N ALA A 707 2.96 -9.70 13.36
CA ALA A 707 3.53 -10.16 14.63
C ALA A 707 4.86 -9.58 15.09
N SER A 708 5.37 -8.56 14.40
CA SER A 708 6.62 -7.96 14.86
C SER A 708 6.25 -7.36 16.22
N SER A 709 7.22 -7.28 17.13
CA SER A 709 6.92 -6.76 18.46
C SER A 709 6.10 -5.45 18.54
N THR A 710 6.64 -4.36 17.98
CA THR A 710 5.93 -3.08 18.02
C THR A 710 4.58 -3.07 17.31
N ALA A 711 4.52 -3.70 16.15
CA ALA A 711 3.27 -3.75 15.39
C ALA A 711 2.24 -4.56 16.15
N HIS A 712 2.68 -5.68 16.72
CA HIS A 712 1.77 -6.54 17.50
C HIS A 712 1.10 -5.76 18.63
N GLN A 713 1.89 -4.97 19.35
CA GLN A 713 1.35 -4.17 20.44
C GLN A 713 0.44 -3.09 19.88
N HIS A 714 0.90 -2.43 18.83
CA HIS A 714 0.14 -1.35 18.21
C HIS A 714 -1.23 -1.78 17.70
N ILE A 715 -1.29 -2.90 17.01
CA ILE A 715 -2.57 -3.34 16.47
C ILE A 715 -3.56 -3.71 17.55
N TYR A 716 -3.11 -4.37 18.61
CA TYR A 716 -4.06 -4.72 19.64
C TYR A 716 -4.56 -3.51 20.44
N SER A 717 -3.69 -2.53 20.62
CA SER A 717 -4.07 -1.33 21.34
C SER A 717 -5.11 -0.62 20.50
N HIS A 718 -4.84 -0.55 19.19
CA HIS A 718 -5.75 0.11 18.27
C HIS A 718 -7.13 -0.55 18.24
N MET A 719 -7.16 -1.86 18.23
CA MET A 719 -8.43 -2.56 18.21
C MET A 719 -9.14 -2.37 19.56
N SER A 720 -8.35 -2.35 20.63
CA SER A 720 -8.91 -2.15 21.97
C SER A 720 -9.65 -0.83 21.97
N HIS A 721 -8.98 0.22 21.49
CA HIS A 721 -9.60 1.54 21.43
C HIS A 721 -10.82 1.58 20.53
N PHE A 722 -10.78 0.81 19.44
CA PHE A 722 -11.91 0.78 18.54
C PHE A 722 -13.13 0.21 19.24
N LEU A 723 -12.91 -0.80 20.06
CA LEU A 723 -13.99 -1.44 20.79
C LEU A 723 -14.49 -0.52 21.89
N GLN A 724 -13.58 0.17 22.54
CA GLN A 724 -13.98 1.09 23.58
C GLN A 724 -14.84 2.18 22.97
N GLN A 725 -14.47 2.69 21.79
CA GLN A 725 -15.30 3.69 21.15
C GLN A 725 -16.65 3.04 20.83
N CYS A 726 -16.61 1.93 20.08
CA CYS A 726 -17.85 1.25 19.71
C CYS A 726 -18.76 0.90 20.89
N PHE A 727 -18.18 0.43 21.99
CA PHE A 727 -18.97 0.04 23.16
C PHE A 727 -19.20 1.14 24.21
N SER A 728 -18.85 2.37 23.85
CA SER A 728 -19.02 3.52 24.72
C SER A 728 -18.30 3.42 26.08
N LEU A 729 -17.16 2.75 26.11
CA LEU A 729 -16.38 2.59 27.33
C LEU A 729 -15.37 3.75 27.49
N ARG A 730 -14.29 3.76 26.71
CA ARG A 730 -13.32 4.87 26.79
C ARG A 730 -13.90 6.05 26.00
N ARG B 1 -32.73 30.58 7.38
CA ARG B 1 -31.67 30.36 8.40
C ARG B 1 -30.86 29.08 8.13
N ARG B 2 -30.74 28.69 6.86
CA ARG B 2 -29.98 27.49 6.48
C ARG B 2 -28.48 27.83 6.41
N THR B 3 -27.62 26.83 6.62
CA THR B 3 -26.18 27.05 6.58
C THR B 3 -25.55 26.34 5.39
N TYR B 4 -24.26 26.61 5.15
CA TYR B 4 -23.53 25.97 4.06
C TYR B 4 -23.12 24.62 4.64
N THR B 5 -23.79 23.56 4.19
CA THR B 5 -23.53 22.22 4.70
C THR B 5 -22.40 21.49 3.98
N LEU B 6 -22.01 20.33 4.52
CA LEU B 6 -20.96 19.55 3.90
C LEU B 6 -21.47 19.12 2.53
N ALA B 7 -22.76 18.80 2.46
CA ALA B 7 -23.37 18.40 1.19
C ALA B 7 -23.31 19.52 0.15
N ASP B 8 -23.55 20.76 0.57
CA ASP B 8 -23.50 21.90 -0.35
C ASP B 8 -22.14 21.96 -1.04
N TYR B 9 -21.10 21.65 -0.28
CA TYR B 9 -19.75 21.65 -0.80
C TYR B 9 -19.51 20.43 -1.68
N LEU B 10 -19.75 19.24 -1.15
CA LEU B 10 -19.55 18.00 -1.88
C LEU B 10 -20.37 17.81 -3.13
N LYS B 11 -21.63 18.25 -3.11
CA LYS B 11 -22.49 18.11 -4.28
C LYS B 11 -22.47 19.38 -5.11
N ASN B 12 -21.60 20.31 -4.74
CA ASN B 12 -21.46 21.59 -5.44
C ASN B 12 -22.85 22.17 -5.77
N THR B 13 -23.57 22.55 -4.73
CA THR B 13 -24.91 23.09 -4.86
C THR B 13 -24.92 24.54 -5.35
N PHE B 14 -23.98 25.33 -4.85
CA PHE B 14 -23.91 26.71 -5.24
C PHE B 14 -22.78 26.92 -6.23
N ARG B 15 -23.13 26.91 -7.51
CA ARG B 15 -22.16 27.09 -8.57
C ARG B 15 -21.68 28.54 -8.65
N VAL B 16 -20.37 28.71 -8.77
CA VAL B 16 -19.77 30.04 -8.91
C VAL B 16 -19.36 30.22 -10.38
N LYS B 17 -20.08 31.03 -11.13
CA LYS B 17 -19.77 31.23 -12.54
C LYS B 17 -18.56 32.10 -12.84
N SER B 18 -18.08 31.99 -14.07
CA SER B 18 -16.94 32.76 -14.54
C SER B 18 -17.16 33.08 -16.02
N TYR B 19 -16.20 33.73 -16.66
CA TYR B 19 -16.32 34.05 -18.08
C TYR B 19 -14.98 33.80 -18.77
N SER B 20 -14.75 32.55 -19.14
CA SER B 20 -13.51 32.19 -19.81
C SER B 20 -13.65 32.31 -21.31
N LEU B 21 -13.08 33.38 -21.86
CA LEU B 21 -13.14 33.63 -23.29
C LEU B 21 -11.83 33.26 -23.97
N ARG B 22 -11.85 33.25 -25.28
CA ARG B 22 -10.66 32.94 -26.05
C ARG B 22 -10.49 33.99 -27.16
N TRP B 23 -9.59 34.93 -26.93
CA TRP B 23 -9.35 35.98 -27.91
C TRP B 23 -8.91 35.38 -29.23
N VAL B 24 -9.65 35.69 -30.29
CA VAL B 24 -9.34 35.18 -31.61
C VAL B 24 -8.55 36.19 -32.42
N SER B 25 -8.78 37.47 -32.14
CA SER B 25 -8.08 38.54 -32.83
C SER B 25 -7.91 39.69 -31.84
N ASP B 26 -7.64 40.88 -32.36
CA ASP B 26 -7.48 42.02 -31.47
C ASP B 26 -8.85 42.56 -31.09
N SER B 27 -9.90 42.06 -31.73
CA SER B 27 -11.23 42.57 -31.45
C SER B 27 -12.39 41.58 -31.32
N GLU B 28 -12.11 40.29 -31.49
CA GLU B 28 -13.16 39.28 -31.36
C GLU B 28 -12.67 38.15 -30.45
N TYR B 29 -13.60 37.41 -29.86
CA TYR B 29 -13.22 36.30 -29.00
C TYR B 29 -14.26 35.19 -29.06
N LEU B 30 -13.88 34.03 -28.53
CA LEU B 30 -14.79 32.89 -28.51
C LEU B 30 -15.28 32.62 -27.10
N TYR B 31 -16.54 32.21 -26.99
CA TYR B 31 -17.15 31.91 -25.70
C TYR B 31 -18.09 30.72 -25.84
N LYS B 32 -17.96 29.76 -24.92
CA LYS B 32 -18.78 28.56 -24.91
C LYS B 32 -20.11 28.90 -24.25
N GLN B 33 -21.21 28.60 -24.94
CA GLN B 33 -22.54 28.90 -24.42
C GLN B 33 -23.52 27.78 -24.77
N GLU B 34 -24.04 27.11 -23.74
CA GLU B 34 -24.98 26.02 -23.93
C GLU B 34 -24.37 25.00 -24.91
N ASN B 35 -23.06 24.85 -24.86
CA ASN B 35 -22.35 23.92 -25.75
C ASN B 35 -22.33 24.39 -27.19
N ASN B 36 -22.17 25.70 -27.36
CA ASN B 36 -22.09 26.34 -28.66
C ASN B 36 -20.95 27.32 -28.55
N ILE B 37 -20.04 27.26 -29.51
CA ILE B 37 -18.95 28.20 -29.45
C ILE B 37 -19.47 29.42 -30.19
N LEU B 38 -19.47 30.56 -29.50
CA LEU B 38 -19.94 31.80 -30.09
C LEU B 38 -18.83 32.81 -30.26
N LEU B 39 -18.86 33.51 -31.39
CA LEU B 39 -17.86 34.53 -31.69
C LEU B 39 -18.44 35.89 -31.28
N PHE B 40 -17.75 36.56 -30.37
CA PHE B 40 -18.21 37.86 -29.92
C PHE B 40 -17.36 38.99 -30.46
N ASN B 41 -17.98 40.15 -30.54
CA ASN B 41 -17.33 41.37 -31.01
C ASN B 41 -17.12 42.27 -29.80
N ALA B 42 -15.87 42.40 -29.35
CA ALA B 42 -15.61 43.28 -28.21
C ALA B 42 -15.87 44.67 -28.76
N GLU B 43 -16.68 45.43 -28.04
CA GLU B 43 -17.06 46.81 -28.40
C GLU B 43 -18.58 46.82 -28.35
N HIS B 44 -19.18 46.02 -29.22
CA HIS B 44 -20.64 45.90 -29.27
C HIS B 44 -20.90 44.44 -28.90
N GLY B 45 -21.69 44.20 -27.86
CA GLY B 45 -21.99 42.83 -27.45
C GLY B 45 -22.31 41.89 -28.61
N ASN B 46 -22.40 42.47 -29.79
CA ASN B 46 -22.67 41.80 -31.07
C ASN B 46 -22.07 40.39 -31.09
N SER B 47 -22.90 39.35 -31.17
CA SER B 47 -22.36 37.99 -31.19
C SER B 47 -22.46 37.29 -32.55
N SER B 48 -22.57 35.95 -32.51
CA SER B 48 -22.65 35.10 -33.70
C SER B 48 -22.23 33.65 -33.40
N ILE B 49 -22.85 32.68 -34.08
CA ILE B 49 -22.52 31.27 -33.86
C ILE B 49 -21.25 30.84 -34.61
N PHE B 50 -20.28 30.29 -33.89
CA PHE B 50 -19.05 29.83 -34.51
C PHE B 50 -19.12 28.32 -34.73
N LEU B 51 -19.54 27.60 -33.70
CA LEU B 51 -19.70 26.15 -33.74
C LEU B 51 -21.02 25.76 -33.09
N GLU B 52 -21.80 24.97 -33.82
CA GLU B 52 -23.12 24.50 -33.38
C GLU B 52 -23.19 23.57 -32.18
N ASN B 53 -24.37 23.54 -31.55
CA ASN B 53 -24.64 22.66 -30.42
C ASN B 53 -24.25 21.29 -30.96
N SER B 54 -24.55 21.12 -32.24
CA SER B 54 -24.25 19.90 -32.99
C SER B 54 -22.74 19.74 -33.01
N THR B 55 -22.23 19.06 -34.03
CA THR B 55 -20.78 18.86 -34.17
C THR B 55 -20.23 18.16 -32.93
N PHE B 56 -20.32 18.84 -31.80
CA PHE B 56 -19.84 18.32 -30.52
C PHE B 56 -20.47 16.99 -30.13
N GLU B 57 -21.70 16.72 -30.54
CA GLU B 57 -22.31 15.47 -30.15
C GLU B 57 -22.02 14.32 -31.12
N ILE B 58 -21.39 14.61 -32.25
CA ILE B 58 -21.07 13.56 -33.20
C ILE B 58 -20.22 12.52 -32.45
N PHE B 59 -19.46 13.00 -31.47
CA PHE B 59 -18.60 12.16 -30.63
C PHE B 59 -19.29 11.92 -29.31
N GLY B 60 -20.55 11.52 -29.39
CA GLY B 60 -21.31 11.27 -28.19
C GLY B 60 -21.13 12.37 -27.17
N ASP B 61 -20.65 11.98 -25.99
CA ASP B 61 -20.45 12.91 -24.90
C ASP B 61 -19.02 12.91 -24.40
N SER B 62 -18.11 12.33 -25.17
CA SER B 62 -16.71 12.28 -24.74
C SER B 62 -15.87 13.43 -25.26
N ILE B 63 -16.51 14.40 -25.89
CA ILE B 63 -15.79 15.58 -26.39
C ILE B 63 -15.23 16.38 -25.21
N SER B 64 -14.01 16.04 -24.85
CA SER B 64 -13.26 16.64 -23.76
C SER B 64 -12.93 18.12 -23.95
N ASP B 65 -12.54 18.48 -25.16
CA ASP B 65 -12.18 19.87 -25.42
C ASP B 65 -12.11 20.18 -26.91
N TYR B 66 -11.79 21.43 -27.22
CA TYR B 66 -11.70 21.88 -28.59
C TYR B 66 -10.63 22.95 -28.75
N SER B 67 -10.02 23.01 -29.93
CA SER B 67 -9.00 24.01 -30.19
C SER B 67 -9.19 24.53 -31.60
N VAL B 68 -9.37 25.84 -31.72
CA VAL B 68 -9.57 26.45 -33.02
C VAL B 68 -8.25 26.92 -33.63
N SER B 69 -7.99 26.49 -34.86
CA SER B 69 -6.76 26.88 -35.54
C SER B 69 -6.73 28.39 -35.55
N PRO B 70 -5.54 28.98 -35.38
CA PRO B 70 -5.42 30.44 -35.37
C PRO B 70 -6.08 31.15 -36.56
N ASP B 71 -6.16 30.51 -37.72
CA ASP B 71 -6.81 31.17 -38.86
C ASP B 71 -8.30 30.84 -38.94
N ARG B 72 -8.85 30.37 -37.83
CA ARG B 72 -10.26 30.01 -37.71
C ARG B 72 -10.84 29.16 -38.83
N LEU B 73 -9.98 28.44 -39.55
CA LEU B 73 -10.48 27.62 -40.64
C LEU B 73 -10.79 26.20 -40.21
N PHE B 74 -10.19 25.78 -39.09
CA PHE B 74 -10.40 24.44 -38.56
C PHE B 74 -10.51 24.40 -37.05
N VAL B 75 -11.01 23.26 -36.55
CA VAL B 75 -11.15 23.07 -35.11
C VAL B 75 -10.79 21.66 -34.71
N LEU B 76 -9.95 21.56 -33.68
CA LEU B 76 -9.53 20.28 -33.14
C LEU B 76 -10.55 19.83 -32.13
N LEU B 77 -11.08 18.62 -32.31
CA LEU B 77 -12.06 18.09 -31.38
C LEU B 77 -11.38 16.99 -30.57
N GLU B 78 -11.21 17.26 -29.28
CA GLU B 78 -10.55 16.33 -28.37
C GLU B 78 -11.56 15.43 -27.68
N TYR B 79 -11.31 14.13 -27.70
CA TYR B 79 -12.22 13.17 -27.06
C TYR B 79 -11.47 11.92 -26.63
N ASN B 80 -12.05 11.15 -25.71
CA ASN B 80 -11.40 9.95 -25.18
C ASN B 80 -10.20 10.32 -24.32
N TYR B 81 -10.40 11.33 -23.50
CA TYR B 81 -9.38 11.84 -22.60
C TYR B 81 -9.08 10.84 -21.49
N VAL B 82 -7.78 10.58 -21.29
CA VAL B 82 -7.34 9.68 -20.23
C VAL B 82 -6.16 10.32 -19.50
N LYS B 83 -6.40 10.71 -18.26
CA LYS B 83 -5.38 11.36 -17.45
C LYS B 83 -4.13 10.51 -17.20
N GLN B 84 -3.03 11.21 -16.91
CA GLN B 84 -1.73 10.64 -16.63
C GLN B 84 -0.94 11.76 -15.97
N TRP B 85 -0.72 11.67 -14.66
CA TRP B 85 0.01 12.71 -13.94
C TRP B 85 -0.80 14.01 -13.93
N ARG B 86 -0.19 15.08 -13.42
CA ARG B 86 -0.86 16.37 -13.31
C ARG B 86 -1.35 16.97 -14.62
N HIS B 87 -0.48 17.08 -15.62
CA HIS B 87 -0.87 17.69 -16.88
C HIS B 87 -0.87 16.75 -18.10
N SER B 88 -0.20 15.61 -17.98
CA SER B 88 -0.13 14.65 -19.07
C SER B 88 -1.51 14.02 -19.25
N TYR B 89 -1.68 13.32 -20.37
CA TYR B 89 -2.92 12.63 -20.70
C TYR B 89 -2.97 12.35 -22.20
N THR B 90 -3.61 11.25 -22.58
CA THR B 90 -3.75 10.92 -24.00
C THR B 90 -5.21 11.07 -24.39
N ALA B 91 -5.43 11.38 -25.67
CA ALA B 91 -6.77 11.56 -26.19
C ALA B 91 -6.80 11.24 -27.68
N SER B 92 -8.00 11.31 -28.26
CA SER B 92 -8.21 11.07 -29.68
C SER B 92 -8.56 12.43 -30.26
N TYR B 93 -8.36 12.63 -31.55
CA TYR B 93 -8.68 13.91 -32.14
C TYR B 93 -9.27 13.82 -33.52
N SER B 94 -10.06 14.83 -33.86
CA SER B 94 -10.70 14.92 -35.17
C SER B 94 -10.65 16.37 -35.60
N ILE B 95 -10.25 16.61 -36.84
CA ILE B 95 -10.19 17.97 -37.34
C ILE B 95 -11.54 18.23 -38.01
N TYR B 96 -12.11 19.39 -37.74
CA TYR B 96 -13.38 19.75 -38.35
C TYR B 96 -13.12 20.92 -39.28
N ASP B 97 -13.46 20.73 -40.55
CA ASP B 97 -13.28 21.78 -41.56
C ASP B 97 -14.47 22.73 -41.50
N LEU B 98 -14.27 23.91 -40.93
CA LEU B 98 -15.34 24.88 -40.81
C LEU B 98 -15.89 25.26 -42.17
N ASN B 99 -15.00 25.59 -43.09
CA ASN B 99 -15.40 25.98 -44.43
C ASN B 99 -16.14 24.87 -45.19
N LYS B 100 -15.49 23.72 -45.36
CA LYS B 100 -16.08 22.57 -46.06
C LYS B 100 -17.26 22.00 -45.26
N ARG B 101 -17.42 22.51 -44.03
CA ARG B 101 -18.50 22.08 -43.14
C ARG B 101 -18.59 20.59 -42.83
N GLN B 102 -17.48 19.96 -42.49
CA GLN B 102 -17.49 18.53 -42.16
C GLN B 102 -16.17 18.03 -41.59
N LEU B 103 -16.22 16.85 -40.97
CA LEU B 103 -15.04 16.25 -40.36
C LEU B 103 -14.05 15.68 -41.36
N ILE B 104 -12.80 16.15 -41.28
CA ILE B 104 -11.76 15.66 -42.16
C ILE B 104 -11.52 14.21 -41.77
N THR B 105 -11.59 13.33 -42.75
CA THR B 105 -11.47 11.90 -42.49
C THR B 105 -10.31 11.18 -43.17
N GLU B 106 -9.55 11.88 -44.00
CA GLU B 106 -8.44 11.26 -44.72
C GLU B 106 -7.24 10.94 -43.82
N GLU B 107 -6.26 11.83 -43.84
CA GLU B 107 -5.06 11.65 -43.04
C GLU B 107 -5.37 11.94 -41.59
N LYS B 108 -6.04 10.99 -40.92
CA LYS B 108 -6.42 11.17 -39.53
C LYS B 108 -5.22 11.30 -38.60
N ILE B 109 -5.51 11.61 -37.35
CA ILE B 109 -4.47 11.76 -36.35
C ILE B 109 -4.57 10.56 -35.38
N PRO B 110 -3.43 9.88 -35.13
CA PRO B 110 -3.33 8.70 -34.25
C PRO B 110 -4.30 8.70 -33.09
N ASN B 111 -4.89 7.53 -32.83
CA ASN B 111 -5.88 7.41 -31.78
C ASN B 111 -5.37 7.31 -30.36
N ASN B 112 -4.21 7.88 -30.08
CA ASN B 112 -3.68 7.84 -28.72
C ASN B 112 -2.66 8.91 -28.48
N THR B 113 -2.85 10.03 -29.16
CA THR B 113 -1.94 11.17 -29.09
C THR B 113 -1.68 11.66 -27.67
N GLN B 114 -0.41 11.99 -27.40
CA GLN B 114 0.02 12.47 -26.10
C GLN B 114 -0.01 13.98 -26.03
N TRP B 115 0.11 14.63 -27.18
CA TRP B 115 0.08 16.07 -27.21
C TRP B 115 -0.08 16.58 -28.63
N ILE B 116 -0.78 17.70 -28.78
CA ILE B 116 -0.99 18.26 -30.11
C ILE B 116 -1.22 19.77 -30.02
N THR B 117 -0.85 20.48 -31.08
CA THR B 117 -1.01 21.92 -31.07
C THR B 117 -0.92 22.58 -32.44
N TRP B 118 -1.75 23.60 -32.64
CA TRP B 118 -1.74 24.34 -33.89
C TRP B 118 -0.49 25.17 -33.91
N SER B 119 -0.09 25.64 -35.09
CA SER B 119 1.07 26.49 -35.18
C SER B 119 0.59 27.84 -34.60
N GLN B 120 1.47 28.82 -34.53
CA GLN B 120 1.06 30.12 -33.98
C GLN B 120 0.19 30.89 -34.96
N GLU B 121 0.32 30.57 -36.24
CA GLU B 121 -0.40 31.30 -37.27
C GLU B 121 -1.43 30.59 -38.14
N GLY B 122 -0.96 29.76 -39.06
CA GLY B 122 -1.88 29.11 -39.97
C GLY B 122 -2.76 27.99 -39.45
N HIS B 123 -2.60 26.83 -40.07
CA HIS B 123 -3.35 25.64 -39.70
C HIS B 123 -2.40 24.43 -39.68
N LYS B 124 -1.16 24.69 -39.24
CA LYS B 124 -0.17 23.64 -39.15
C LYS B 124 -0.36 22.95 -37.81
N LEU B 125 -0.06 21.66 -37.77
CA LEU B 125 -0.19 20.87 -36.57
C LEU B 125 1.12 20.15 -36.25
N ALA B 126 1.36 19.93 -34.96
CA ALA B 126 2.51 19.21 -34.49
C ALA B 126 1.96 18.40 -33.34
N TYR B 127 2.14 17.09 -33.38
CA TYR B 127 1.64 16.26 -32.30
C TYR B 127 2.66 15.18 -31.93
N VAL B 128 2.56 14.69 -30.71
CA VAL B 128 3.48 13.66 -30.23
C VAL B 128 2.68 12.38 -30.05
N TRP B 129 3.23 11.29 -30.55
CA TRP B 129 2.57 10.00 -30.47
C TRP B 129 3.67 8.96 -30.31
N LYS B 130 3.57 8.12 -29.29
CA LYS B 130 4.57 7.11 -29.04
C LYS B 130 5.92 7.79 -28.81
N ASN B 131 5.88 8.94 -28.15
CA ASN B 131 7.09 9.72 -27.84
C ASN B 131 7.84 10.31 -29.02
N ASP B 132 7.21 10.32 -30.19
CA ASP B 132 7.84 10.92 -31.37
C ASP B 132 6.99 12.06 -31.87
N ILE B 133 7.64 13.00 -32.54
CA ILE B 133 6.97 14.18 -33.07
C ILE B 133 6.55 13.99 -34.52
N TYR B 134 5.38 14.53 -34.85
CA TYR B 134 4.85 14.46 -36.21
C TYR B 134 4.31 15.83 -36.60
N VAL B 135 4.47 16.21 -37.87
CA VAL B 135 3.99 17.49 -38.35
C VAL B 135 3.04 17.31 -39.54
N LYS B 136 2.04 18.18 -39.63
CA LYS B 136 1.09 18.15 -40.74
C LYS B 136 0.87 19.57 -41.21
N ILE B 137 1.46 19.92 -42.35
CA ILE B 137 1.33 21.27 -42.88
C ILE B 137 -0.13 21.67 -43.11
N GLU B 138 -0.97 20.67 -43.37
CA GLU B 138 -2.38 20.88 -43.65
C GLU B 138 -3.19 19.76 -43.00
N PRO B 139 -4.39 20.08 -42.47
CA PRO B 139 -5.20 19.02 -41.84
C PRO B 139 -5.53 17.86 -42.79
N HIS B 140 -5.57 18.13 -44.08
CA HIS B 140 -5.89 17.12 -45.08
C HIS B 140 -4.70 16.28 -45.50
N LEU B 141 -3.51 16.86 -45.39
CA LEU B 141 -2.28 16.18 -45.80
C LEU B 141 -1.75 15.15 -44.78
N PRO B 142 -0.90 14.25 -45.26
CA PRO B 142 -0.31 13.21 -44.40
C PRO B 142 0.75 13.77 -43.47
N SER B 143 0.85 13.18 -42.28
CA SER B 143 1.83 13.64 -41.31
C SER B 143 3.27 13.26 -41.70
N HIS B 144 4.22 14.06 -41.22
CA HIS B 144 5.65 13.83 -41.47
C HIS B 144 6.33 13.53 -40.14
N ARG B 145 6.90 12.35 -40.02
CA ARG B 145 7.58 11.98 -38.78
C ARG B 145 8.85 12.80 -38.61
N ILE B 146 8.96 13.50 -37.50
CA ILE B 146 10.12 14.35 -37.23
C ILE B 146 11.21 13.65 -36.45
N THR B 147 10.82 12.73 -35.57
CA THR B 147 11.80 11.99 -34.78
C THR B 147 11.38 10.53 -34.78
N SER B 148 12.32 9.64 -34.46
CA SER B 148 12.02 8.22 -34.42
C SER B 148 12.84 7.52 -33.32
N THR B 149 13.27 8.29 -32.35
CA THR B 149 14.06 7.79 -31.24
C THR B 149 13.17 7.57 -30.02
N GLY B 150 11.91 7.96 -30.16
CA GLY B 150 10.95 7.84 -29.08
C GLY B 150 10.84 6.45 -28.50
N LYS B 151 10.82 6.37 -27.18
CA LYS B 151 10.68 5.08 -26.50
C LYS B 151 10.14 5.27 -25.08
N GLU B 152 9.03 4.59 -24.78
CA GLU B 152 8.39 4.68 -23.48
C GLU B 152 9.33 4.64 -22.27
N ASN B 153 9.20 5.63 -21.40
CA ASN B 153 10.01 5.75 -20.19
C ASN B 153 11.50 5.83 -20.43
N VAL B 154 11.89 6.24 -21.63
CA VAL B 154 13.31 6.37 -21.94
C VAL B 154 13.59 7.63 -22.75
N ILE B 155 13.07 7.69 -23.97
CA ILE B 155 13.29 8.85 -24.81
C ILE B 155 11.98 9.60 -25.07
N PHE B 156 11.96 10.87 -24.65
CA PHE B 156 10.80 11.72 -24.83
C PHE B 156 11.10 12.82 -25.83
N ASN B 157 10.32 12.87 -26.91
CA ASN B 157 10.50 13.91 -27.92
C ASN B 157 9.31 14.82 -27.98
N GLY B 158 9.48 16.07 -27.55
CA GLY B 158 8.37 17.00 -27.59
C GLY B 158 7.42 16.95 -26.42
N ILE B 159 7.71 16.11 -25.43
CA ILE B 159 6.89 16.03 -24.22
C ILE B 159 7.85 15.88 -23.08
N ASN B 160 7.47 16.34 -21.90
CA ASN B 160 8.35 16.24 -20.74
C ASN B 160 8.25 14.90 -20.04
N ASP B 161 9.34 14.49 -19.37
CA ASP B 161 9.32 13.24 -18.61
C ASP B 161 8.65 13.62 -17.28
N TRP B 162 8.42 12.67 -16.40
CA TRP B 162 7.72 12.99 -15.16
C TRP B 162 8.17 14.25 -14.41
N VAL B 163 9.46 14.33 -14.10
CA VAL B 163 9.94 15.47 -13.32
C VAL B 163 9.88 16.79 -14.07
N TYR B 164 10.25 16.80 -15.34
CA TYR B 164 10.22 18.05 -16.10
C TYR B 164 8.78 18.59 -16.17
N GLU B 165 7.82 17.68 -16.29
CA GLU B 165 6.43 18.06 -16.37
C GLU B 165 5.97 18.69 -15.06
N GLU B 166 6.17 17.97 -13.98
CA GLU B 166 5.78 18.40 -12.65
C GLU B 166 6.54 19.59 -12.09
N GLU B 167 7.87 19.55 -12.16
CA GLU B 167 8.69 20.60 -11.55
C GLU B 167 9.32 21.71 -12.41
N ILE B 168 9.35 21.57 -13.72
CA ILE B 168 9.94 22.63 -14.53
C ILE B 168 8.91 23.42 -15.35
N PHE B 169 8.33 22.75 -16.33
CA PHE B 169 7.38 23.42 -17.20
C PHE B 169 5.94 23.44 -16.69
N GLY B 170 5.62 22.53 -15.80
CA GLY B 170 4.26 22.50 -15.30
C GLY B 170 3.28 22.22 -16.41
N ALA B 171 3.75 21.53 -17.44
CA ALA B 171 2.89 21.18 -18.56
C ALA B 171 3.48 19.94 -19.21
N TYR B 172 2.71 19.29 -20.05
CA TYR B 172 3.17 18.09 -20.72
C TYR B 172 3.98 18.42 -21.96
N SER B 173 3.59 19.49 -22.63
CA SER B 173 4.24 19.91 -23.86
C SER B 173 5.70 20.30 -23.78
N ALA B 174 6.43 20.03 -24.87
CA ALA B 174 7.84 20.36 -25.01
C ALA B 174 8.07 20.69 -26.50
N LEU B 175 7.06 21.37 -27.08
CA LEU B 175 7.05 21.82 -28.48
C LEU B 175 6.85 23.32 -28.52
N TRP B 176 7.47 23.98 -29.48
CA TRP B 176 7.35 25.42 -29.61
C TRP B 176 7.43 25.85 -31.07
N TRP B 177 6.29 26.24 -31.64
CA TRP B 177 6.28 26.71 -33.01
C TRP B 177 6.86 28.11 -33.02
N SER B 178 7.69 28.41 -34.01
CA SER B 178 8.26 29.73 -34.11
C SER B 178 7.11 30.57 -34.68
N PRO B 179 7.22 31.90 -34.62
CA PRO B 179 6.09 32.65 -35.19
C PRO B 179 6.21 32.40 -36.69
N ASN B 180 5.13 32.55 -37.44
CA ASN B 180 5.20 32.33 -38.87
C ASN B 180 5.50 30.86 -39.24
N GLY B 181 5.40 29.99 -38.24
CA GLY B 181 5.62 28.56 -38.45
C GLY B 181 6.69 27.98 -39.36
N THR B 182 7.82 28.64 -39.51
CA THR B 182 8.87 28.08 -40.34
C THR B 182 9.55 26.95 -39.57
N PHE B 183 9.99 27.27 -38.36
CA PHE B 183 10.67 26.31 -37.51
C PHE B 183 9.78 25.73 -36.44
N LEU B 184 10.19 24.57 -35.93
CA LEU B 184 9.50 23.88 -34.84
C LEU B 184 10.62 23.45 -33.90
N ALA B 185 10.61 24.00 -32.69
CA ALA B 185 11.63 23.68 -31.71
C ALA B 185 11.06 22.66 -30.73
N TYR B 186 11.95 21.86 -30.15
CA TYR B 186 11.51 20.86 -29.19
C TYR B 186 12.66 20.37 -28.34
N ALA B 187 12.31 19.83 -27.18
CA ALA B 187 13.28 19.29 -26.27
C ALA B 187 13.21 17.77 -26.37
N GLN B 188 14.32 17.12 -26.04
CA GLN B 188 14.37 15.68 -26.03
C GLN B 188 14.94 15.29 -24.68
N PHE B 189 14.23 14.42 -23.97
CA PHE B 189 14.69 13.98 -22.68
C PHE B 189 15.07 12.52 -22.71
N ASN B 190 16.14 12.21 -21.98
CA ASN B 190 16.62 10.85 -21.85
C ASN B 190 16.55 10.47 -20.37
N ASP B 191 15.70 9.49 -20.05
CA ASP B 191 15.54 9.03 -18.67
C ASP B 191 16.40 7.82 -18.36
N THR B 192 17.30 7.48 -19.26
CA THR B 192 18.12 6.27 -19.08
C THR B 192 18.60 5.92 -17.69
N GLY B 193 19.43 6.75 -17.08
CA GLY B 193 19.91 6.40 -15.75
C GLY B 193 19.02 6.75 -14.56
N VAL B 194 17.87 7.36 -14.81
CA VAL B 194 16.96 7.73 -13.74
C VAL B 194 16.33 6.48 -13.14
N PRO B 195 16.43 6.31 -11.80
CA PRO B 195 15.86 5.14 -11.10
C PRO B 195 14.36 5.09 -11.25
N LEU B 196 13.80 3.92 -11.02
CA LEU B 196 12.36 3.75 -11.13
C LEU B 196 11.71 3.60 -9.77
N ILE B 197 10.45 4.01 -9.71
CA ILE B 197 9.65 3.87 -8.50
C ILE B 197 8.45 3.10 -9.01
N GLU B 198 7.83 2.31 -8.14
CA GLU B 198 6.65 1.57 -8.58
C GLU B 198 5.56 1.51 -7.54
N TYR B 199 4.32 1.52 -8.03
CA TYR B 199 3.19 1.42 -7.16
C TYR B 199 2.22 0.43 -7.81
N SER B 200 1.46 -0.27 -6.99
CA SER B 200 0.50 -1.23 -7.51
C SER B 200 -0.78 -0.55 -7.91
N PHE B 201 -1.49 -1.14 -8.85
CA PHE B 201 -2.76 -0.59 -9.27
C PHE B 201 -3.75 -1.75 -9.25
N TYR B 202 -4.78 -1.62 -8.43
CA TYR B 202 -5.74 -2.70 -8.30
C TYR B 202 -6.83 -2.72 -9.34
N SER B 203 -7.20 -1.56 -9.85
CA SER B 203 -8.22 -1.50 -10.89
C SER B 203 -9.51 -2.20 -10.45
N ASP B 204 -10.37 -2.52 -11.41
CA ASP B 204 -11.63 -3.18 -11.11
C ASP B 204 -11.41 -4.41 -10.28
N GLU B 205 -12.41 -4.77 -9.49
CA GLU B 205 -12.24 -5.93 -8.63
C GLU B 205 -12.17 -7.20 -9.45
N SER B 206 -12.39 -7.09 -10.76
CA SER B 206 -12.35 -8.27 -11.62
C SER B 206 -10.91 -8.63 -12.00
N LEU B 207 -10.00 -7.67 -11.90
CA LEU B 207 -8.60 -7.93 -12.22
C LEU B 207 -8.01 -8.83 -11.15
N GLN B 208 -7.72 -10.07 -11.52
CA GLN B 208 -7.19 -11.03 -10.57
C GLN B 208 -5.80 -10.70 -10.00
N TYR B 209 -4.88 -10.24 -10.84
CA TYR B 209 -3.55 -9.88 -10.37
C TYR B 209 -3.34 -8.38 -10.59
N PRO B 210 -3.10 -7.62 -9.51
CA PRO B 210 -2.89 -6.18 -9.67
C PRO B 210 -1.71 -5.81 -10.58
N LYS B 211 -1.84 -4.69 -11.28
CA LYS B 211 -0.81 -4.20 -12.19
C LYS B 211 0.31 -3.56 -11.40
N THR B 212 1.37 -3.16 -12.11
CA THR B 212 2.50 -2.49 -11.49
C THR B 212 2.89 -1.32 -12.38
N VAL B 213 2.82 -0.12 -11.87
CA VAL B 213 3.17 1.05 -12.67
C VAL B 213 4.60 1.46 -12.36
N TRP B 214 5.41 1.56 -13.40
CA TRP B 214 6.80 1.94 -13.25
C TRP B 214 7.00 3.33 -13.82
N ILE B 215 7.71 4.17 -13.07
CA ILE B 215 7.96 5.52 -13.53
C ILE B 215 9.37 5.97 -13.21
N PRO B 216 10.09 6.47 -14.22
CA PRO B 216 11.45 6.93 -13.93
C PRO B 216 11.25 8.23 -13.12
N TYR B 217 11.63 8.19 -11.86
CA TYR B 217 11.45 9.29 -10.91
C TYR B 217 12.72 9.56 -10.11
N PRO B 218 13.36 10.72 -10.33
CA PRO B 218 14.58 10.99 -9.57
C PRO B 218 14.34 11.63 -8.21
N LYS B 219 14.67 10.91 -7.15
CA LYS B 219 14.52 11.45 -5.81
C LYS B 219 15.75 12.32 -5.52
N ALA B 220 15.71 13.09 -4.45
CA ALA B 220 16.84 13.96 -4.13
C ALA B 220 18.19 13.28 -4.35
N GLY B 221 19.04 13.94 -5.14
CA GLY B 221 20.39 13.45 -5.41
C GLY B 221 20.57 12.32 -6.40
N ALA B 222 19.47 11.79 -6.95
CA ALA B 222 19.57 10.69 -7.90
C ALA B 222 20.00 11.17 -9.28
N VAL B 223 20.29 10.24 -10.17
CA VAL B 223 20.67 10.61 -11.52
C VAL B 223 19.45 11.22 -12.21
N ASN B 224 19.60 12.43 -12.73
CA ASN B 224 18.51 13.13 -13.41
C ASN B 224 18.46 12.84 -14.89
N PRO B 225 17.34 13.17 -15.53
CA PRO B 225 17.27 12.92 -16.97
C PRO B 225 18.21 13.93 -17.66
N THR B 226 18.44 13.76 -18.95
CA THR B 226 19.29 14.69 -19.66
C THR B 226 18.47 15.35 -20.76
N VAL B 227 18.93 16.51 -21.23
CA VAL B 227 18.19 17.26 -22.25
C VAL B 227 18.99 17.61 -23.49
N LYS B 228 18.26 17.81 -24.59
CA LYS B 228 18.86 18.23 -25.84
C LYS B 228 17.80 19.13 -26.46
N PHE B 229 18.25 20.17 -27.17
CA PHE B 229 17.30 21.06 -27.80
C PHE B 229 17.45 21.06 -29.31
N PHE B 230 16.33 20.95 -30.00
CA PHE B 230 16.36 20.93 -31.45
C PHE B 230 15.38 21.90 -32.08
N ILE B 231 15.69 22.27 -33.31
CA ILE B 231 14.86 23.15 -34.10
C ILE B 231 14.91 22.52 -35.46
N VAL B 232 13.74 22.15 -35.99
CA VAL B 232 13.68 21.53 -37.30
C VAL B 232 12.95 22.46 -38.25
N ASN B 233 13.45 22.53 -39.49
CA ASN B 233 12.84 23.39 -40.52
C ASN B 233 11.61 22.68 -41.11
N THR B 234 10.45 23.29 -40.91
CA THR B 234 9.20 22.74 -41.38
C THR B 234 8.88 22.91 -42.86
N ASP B 235 9.41 23.98 -43.46
CA ASP B 235 9.15 24.26 -44.87
C ASP B 235 9.75 23.28 -45.86
N SER B 236 10.56 22.34 -45.40
CA SER B 236 11.20 21.40 -46.31
C SER B 236 10.60 20.00 -46.36
N LEU B 237 9.77 19.67 -45.38
CA LEU B 237 9.17 18.32 -45.28
C LEU B 237 8.58 17.73 -46.57
N SER B 238 8.02 18.59 -47.42
CA SER B 238 7.40 18.13 -48.67
C SER B 238 8.41 17.60 -49.69
N SER B 239 9.66 18.01 -49.55
CA SER B 239 10.71 17.62 -50.48
C SER B 239 11.77 16.65 -49.98
N THR B 240 11.49 15.92 -48.91
CA THR B 240 12.46 14.96 -48.37
C THR B 240 11.71 13.84 -47.69
N THR B 241 12.38 12.73 -47.43
CA THR B 241 11.73 11.66 -46.69
C THR B 241 12.00 11.97 -45.21
N THR B 242 13.16 12.57 -44.94
CA THR B 242 13.54 12.91 -43.58
C THR B 242 14.23 14.26 -43.53
N THR B 243 13.97 15.04 -42.49
CA THR B 243 14.65 16.32 -42.32
C THR B 243 15.63 16.14 -41.17
N ILE B 244 16.73 16.88 -41.19
CA ILE B 244 17.69 16.76 -40.13
C ILE B 244 17.61 17.95 -39.18
N PRO B 245 16.98 17.74 -38.02
CA PRO B 245 16.86 18.84 -37.06
C PRO B 245 18.21 19.38 -36.64
N MET B 246 18.30 20.69 -36.48
CA MET B 246 19.56 21.26 -36.03
C MET B 246 19.46 21.41 -34.50
N GLN B 247 20.55 21.06 -33.82
CA GLN B 247 20.57 21.12 -32.37
C GLN B 247 21.21 22.38 -31.82
N ILE B 248 20.71 22.81 -30.68
CA ILE B 248 21.26 23.97 -30.01
C ILE B 248 21.85 23.36 -28.75
N THR B 249 23.07 23.74 -28.43
CA THR B 249 23.65 23.17 -27.24
C THR B 249 23.67 24.18 -26.10
N ALA B 250 23.28 23.74 -24.92
CA ALA B 250 23.26 24.63 -23.76
C ALA B 250 24.60 25.35 -23.63
N PRO B 251 24.60 26.52 -22.99
CA PRO B 251 25.84 27.30 -22.79
C PRO B 251 26.87 26.61 -21.89
N ALA B 252 28.14 26.87 -22.18
CA ALA B 252 29.28 26.28 -21.46
C ALA B 252 29.24 26.37 -19.94
N SER B 253 28.80 27.52 -19.42
CA SER B 253 28.74 27.73 -17.98
C SER B 253 27.65 26.88 -17.34
N VAL B 254 27.13 25.93 -18.10
CA VAL B 254 26.06 25.06 -17.61
C VAL B 254 26.35 23.56 -17.88
N THR B 255 27.08 23.32 -18.96
CA THR B 255 27.46 21.98 -19.43
C THR B 255 28.36 21.12 -18.53
N THR B 256 29.17 21.75 -17.70
CA THR B 256 30.10 21.01 -16.85
C THR B 256 29.50 19.87 -16.02
N GLY B 257 28.30 20.09 -15.49
CA GLY B 257 27.64 19.07 -14.69
C GLY B 257 26.15 19.03 -14.96
N ASP B 258 25.39 18.35 -14.11
CA ASP B 258 23.94 18.25 -14.28
C ASP B 258 23.32 19.64 -14.43
N HIS B 259 22.32 19.75 -15.29
CA HIS B 259 21.65 21.03 -15.50
C HIS B 259 20.24 20.81 -16.06
N TYR B 260 19.47 21.90 -16.23
CA TYR B 260 18.12 21.76 -16.77
C TYR B 260 17.80 22.82 -17.81
N LEU B 261 16.81 22.51 -18.64
CA LEU B 261 16.31 23.46 -19.64
C LEU B 261 15.19 24.14 -18.84
N CYS B 262 15.34 25.45 -18.64
CA CYS B 262 14.42 26.28 -17.86
C CYS B 262 13.16 26.75 -18.53
N ASP B 263 13.33 27.39 -19.68
CA ASP B 263 12.21 27.95 -20.41
C ASP B 263 12.58 28.22 -21.87
N VAL B 264 11.58 28.22 -22.74
CA VAL B 264 11.77 28.46 -24.17
C VAL B 264 10.87 29.62 -24.59
N ALA B 265 11.45 30.58 -25.30
CA ALA B 265 10.67 31.73 -25.75
C ALA B 265 11.09 32.24 -27.14
N TRP B 266 10.24 32.06 -28.13
CA TRP B 266 10.55 32.54 -29.48
C TRP B 266 10.49 34.07 -29.52
N VAL B 267 11.58 34.72 -29.95
CA VAL B 267 11.60 36.17 -30.04
C VAL B 267 11.02 36.58 -31.38
N SER B 268 11.59 36.06 -32.46
CA SER B 268 11.11 36.34 -33.79
C SER B 268 11.34 35.06 -34.57
N GLU B 269 11.16 35.09 -35.88
CA GLU B 269 11.35 33.89 -36.67
C GLU B 269 12.80 33.42 -36.75
N ASP B 270 13.76 34.33 -36.54
CA ASP B 270 15.17 33.97 -36.61
C ASP B 270 15.91 34.16 -35.30
N ARG B 271 15.14 34.26 -34.21
CA ARG B 271 15.73 34.46 -32.90
C ARG B 271 14.89 33.75 -31.85
N ILE B 272 15.54 32.98 -30.99
CA ILE B 272 14.84 32.24 -29.97
C ILE B 272 15.58 32.40 -28.64
N SER B 273 14.83 32.42 -27.55
CA SER B 273 15.41 32.57 -26.23
C SER B 273 15.27 31.31 -25.38
N LEU B 274 16.40 30.81 -24.89
CA LEU B 274 16.41 29.62 -24.06
C LEU B 274 17.05 29.92 -22.73
N GLN B 275 16.42 29.43 -21.66
CA GLN B 275 16.96 29.64 -20.32
C GLN B 275 17.42 28.32 -19.75
N TRP B 276 18.60 28.32 -19.17
CA TRP B 276 19.14 27.11 -18.58
C TRP B 276 19.41 27.30 -17.11
N LEU B 277 19.43 26.20 -16.36
CA LEU B 277 19.63 26.27 -14.91
C LEU B 277 20.49 25.11 -14.45
N ARG B 278 21.47 25.39 -13.59
CA ARG B 278 22.33 24.32 -13.06
C ARG B 278 21.58 23.49 -12.02
N ARG B 279 22.00 22.24 -11.82
CA ARG B 279 21.32 21.38 -10.86
C ARG B 279 21.16 22.09 -9.52
N ILE B 280 22.18 22.83 -9.12
CA ILE B 280 22.13 23.64 -7.89
C ILE B 280 21.63 24.95 -8.47
N GLN B 281 20.33 25.16 -8.34
CA GLN B 281 19.63 26.31 -8.90
C GLN B 281 19.86 27.73 -8.42
N ASN B 282 21.12 28.13 -8.20
CA ASN B 282 21.38 29.50 -7.82
C ASN B 282 22.16 30.17 -8.96
N TYR B 283 22.17 29.49 -10.10
CA TYR B 283 22.83 29.97 -11.31
C TYR B 283 21.97 29.64 -12.53
N SER B 284 21.68 30.65 -13.33
CA SER B 284 20.85 30.48 -14.51
C SER B 284 21.40 31.32 -15.66
N VAL B 285 21.23 30.82 -16.88
CA VAL B 285 21.69 31.55 -18.06
C VAL B 285 20.63 31.59 -19.14
N MET B 286 20.42 32.79 -19.69
CA MET B 286 19.46 32.99 -20.75
C MET B 286 20.28 33.29 -22.00
N ALA B 287 20.19 32.40 -22.97
CA ALA B 287 20.94 32.60 -24.20
C ALA B 287 19.98 33.00 -25.29
N ILE B 288 20.39 33.97 -26.10
CA ILE B 288 19.57 34.41 -27.20
C ILE B 288 20.26 33.83 -28.42
N CYS B 289 19.54 33.03 -29.19
CA CYS B 289 20.14 32.41 -30.36
C CYS B 289 19.57 32.90 -31.68
N ASP B 290 20.47 33.13 -32.62
CA ASP B 290 20.11 33.63 -33.94
C ASP B 290 20.33 32.61 -35.03
N TYR B 291 19.45 32.65 -36.03
CA TYR B 291 19.53 31.72 -37.14
C TYR B 291 20.42 32.24 -38.27
N ASP B 292 21.45 31.47 -38.60
CA ASP B 292 22.39 31.79 -39.66
C ASP B 292 21.83 31.28 -41.00
N LYS B 293 21.37 32.19 -41.86
CA LYS B 293 20.80 31.81 -43.16
C LYS B 293 21.82 31.09 -44.05
N THR B 294 23.07 31.56 -43.97
CA THR B 294 24.17 31.03 -44.77
C THR B 294 24.63 29.62 -44.42
N THR B 295 24.94 29.39 -43.16
CA THR B 295 25.43 28.09 -42.75
C THR B 295 24.32 27.20 -42.17
N LEU B 296 23.08 27.69 -42.23
CA LEU B 296 21.91 26.98 -41.72
C LEU B 296 22.13 26.37 -40.34
N VAL B 297 22.46 27.24 -39.39
CA VAL B 297 22.74 26.83 -38.02
C VAL B 297 22.28 27.92 -37.07
N TRP B 298 22.03 27.56 -35.83
CA TRP B 298 21.65 28.56 -34.85
C TRP B 298 22.86 28.86 -34.00
N ASN B 299 23.09 30.15 -33.69
CA ASN B 299 24.23 30.53 -32.88
C ASN B 299 23.78 31.22 -31.61
N CYS B 300 24.41 30.87 -30.49
CA CYS B 300 24.06 31.48 -29.23
C CYS B 300 25.32 32.09 -28.61
N PRO B 301 25.86 33.14 -29.23
CA PRO B 301 27.07 33.85 -28.80
C PRO B 301 27.03 34.27 -27.33
N THR B 302 28.13 34.04 -26.63
CA THR B 302 28.20 34.40 -25.21
C THR B 302 27.90 35.89 -24.98
N THR B 303 28.02 36.69 -26.04
CA THR B 303 27.76 38.11 -25.96
C THR B 303 26.28 38.39 -25.70
N GLN B 304 25.43 37.45 -26.11
CA GLN B 304 23.99 37.60 -25.93
C GLN B 304 23.48 36.65 -24.84
N GLU B 305 24.39 36.26 -23.96
CA GLU B 305 24.11 35.35 -22.86
C GLU B 305 23.91 36.18 -21.58
N HIS B 306 22.76 36.01 -20.93
CA HIS B 306 22.47 36.74 -19.70
C HIS B 306 22.48 35.85 -18.47
N ILE B 307 23.12 36.32 -17.41
CA ILE B 307 23.23 35.54 -16.18
C ILE B 307 22.39 36.02 -15.00
N GLU B 308 21.63 35.10 -14.40
CA GLU B 308 20.80 35.42 -13.24
C GLU B 308 21.39 34.60 -12.08
N THR B 309 21.63 35.27 -10.96
CA THR B 309 22.24 34.61 -9.83
C THR B 309 21.52 34.90 -8.53
N SER B 310 21.88 34.16 -7.48
CA SER B 310 21.27 34.35 -6.17
C SER B 310 22.19 33.87 -5.07
N ALA B 311 22.42 34.71 -4.07
CA ALA B 311 23.29 34.35 -2.97
C ALA B 311 22.45 34.02 -1.74
N THR B 312 21.17 34.38 -1.80
CA THR B 312 20.24 34.14 -0.70
C THR B 312 19.62 32.74 -0.79
N GLY B 313 19.25 32.34 -2.00
CA GLY B 313 18.63 31.05 -2.18
C GLY B 313 18.69 30.51 -3.60
N TRP B 314 17.58 30.63 -4.32
CA TRP B 314 17.49 30.12 -5.69
C TRP B 314 16.96 31.16 -6.67
N CYS B 315 17.10 30.88 -7.96
CA CYS B 315 16.65 31.78 -9.01
C CYS B 315 15.17 31.72 -9.30
N GLY B 316 14.51 32.87 -9.20
CA GLY B 316 13.09 32.94 -9.47
C GLY B 316 12.21 32.42 -8.35
N ARG B 317 10.91 32.40 -8.59
CA ARG B 317 9.96 31.92 -7.60
C ARG B 317 9.99 30.38 -7.58
N PHE B 318 9.87 29.81 -8.78
CA PHE B 318 9.93 28.36 -8.95
C PHE B 318 10.89 28.06 -10.09
N ARG B 319 11.38 29.14 -10.69
CA ARG B 319 12.32 29.10 -11.80
C ARG B 319 12.41 30.51 -12.35
N PRO B 320 13.45 30.81 -13.14
CA PRO B 320 13.62 32.13 -13.74
C PRO B 320 12.33 32.55 -14.43
N ALA B 321 12.00 33.84 -14.36
CA ALA B 321 10.77 34.35 -14.99
C ALA B 321 10.96 34.44 -16.51
N GLU B 322 9.86 34.41 -17.26
CA GLU B 322 9.98 34.46 -18.72
C GLU B 322 10.23 35.84 -19.32
N PRO B 323 11.13 35.92 -20.31
CA PRO B 323 11.41 37.22 -20.93
C PRO B 323 10.27 37.62 -21.87
N HIS B 324 10.12 38.93 -22.07
CA HIS B 324 9.12 39.50 -22.95
C HIS B 324 9.85 40.50 -23.86
N PHE B 325 10.06 40.06 -25.09
CA PHE B 325 10.76 40.88 -26.06
C PHE B 325 9.89 41.90 -26.80
N THR B 326 10.57 42.91 -27.30
CA THR B 326 9.94 43.97 -28.07
C THR B 326 9.80 43.44 -29.49
N SER B 327 8.98 44.09 -30.32
CA SER B 327 8.79 43.64 -31.70
C SER B 327 10.08 43.33 -32.42
N ASP B 328 10.97 44.32 -32.47
CA ASP B 328 12.25 44.18 -33.15
C ASP B 328 13.23 43.29 -32.39
N GLY B 329 12.78 42.73 -31.26
CA GLY B 329 13.61 41.85 -30.45
C GLY B 329 14.95 42.41 -30.01
N SER B 330 15.04 43.74 -29.90
CA SER B 330 16.30 44.38 -29.51
C SER B 330 16.47 44.41 -27.99
N SER B 331 15.34 44.43 -27.29
CA SER B 331 15.33 44.46 -25.84
C SER B 331 14.20 43.60 -25.31
N PHE B 332 14.24 43.32 -24.03
CA PHE B 332 13.21 42.52 -23.41
C PHE B 332 13.07 42.90 -21.95
N TYR B 333 11.86 42.71 -21.42
CA TYR B 333 11.58 43.02 -20.03
C TYR B 333 11.37 41.69 -19.32
N LYS B 334 11.86 41.60 -18.10
CA LYS B 334 11.76 40.38 -17.34
C LYS B 334 11.76 40.67 -15.84
N ILE B 335 11.02 39.85 -15.09
CA ILE B 335 10.93 40.02 -13.64
C ILE B 335 12.11 39.37 -12.93
N VAL B 336 12.85 40.18 -12.17
CA VAL B 336 13.99 39.69 -11.41
C VAL B 336 14.07 40.47 -10.09
N SER B 337 14.68 39.88 -9.07
CA SER B 337 14.80 40.56 -7.79
C SER B 337 15.77 41.73 -7.87
N ASP B 338 15.38 42.87 -7.30
CA ASP B 338 16.25 44.04 -7.31
C ASP B 338 17.18 44.00 -6.11
N LYS B 339 17.97 45.06 -5.96
CA LYS B 339 18.93 45.17 -4.87
C LYS B 339 18.33 44.80 -3.51
N ASP B 340 17.06 45.15 -3.29
CA ASP B 340 16.39 44.88 -2.02
C ASP B 340 15.71 43.53 -1.90
N GLY B 341 15.82 42.71 -2.94
CA GLY B 341 15.21 41.40 -2.91
C GLY B 341 13.76 41.38 -3.32
N TYR B 342 13.32 42.40 -4.04
CA TYR B 342 11.95 42.45 -4.48
C TYR B 342 11.81 42.20 -5.97
N LYS B 343 11.00 41.21 -6.31
CA LYS B 343 10.75 40.84 -7.70
C LYS B 343 10.09 42.01 -8.45
N HIS B 344 10.84 42.63 -9.36
CA HIS B 344 10.36 43.75 -10.17
C HIS B 344 10.73 43.64 -11.64
N ILE B 345 10.06 44.45 -12.45
CA ILE B 345 10.29 44.46 -13.88
C ILE B 345 11.52 45.28 -14.28
N CYS B 346 12.47 44.69 -14.99
CA CYS B 346 13.58 45.51 -15.46
C CYS B 346 13.92 45.22 -16.92
N GLN B 347 14.50 46.22 -17.57
CA GLN B 347 14.85 46.17 -18.98
C GLN B 347 16.24 45.64 -19.29
N PHE B 348 16.31 44.85 -20.36
CA PHE B 348 17.55 44.27 -20.83
C PHE B 348 17.75 44.57 -22.31
N GLN B 349 19.00 44.47 -22.73
CA GLN B 349 19.38 44.66 -24.12
C GLN B 349 19.77 43.28 -24.63
N LYS B 350 19.61 43.04 -25.93
CA LYS B 350 20.00 41.76 -26.50
C LYS B 350 21.40 41.38 -25.99
N ASP B 351 22.38 42.24 -26.23
CA ASP B 351 23.73 41.96 -25.75
C ASP B 351 23.83 42.28 -24.27
N ARG B 352 24.49 41.42 -23.50
CA ARG B 352 24.64 41.66 -22.06
C ARG B 352 25.62 42.81 -21.84
N LYS B 353 25.52 43.44 -20.67
CA LYS B 353 26.40 44.55 -20.32
C LYS B 353 27.07 44.22 -18.99
N PRO B 354 28.37 44.52 -18.86
CA PRO B 354 29.11 44.23 -17.62
C PRO B 354 28.55 44.81 -16.31
N GLU B 355 27.81 43.97 -15.58
CA GLU B 355 27.19 44.34 -14.30
C GLU B 355 26.24 45.53 -14.34
N GLN B 356 25.45 45.61 -15.41
CA GLN B 356 24.46 46.67 -15.60
C GLN B 356 23.48 46.17 -16.66
N VAL B 357 23.32 44.85 -16.75
CA VAL B 357 22.44 44.27 -17.76
C VAL B 357 21.00 44.74 -17.55
N CYS B 358 20.65 45.13 -16.33
CA CYS B 358 19.30 45.58 -16.06
C CYS B 358 19.11 47.02 -15.64
N THR B 359 17.90 47.51 -15.94
CA THR B 359 17.49 48.85 -15.58
C THR B 359 16.07 48.61 -15.07
N PHE B 360 15.88 48.76 -13.77
CA PHE B 360 14.55 48.53 -13.22
C PHE B 360 13.52 49.58 -13.59
N ILE B 361 12.32 49.12 -13.87
CA ILE B 361 11.22 49.98 -14.24
C ILE B 361 10.21 50.02 -13.11
N THR B 362 10.49 49.27 -12.06
CA THR B 362 9.61 49.20 -10.91
C THR B 362 10.41 49.09 -9.61
N LYS B 363 10.00 49.83 -8.59
CA LYS B 363 10.68 49.83 -7.30
C LYS B 363 9.61 49.71 -6.21
N GLY B 364 10.02 49.35 -5.00
CA GLY B 364 9.06 49.24 -3.91
C GLY B 364 8.99 47.94 -3.13
N ALA B 365 8.42 48.02 -1.94
CA ALA B 365 8.27 46.85 -1.08
C ALA B 365 6.96 46.14 -1.44
N TRP B 366 6.96 45.59 -2.64
CA TRP B 366 5.84 44.85 -3.17
C TRP B 366 6.44 44.22 -4.41
N GLU B 367 5.75 43.27 -5.03
CA GLU B 367 6.32 42.63 -6.20
C GLU B 367 5.42 42.55 -7.41
N VAL B 368 6.04 42.45 -8.59
CA VAL B 368 5.27 42.32 -9.80
C VAL B 368 5.01 40.82 -9.91
N ILE B 369 3.74 40.45 -10.02
CA ILE B 369 3.38 39.05 -10.12
C ILE B 369 3.68 38.49 -11.50
N SER B 370 3.34 39.24 -12.54
CA SER B 370 3.56 38.77 -13.89
C SER B 370 3.31 39.82 -14.96
N ILE B 371 4.08 39.74 -16.03
CA ILE B 371 3.93 40.65 -17.16
C ILE B 371 2.83 40.07 -18.07
N GLU B 372 1.75 40.82 -18.26
CA GLU B 372 0.61 40.35 -19.06
C GLU B 372 0.60 40.70 -20.55
N ALA B 373 1.27 41.78 -20.92
CA ALA B 373 1.32 42.18 -22.32
C ALA B 373 2.34 43.29 -22.55
N LEU B 374 2.97 43.26 -23.71
CA LEU B 374 3.95 44.27 -24.07
C LEU B 374 3.59 44.86 -25.42
N THR B 375 3.20 46.12 -25.39
CA THR B 375 2.82 46.87 -26.58
C THR B 375 4.01 47.69 -27.02
N SER B 376 3.88 48.36 -28.15
CA SER B 376 4.95 49.20 -28.67
C SER B 376 5.15 50.42 -27.76
N ASP B 377 4.12 50.73 -26.97
CA ASP B 377 4.15 51.88 -26.08
C ASP B 377 3.83 51.59 -24.61
N TYR B 378 3.11 50.51 -24.36
CA TYR B 378 2.72 50.16 -23.00
C TYR B 378 3.14 48.77 -22.55
N LEU B 379 3.32 48.63 -21.23
CA LEU B 379 3.66 47.36 -20.63
C LEU B 379 2.62 47.08 -19.54
N TYR B 380 1.75 46.09 -19.77
CA TYR B 380 0.71 45.73 -18.80
C TYR B 380 1.22 44.63 -17.88
N TYR B 381 1.00 44.80 -16.58
CA TYR B 381 1.44 43.79 -15.63
C TYR B 381 0.48 43.68 -14.45
N ILE B 382 0.78 42.78 -13.53
CA ILE B 382 -0.05 42.57 -12.35
C ILE B 382 0.82 42.59 -11.11
N SER B 383 0.40 43.33 -10.09
CA SER B 383 1.17 43.39 -8.86
C SER B 383 0.27 43.43 -7.62
N ASN B 384 0.92 43.38 -6.46
CA ASN B 384 0.21 43.42 -5.19
C ASN B 384 0.65 44.68 -4.47
N GLU B 385 0.86 45.74 -5.25
CA GLU B 385 1.29 47.02 -4.72
C GLU B 385 0.17 47.73 -3.97
N TYR B 386 -1.02 47.75 -4.56
CA TYR B 386 -2.15 48.43 -3.96
C TYR B 386 -2.42 48.10 -2.50
N LYS B 387 -2.66 49.16 -1.72
CA LYS B 387 -2.94 49.06 -0.28
C LYS B 387 -1.92 48.22 0.48
N GLU B 388 -0.78 47.97 -0.14
CA GLU B 388 0.28 47.18 0.47
C GLU B 388 -0.22 45.80 0.89
N MET B 389 -1.14 45.25 0.10
CA MET B 389 -1.69 43.92 0.35
C MET B 389 -1.01 42.90 -0.55
N PRO B 390 -0.05 42.14 -0.01
CA PRO B 390 0.65 41.15 -0.82
C PRO B 390 -0.32 40.07 -1.29
N GLY B 391 -1.42 39.92 -0.55
CA GLY B 391 -2.43 38.94 -0.91
C GLY B 391 -3.45 39.48 -1.90
N GLY B 392 -3.18 40.66 -2.46
CA GLY B 392 -4.09 41.26 -3.42
C GLY B 392 -3.51 41.27 -4.82
N ARG B 393 -4.37 41.33 -5.83
CA ARG B 393 -3.94 41.34 -7.23
C ARG B 393 -4.58 42.46 -8.05
N ASN B 394 -3.75 43.35 -8.61
CA ASN B 394 -4.26 44.45 -9.45
C ASN B 394 -3.51 44.66 -10.76
N LEU B 395 -4.25 45.04 -11.80
CA LEU B 395 -3.68 45.29 -13.13
C LEU B 395 -3.15 46.69 -13.30
N TYR B 396 -1.90 46.80 -13.74
CA TYR B 396 -1.27 48.09 -13.95
C TYR B 396 -0.79 48.22 -15.38
N LYS B 397 -0.25 49.39 -15.71
CA LYS B 397 0.29 49.61 -17.05
C LYS B 397 1.24 50.80 -17.06
N ILE B 398 2.42 50.62 -17.66
CA ILE B 398 3.40 51.68 -17.74
C ILE B 398 3.69 52.04 -19.19
N GLN B 399 3.83 53.34 -19.44
CA GLN B 399 4.15 53.82 -20.78
C GLN B 399 5.66 53.62 -20.92
N LEU B 400 6.06 52.97 -22.01
CA LEU B 400 7.46 52.70 -22.23
C LEU B 400 8.29 53.98 -22.39
N THR B 401 7.80 54.89 -23.22
CA THR B 401 8.49 56.16 -23.46
C THR B 401 8.59 57.05 -22.21
N ASP B 402 7.68 56.86 -21.27
CA ASP B 402 7.65 57.64 -20.03
C ASP B 402 7.28 56.73 -18.86
N HIS B 403 8.28 56.25 -18.13
CA HIS B 403 8.05 55.33 -17.00
C HIS B 403 7.28 55.93 -15.84
N THR B 404 6.88 57.19 -15.96
CA THR B 404 6.13 57.83 -14.89
C THR B 404 4.64 57.61 -15.11
N ASN B 405 4.24 57.54 -16.38
CA ASN B 405 2.84 57.35 -16.75
C ASN B 405 2.41 55.93 -16.36
N LYS B 406 2.49 55.65 -15.06
CA LYS B 406 2.13 54.37 -14.46
C LYS B 406 0.73 54.50 -13.88
N LYS B 407 -0.18 53.63 -14.30
CA LYS B 407 -1.56 53.73 -13.83
C LYS B 407 -2.21 52.39 -13.50
N CYS B 408 -2.88 52.33 -12.35
CA CYS B 408 -3.60 51.12 -11.93
C CYS B 408 -4.94 51.16 -12.66
N LEU B 409 -5.35 50.03 -13.25
CA LEU B 409 -6.59 49.99 -13.99
C LEU B 409 -7.73 49.24 -13.31
N SER B 410 -7.47 48.58 -12.19
CA SER B 410 -8.52 47.82 -11.51
C SER B 410 -8.78 48.29 -10.08
N CYS B 411 -7.87 49.10 -9.55
CA CYS B 411 -7.95 49.64 -8.20
C CYS B 411 -9.30 50.25 -7.80
N ASP B 412 -9.82 51.17 -8.61
CA ASP B 412 -11.08 51.86 -8.32
C ASP B 412 -12.33 51.04 -8.54
N LEU B 413 -12.42 50.42 -9.71
CA LEU B 413 -13.57 49.61 -10.09
C LEU B 413 -14.58 49.22 -9.00
N ASN B 414 -14.18 48.36 -8.06
CA ASN B 414 -15.07 47.92 -6.98
C ASN B 414 -14.21 47.63 -5.77
N PRO B 415 -13.62 48.67 -5.16
CA PRO B 415 -12.75 48.51 -3.99
C PRO B 415 -13.31 47.65 -2.87
N GLU B 416 -14.64 47.54 -2.83
CA GLU B 416 -15.31 46.73 -1.81
C GLU B 416 -15.33 45.26 -2.19
N ARG B 417 -15.85 44.97 -3.38
CA ARG B 417 -15.99 43.61 -3.89
C ARG B 417 -14.73 43.02 -4.52
N CYS B 418 -13.97 43.85 -5.23
CA CYS B 418 -12.80 43.40 -5.95
C CYS B 418 -11.41 43.88 -5.54
N GLN B 419 -10.57 42.92 -5.15
CA GLN B 419 -9.20 43.20 -4.74
C GLN B 419 -8.21 42.18 -5.31
N TYR B 420 -8.74 41.15 -5.95
CA TYR B 420 -7.94 40.08 -6.55
C TYR B 420 -8.32 39.95 -8.01
N TYR B 421 -7.53 40.56 -8.89
CA TYR B 421 -7.83 40.50 -10.32
C TYR B 421 -7.00 39.55 -11.18
N SER B 422 -7.63 39.10 -12.25
CA SER B 422 -7.01 38.23 -13.25
C SER B 422 -7.28 39.05 -14.50
N VAL B 423 -6.47 38.92 -15.53
CA VAL B 423 -6.72 39.70 -16.74
C VAL B 423 -6.59 38.87 -17.99
N SER B 424 -7.01 39.42 -19.12
CA SER B 424 -6.92 38.74 -20.39
C SER B 424 -7.05 39.77 -21.49
N LEU B 425 -5.92 40.21 -22.02
CA LEU B 425 -5.95 41.21 -23.09
C LEU B 425 -6.13 40.58 -24.47
N SER B 426 -6.69 41.35 -25.40
CA SER B 426 -6.90 40.88 -26.76
C SER B 426 -5.54 40.82 -27.44
N LYS B 427 -5.49 40.19 -28.61
CA LYS B 427 -4.25 40.02 -29.34
C LYS B 427 -3.25 41.18 -29.31
N GLU B 428 -3.72 42.40 -29.56
CA GLU B 428 -2.81 43.53 -29.51
C GLU B 428 -3.21 44.56 -28.46
N ALA B 429 -3.91 44.08 -27.45
CA ALA B 429 -4.35 44.88 -26.32
C ALA B 429 -5.36 46.00 -26.59
N LYS B 430 -6.28 45.79 -27.53
CA LYS B 430 -7.26 46.83 -27.79
C LYS B 430 -8.33 46.76 -26.70
N TYR B 431 -8.54 45.58 -26.15
CA TYR B 431 -9.52 45.39 -25.09
C TYR B 431 -8.91 44.51 -24.02
N TYR B 432 -9.54 44.42 -22.87
CA TYR B 432 -9.03 43.56 -21.82
C TYR B 432 -10.15 43.13 -20.89
N GLN B 433 -10.29 41.83 -20.71
CA GLN B 433 -11.30 41.28 -19.83
C GLN B 433 -10.70 41.27 -18.44
N LEU B 434 -11.50 41.59 -17.44
CA LEU B 434 -11.02 41.58 -16.08
C LEU B 434 -11.75 40.50 -15.33
N GLY B 435 -11.01 39.80 -14.49
CA GLY B 435 -11.57 38.74 -13.69
C GLY B 435 -11.39 39.08 -12.23
N CYS B 436 -12.47 39.57 -11.64
CA CYS B 436 -12.47 39.92 -10.23
C CYS B 436 -12.70 38.62 -9.45
N ARG B 437 -11.66 38.12 -8.81
CA ARG B 437 -11.76 36.90 -8.00
C ARG B 437 -11.92 37.43 -6.59
N GLY B 438 -11.72 38.75 -6.51
CA GLY B 438 -11.80 39.53 -5.27
C GLY B 438 -12.64 39.02 -4.14
N PRO B 439 -12.58 39.69 -2.98
CA PRO B 439 -13.32 39.33 -1.77
C PRO B 439 -14.76 38.88 -1.98
N GLY B 440 -15.52 39.67 -2.75
CA GLY B 440 -16.91 39.33 -3.02
C GLY B 440 -17.09 38.35 -4.16
N LEU B 441 -18.34 38.03 -4.51
CA LEU B 441 -18.57 37.10 -5.60
C LEU B 441 -17.83 37.61 -6.82
N PRO B 442 -17.10 36.71 -7.52
CA PRO B 442 -16.33 37.08 -8.71
C PRO B 442 -17.13 37.84 -9.78
N LEU B 443 -16.51 38.89 -10.31
CA LEU B 443 -17.13 39.74 -11.33
C LEU B 443 -16.28 39.89 -12.58
N TYR B 444 -16.85 39.52 -13.72
CA TYR B 444 -16.13 39.60 -14.98
C TYR B 444 -16.67 40.69 -15.89
N THR B 445 -15.76 41.56 -16.32
CA THR B 445 -16.12 42.67 -17.18
C THR B 445 -15.04 42.93 -18.22
N LEU B 446 -15.44 43.29 -19.43
CA LEU B 446 -14.44 43.60 -20.45
C LEU B 446 -14.41 45.12 -20.66
N HIS B 447 -13.23 45.64 -20.93
CA HIS B 447 -13.02 47.08 -21.11
C HIS B 447 -12.31 47.42 -22.42
N ARG B 448 -12.46 48.66 -22.88
CA ARG B 448 -11.75 49.10 -24.08
C ARG B 448 -10.43 49.67 -23.55
N SER B 449 -9.33 49.14 -24.04
CA SER B 449 -8.00 49.55 -23.60
C SER B 449 -7.69 51.05 -23.54
N THR B 450 -8.04 51.77 -24.60
CA THR B 450 -7.80 53.22 -24.73
C THR B 450 -8.10 54.07 -23.50
N ASP B 451 -9.36 54.05 -23.07
CA ASP B 451 -9.81 54.84 -21.93
C ASP B 451 -10.33 54.01 -20.75
N GLN B 452 -10.11 52.71 -20.80
CA GLN B 452 -10.55 51.82 -19.72
C GLN B 452 -12.07 51.82 -19.50
N LYS B 453 -12.82 52.30 -20.49
CA LYS B 453 -14.27 52.32 -20.34
C LYS B 453 -14.83 50.90 -20.32
N GLU B 454 -15.54 50.57 -19.25
CA GLU B 454 -16.13 49.24 -19.17
C GLU B 454 -17.22 49.14 -20.23
N LEU B 455 -16.98 48.33 -21.26
CA LEU B 455 -17.96 48.17 -22.32
C LEU B 455 -19.21 47.48 -21.79
N ARG B 456 -19.04 46.52 -20.88
CA ARG B 456 -20.17 45.81 -20.29
C ARG B 456 -19.71 44.78 -19.28
N VAL B 457 -20.68 44.27 -18.52
CA VAL B 457 -20.40 43.25 -17.52
C VAL B 457 -20.65 41.90 -18.19
N LEU B 458 -19.63 41.05 -18.17
CA LEU B 458 -19.70 39.74 -18.78
C LEU B 458 -20.38 38.72 -17.89
N GLU B 459 -20.10 38.82 -16.60
CA GLU B 459 -20.69 37.92 -15.64
C GLU B 459 -20.55 38.46 -14.21
N ASP B 460 -21.69 38.61 -13.55
CA ASP B 460 -21.76 39.07 -12.17
C ASP B 460 -22.58 37.97 -11.53
N ASN B 461 -22.02 37.24 -10.59
CA ASN B 461 -22.77 36.13 -10.01
C ASN B 461 -24.03 36.52 -9.26
N SER B 462 -24.95 37.15 -9.97
CA SER B 462 -26.22 37.57 -9.39
C SER B 462 -27.07 36.37 -9.04
N ALA B 463 -26.96 35.31 -9.84
CA ALA B 463 -27.73 34.10 -9.58
C ALA B 463 -27.20 33.44 -8.31
N LEU B 464 -25.87 33.32 -8.24
CA LEU B 464 -25.26 32.74 -7.07
C LEU B 464 -25.63 33.62 -5.87
N ASP B 465 -25.64 34.93 -6.12
CA ASP B 465 -25.97 35.89 -5.07
C ASP B 465 -27.37 35.67 -4.51
N LYS B 466 -28.34 35.45 -5.39
CA LYS B 466 -29.72 35.23 -4.97
C LYS B 466 -29.86 34.01 -4.11
N MET B 467 -29.13 32.95 -4.46
CA MET B 467 -29.19 31.70 -3.70
C MET B 467 -28.53 31.82 -2.32
N LEU B 468 -27.45 32.58 -2.25
CA LEU B 468 -26.73 32.76 -1.00
C LEU B 468 -27.44 33.69 -0.02
N GLN B 469 -28.56 34.24 -0.46
CA GLN B 469 -29.34 35.14 0.39
C GLN B 469 -29.97 34.36 1.52
N ASP B 470 -30.56 33.20 1.19
CA ASP B 470 -31.22 32.36 2.16
C ASP B 470 -30.26 31.42 2.89
N VAL B 471 -28.98 31.78 2.90
CA VAL B 471 -27.98 30.95 3.56
C VAL B 471 -27.03 31.76 4.44
N GLN B 472 -26.79 31.28 5.65
CA GLN B 472 -25.89 31.94 6.58
C GLN B 472 -24.44 31.69 6.19
N MET B 473 -23.89 32.55 5.33
CA MET B 473 -22.51 32.41 4.88
C MET B 473 -21.53 32.95 5.90
N PRO B 474 -20.31 32.40 5.93
CA PRO B 474 -19.31 32.90 6.89
C PRO B 474 -18.60 34.10 6.26
N SER B 475 -17.78 34.80 7.03
CA SER B 475 -17.08 35.95 6.50
C SER B 475 -15.58 35.65 6.44
N LYS B 476 -14.84 36.41 5.65
CA LYS B 476 -13.41 36.18 5.55
C LYS B 476 -12.66 37.44 5.95
N LYS B 477 -11.79 37.30 6.93
CA LYS B 477 -10.99 38.42 7.38
C LYS B 477 -9.56 38.22 6.87
N LEU B 478 -9.00 39.26 6.27
CA LEU B 478 -7.63 39.18 5.77
C LEU B 478 -6.82 40.31 6.38
N ASP B 479 -6.05 40.00 7.41
CA ASP B 479 -5.25 41.02 8.05
C ASP B 479 -3.81 40.56 8.22
N PHE B 480 -3.11 41.19 9.15
CA PHE B 480 -1.73 40.82 9.37
C PHE B 480 -1.30 40.98 10.82
N ILE B 481 -0.37 40.14 11.22
CA ILE B 481 0.20 40.13 12.54
C ILE B 481 1.59 40.69 12.31
N VAL B 482 2.29 41.06 13.37
CA VAL B 482 3.64 41.57 13.19
C VAL B 482 4.58 40.90 14.18
N LEU B 483 5.56 40.17 13.64
CA LEU B 483 6.54 39.46 14.44
C LEU B 483 7.90 40.08 14.12
N ASN B 484 8.77 40.17 15.13
CA ASN B 484 10.11 40.72 14.97
C ASN B 484 10.19 41.88 13.96
N GLU B 485 9.28 42.84 14.09
CA GLU B 485 9.28 44.02 13.21
C GLU B 485 8.84 43.76 11.77
N THR B 486 8.15 42.65 11.50
CA THR B 486 7.72 42.36 10.13
C THR B 486 6.25 42.00 10.00
N ARG B 487 5.63 42.47 8.93
CA ARG B 487 4.22 42.16 8.69
C ARG B 487 4.16 40.73 8.18
N PHE B 488 3.15 39.99 8.63
CA PHE B 488 2.93 38.62 8.19
C PHE B 488 1.43 38.46 8.10
N TRP B 489 0.92 38.36 6.88
CA TRP B 489 -0.50 38.23 6.68
C TRP B 489 -1.12 36.89 7.00
N TYR B 490 -2.39 36.93 7.42
CA TYR B 490 -3.13 35.73 7.75
C TYR B 490 -4.54 35.98 7.28
N GLN B 491 -5.35 34.93 7.26
CA GLN B 491 -6.73 35.10 6.86
C GLN B 491 -7.56 34.17 7.74
N MET B 492 -8.78 34.58 8.02
CA MET B 492 -9.67 33.78 8.85
C MET B 492 -11.05 33.69 8.25
N ILE B 493 -11.58 32.47 8.26
CA ILE B 493 -12.92 32.22 7.77
C ILE B 493 -13.73 32.17 9.04
N LEU B 494 -14.42 33.27 9.33
CA LEU B 494 -15.23 33.40 10.54
C LEU B 494 -16.65 32.91 10.32
N PRO B 495 -17.15 32.10 11.25
CA PRO B 495 -18.52 31.59 11.13
C PRO B 495 -19.53 32.74 11.09
N PRO B 496 -20.68 32.53 10.45
CA PRO B 496 -21.74 33.51 10.31
C PRO B 496 -21.79 34.68 11.31
N HIS B 497 -22.61 34.57 12.34
CA HIS B 497 -22.77 35.65 13.32
C HIS B 497 -21.63 35.75 14.32
N PHE B 498 -20.40 35.70 13.80
CA PHE B 498 -19.20 35.75 14.63
C PHE B 498 -19.22 36.80 15.73
N ASP B 499 -19.10 36.31 16.96
CA ASP B 499 -19.11 37.16 18.15
C ASP B 499 -17.77 37.13 18.85
N LYS B 500 -17.02 38.22 18.70
CA LYS B 500 -15.68 38.39 19.28
C LYS B 500 -15.56 38.09 20.79
N SER B 501 -16.68 37.99 21.47
CA SER B 501 -16.66 37.74 22.91
C SER B 501 -16.71 36.25 23.25
N LYS B 502 -17.22 35.44 22.33
CA LYS B 502 -17.30 34.00 22.57
C LYS B 502 -15.98 33.30 22.22
N LYS B 503 -15.97 31.99 22.40
CA LYS B 503 -14.80 31.18 22.11
C LYS B 503 -15.14 30.16 21.03
N TYR B 504 -14.28 30.09 20.01
CA TYR B 504 -14.50 29.16 18.92
C TYR B 504 -13.31 28.23 18.74
N PRO B 505 -13.56 27.02 18.18
CA PRO B 505 -12.45 26.10 17.96
C PRO B 505 -11.70 26.60 16.73
N LEU B 506 -10.39 26.38 16.70
CA LEU B 506 -9.58 26.84 15.59
C LEU B 506 -8.93 25.73 14.77
N LEU B 507 -9.02 25.87 13.45
CA LEU B 507 -8.43 24.92 12.51
C LEU B 507 -7.44 25.69 11.62
N ILE B 508 -6.16 25.37 11.75
CA ILE B 508 -5.16 26.01 10.92
C ILE B 508 -5.11 25.26 9.60
N ASP B 509 -5.25 25.99 8.50
CA ASP B 509 -5.19 25.40 7.18
C ASP B 509 -3.76 25.67 6.72
N VAL B 510 -3.01 24.61 6.39
CA VAL B 510 -1.62 24.80 5.95
C VAL B 510 -1.14 24.24 4.64
N TYR B 511 -0.07 24.88 4.20
CA TYR B 511 0.69 24.52 3.02
C TYR B 511 2.06 25.06 3.41
N ALA B 512 2.25 26.36 3.26
CA ALA B 512 3.50 27.00 3.64
C ALA B 512 4.74 26.50 2.92
N GLY B 513 4.58 26.08 1.67
CA GLY B 513 5.73 25.63 0.92
C GLY B 513 6.45 26.89 0.46
N PRO B 514 7.66 26.77 -0.10
CA PRO B 514 8.38 27.96 -0.55
C PRO B 514 7.58 28.80 -1.56
N CYS B 515 7.51 30.10 -1.31
CA CYS B 515 6.82 31.02 -2.20
C CYS B 515 5.31 30.73 -2.33
N SER B 516 4.73 30.20 -1.27
CA SER B 516 3.31 29.88 -1.26
C SER B 516 2.55 31.04 -0.65
N GLN B 517 1.23 31.05 -0.83
CA GLN B 517 0.42 32.10 -0.27
C GLN B 517 -0.99 31.63 0.04
N LYS B 518 -1.26 31.35 1.29
CA LYS B 518 -2.58 30.88 1.67
C LYS B 518 -3.52 32.00 2.09
N ALA B 519 -2.95 33.15 2.45
CA ALA B 519 -3.72 34.32 2.87
C ALA B 519 -3.87 35.32 1.71
N ASP B 520 -5.06 35.38 1.12
CA ASP B 520 -5.27 36.32 0.01
C ASP B 520 -6.70 36.86 -0.02
N ALA B 521 -7.00 37.64 -1.05
CA ALA B 521 -8.32 38.25 -1.18
C ALA B 521 -9.24 37.54 -2.16
N ALA B 522 -9.01 36.25 -2.41
CA ALA B 522 -9.87 35.54 -3.36
C ALA B 522 -11.09 34.95 -2.68
N PHE B 523 -12.21 34.91 -3.41
CA PHE B 523 -13.45 34.36 -2.88
C PHE B 523 -13.48 32.85 -3.14
N ARG B 524 -13.97 32.09 -2.18
CA ARG B 524 -14.02 30.65 -2.36
C ARG B 524 -15.17 29.97 -1.65
N LEU B 525 -15.62 28.86 -2.23
CA LEU B 525 -16.68 28.05 -1.65
C LEU B 525 -16.13 26.65 -1.48
N ASN B 526 -15.35 26.46 -0.41
CA ASN B 526 -14.72 25.17 -0.15
C ASN B 526 -15.20 24.52 1.14
N TRP B 527 -14.36 23.63 1.67
CA TRP B 527 -14.67 22.90 2.88
C TRP B 527 -14.67 23.84 4.09
N ALA B 528 -13.72 24.77 4.12
CA ALA B 528 -13.63 25.71 5.24
C ALA B 528 -14.95 26.48 5.36
N THR B 529 -15.62 26.68 4.23
CA THR B 529 -16.88 27.40 4.24
C THR B 529 -17.85 26.61 5.10
N TYR B 530 -17.96 25.31 4.82
CA TYR B 530 -18.85 24.44 5.59
C TYR B 530 -18.40 24.40 7.05
N LEU B 531 -17.12 24.26 7.27
CA LEU B 531 -16.61 24.19 8.63
C LEU B 531 -17.01 25.40 9.48
N ALA B 532 -17.09 26.57 8.86
CA ALA B 532 -17.46 27.78 9.58
C ALA B 532 -18.97 27.95 9.65
N SER B 533 -19.62 27.82 8.50
CA SER B 533 -21.06 27.98 8.43
C SER B 533 -21.86 27.01 9.27
N THR B 534 -21.48 25.74 9.27
CA THR B 534 -22.25 24.74 10.00
C THR B 534 -21.65 24.17 11.28
N GLU B 535 -20.32 24.22 11.42
CA GLU B 535 -19.69 23.66 12.61
C GLU B 535 -19.20 24.76 13.54
N ASN B 536 -19.33 26.01 13.10
CA ASN B 536 -18.89 27.17 13.86
C ASN B 536 -17.41 27.09 14.23
N ILE B 537 -16.60 26.66 13.26
CA ILE B 537 -15.17 26.54 13.50
C ILE B 537 -14.46 27.64 12.72
N ILE B 538 -13.41 28.21 13.31
CA ILE B 538 -12.65 29.24 12.64
C ILE B 538 -11.49 28.61 11.87
N VAL B 539 -11.50 28.78 10.55
CA VAL B 539 -10.43 28.25 9.71
C VAL B 539 -9.45 29.37 9.37
N ALA B 540 -8.21 29.25 9.82
CA ALA B 540 -7.21 30.29 9.57
C ALA B 540 -5.94 29.80 8.85
N SER B 541 -5.42 30.64 7.96
CA SER B 541 -4.20 30.33 7.22
C SER B 541 -3.21 31.45 7.52
N PHE B 542 -1.93 31.12 7.60
CA PHE B 542 -0.90 32.13 7.90
C PHE B 542 0.32 32.01 6.98
N ASP B 543 0.62 33.08 6.24
CA ASP B 543 1.79 33.09 5.35
C ASP B 543 3.02 33.58 6.12
N GLY B 544 3.78 32.62 6.67
CA GLY B 544 4.98 32.95 7.44
C GLY B 544 6.26 32.99 6.63
N ARG B 545 7.38 32.79 7.30
CA ARG B 545 8.65 32.84 6.59
C ARG B 545 8.79 31.77 5.52
N GLY B 546 9.43 32.15 4.43
CA GLY B 546 9.62 31.25 3.31
C GLY B 546 8.43 31.39 2.37
N SER B 547 7.42 32.13 2.83
CA SER B 547 6.22 32.29 2.03
C SER B 547 6.26 33.32 0.90
N GLY B 548 5.08 33.43 0.29
CA GLY B 548 4.75 34.32 -0.82
C GLY B 548 5.58 35.39 -1.48
N TYR B 549 4.85 36.37 -1.98
CA TYR B 549 5.37 37.50 -2.77
C TYR B 549 5.63 38.76 -1.96
N GLN B 550 6.59 38.69 -1.05
CA GLN B 550 6.93 39.81 -0.20
C GLN B 550 8.44 40.00 -0.12
N GLY B 551 9.13 39.68 -1.22
CA GLY B 551 10.57 39.84 -1.22
C GLY B 551 11.34 38.60 -0.80
N ASP B 552 12.57 38.51 -1.29
CA ASP B 552 13.43 37.37 -1.02
C ASP B 552 13.79 37.19 0.46
N LYS B 553 13.86 38.28 1.22
CA LYS B 553 14.22 38.14 2.63
C LYS B 553 13.28 37.13 3.29
N ILE B 554 11.99 37.30 3.05
CA ILE B 554 11.00 36.41 3.60
C ILE B 554 11.01 35.03 2.91
N MET B 555 11.02 35.02 1.58
CA MET B 555 11.01 33.76 0.85
C MET B 555 12.28 32.90 1.01
N HIS B 556 13.46 33.50 0.96
CA HIS B 556 14.69 32.73 1.08
C HIS B 556 15.08 32.38 2.52
N ALA B 557 14.24 32.76 3.48
CA ALA B 557 14.56 32.49 4.89
C ALA B 557 14.65 31.00 5.18
N ILE B 558 13.97 30.23 4.34
CA ILE B 558 13.91 28.78 4.46
C ILE B 558 15.06 28.03 3.81
N ASN B 559 15.80 28.73 2.93
CA ASN B 559 16.90 28.12 2.20
C ASN B 559 17.77 27.11 2.92
N LYS B 560 17.92 25.94 2.31
CA LYS B 560 18.74 24.84 2.84
C LYS B 560 18.24 24.27 4.17
N ARG B 561 17.06 24.69 4.61
CA ARG B 561 16.54 24.22 5.88
C ARG B 561 15.01 24.18 5.98
N LEU B 562 14.39 23.34 5.16
CA LEU B 562 12.95 23.17 5.18
C LEU B 562 12.62 22.49 6.51
N GLY B 563 11.34 22.51 6.90
CA GLY B 563 10.95 21.89 8.15
C GLY B 563 11.42 22.68 9.36
N THR B 564 11.74 23.95 9.13
CA THR B 564 12.24 24.82 10.18
C THR B 564 11.33 26.01 10.47
N LEU B 565 11.80 27.20 10.09
CA LEU B 565 11.08 28.43 10.32
C LEU B 565 9.62 28.42 9.87
N GLU B 566 9.34 27.87 8.69
CA GLU B 566 7.97 27.83 8.22
C GLU B 566 7.08 27.07 9.19
N VAL B 567 7.64 26.05 9.85
CA VAL B 567 6.87 25.27 10.82
C VAL B 567 6.69 26.09 12.10
N GLU B 568 7.80 26.59 12.66
CA GLU B 568 7.73 27.40 13.87
C GLU B 568 6.71 28.54 13.72
N ASP B 569 6.87 29.34 12.67
CA ASP B 569 6.00 30.47 12.39
C ASP B 569 4.54 30.05 12.34
N GLN B 570 4.29 28.80 11.98
CA GLN B 570 2.90 28.35 11.92
C GLN B 570 2.39 28.18 13.35
N ILE B 571 3.28 27.84 14.27
CA ILE B 571 2.91 27.68 15.67
C ILE B 571 2.75 29.08 16.29
N GLU B 572 3.74 29.93 16.08
CA GLU B 572 3.70 31.30 16.58
C GLU B 572 2.36 31.93 16.20
N ALA B 573 1.97 31.77 14.94
CA ALA B 573 0.72 32.33 14.46
C ALA B 573 -0.44 31.87 15.34
N ALA B 574 -0.49 30.57 15.65
CA ALA B 574 -1.56 30.04 16.48
C ALA B 574 -1.55 30.73 17.83
N ARG B 575 -0.36 30.90 18.40
CA ARG B 575 -0.21 31.56 19.70
C ARG B 575 -0.94 32.90 19.64
N GLN B 576 -0.59 33.70 18.62
CA GLN B 576 -1.17 35.02 18.40
C GLN B 576 -2.68 35.00 18.27
N PHE B 577 -3.19 34.02 17.53
CA PHE B 577 -4.63 33.91 17.34
C PHE B 577 -5.32 33.70 18.68
N LEU B 578 -4.63 33.02 19.59
CA LEU B 578 -5.19 32.77 20.91
C LEU B 578 -5.22 34.08 21.67
N LYS B 579 -4.13 34.83 21.60
CA LYS B 579 -4.05 36.12 22.26
C LYS B 579 -5.18 37.03 21.78
N MET B 580 -5.69 36.79 20.59
CA MET B 580 -6.77 37.62 20.05
C MET B 580 -8.08 37.45 20.83
N GLY B 581 -8.15 36.43 21.68
CA GLY B 581 -9.33 36.23 22.51
C GLY B 581 -10.43 35.25 22.13
N PHE B 582 -10.98 35.36 20.93
CA PHE B 582 -12.08 34.51 20.49
C PHE B 582 -11.76 33.05 20.15
N VAL B 583 -10.63 32.56 20.62
CA VAL B 583 -10.26 31.17 20.33
C VAL B 583 -10.18 30.31 21.57
N ASP B 584 -10.85 29.16 21.50
CA ASP B 584 -10.88 28.19 22.58
C ASP B 584 -9.54 27.43 22.60
N SER B 585 -8.60 27.86 23.44
CA SER B 585 -7.29 27.19 23.47
C SER B 585 -7.38 25.66 23.59
N LYS B 586 -8.50 25.15 24.09
CA LYS B 586 -8.68 23.72 24.26
C LYS B 586 -9.09 22.95 23.01
N ARG B 587 -9.35 23.66 21.93
CA ARG B 587 -9.72 23.01 20.69
C ARG B 587 -9.11 23.67 19.44
N VAL B 588 -7.80 23.43 19.27
CA VAL B 588 -7.04 23.95 18.14
C VAL B 588 -6.50 22.79 17.30
N ALA B 589 -6.81 22.80 16.01
CA ALA B 589 -6.34 21.74 15.11
C ALA B 589 -5.51 22.32 13.97
N ILE B 590 -5.04 21.44 13.08
CA ILE B 590 -4.22 21.85 11.95
C ILE B 590 -4.17 20.72 10.93
N TRP B 591 -4.38 21.05 9.65
CA TRP B 591 -4.34 20.05 8.59
C TRP B 591 -3.69 20.61 7.34
N GLY B 592 -3.10 19.72 6.55
CA GLY B 592 -2.44 20.15 5.33
C GLY B 592 -2.35 19.03 4.32
N TRP B 593 -2.12 19.42 3.07
CA TRP B 593 -2.02 18.49 1.97
C TRP B 593 -0.62 18.64 1.34
N SER B 594 -0.03 17.52 0.89
CA SER B 594 1.30 17.53 0.29
C SER B 594 2.34 18.22 1.21
N TYR B 595 2.85 19.38 0.80
CA TYR B 595 3.80 20.12 1.62
C TYR B 595 3.11 20.47 2.95
N GLY B 596 1.82 20.79 2.83
CA GLY B 596 1.01 21.14 3.98
C GLY B 596 0.92 19.99 4.97
N GLY B 597 0.72 18.78 4.47
CA GLY B 597 0.66 17.64 5.35
C GLY B 597 1.99 17.48 6.07
N TYR B 598 3.08 17.85 5.38
CA TYR B 598 4.41 17.77 5.95
C TYR B 598 4.51 18.68 7.17
N VAL B 599 4.13 19.94 6.98
CA VAL B 599 4.20 20.90 8.07
C VAL B 599 3.19 20.49 9.16
N THR B 600 1.98 20.13 8.77
CA THR B 600 0.99 19.70 9.74
C THR B 600 1.64 18.67 10.65
N SER B 601 2.31 17.70 10.02
CA SER B 601 2.97 16.63 10.76
C SER B 601 4.12 17.16 11.60
N MET B 602 4.95 18.01 11.01
CA MET B 602 6.07 18.58 11.74
C MET B 602 5.61 19.38 12.97
N VAL B 603 4.45 20.05 12.84
CA VAL B 603 3.85 20.83 13.92
C VAL B 603 3.35 19.89 15.02
N LEU B 604 2.48 18.96 14.65
CA LEU B 604 1.96 18.01 15.61
C LEU B 604 3.08 17.31 16.36
N GLY B 605 4.20 17.09 15.68
CA GLY B 605 5.32 16.41 16.31
C GLY B 605 6.34 17.30 16.98
N SER B 606 6.01 18.58 17.14
CA SER B 606 6.92 19.51 17.77
C SER B 606 6.77 19.52 19.28
N GLY B 607 5.70 18.92 19.79
CA GLY B 607 5.46 18.89 21.21
C GLY B 607 5.26 20.28 21.81
N SER B 608 4.75 21.21 20.99
CA SER B 608 4.52 22.57 21.45
C SER B 608 3.28 22.64 22.35
N GLY B 609 2.53 21.55 22.40
CA GLY B 609 1.33 21.53 23.23
C GLY B 609 0.20 22.42 22.75
N VAL B 610 0.46 23.26 21.75
CA VAL B 610 -0.55 24.17 21.23
C VAL B 610 -1.69 23.54 20.43
N PHE B 611 -1.46 22.37 19.82
CA PHE B 611 -2.51 21.72 19.04
C PHE B 611 -3.02 20.40 19.61
N LYS B 612 -4.31 20.17 19.47
CA LYS B 612 -4.97 18.98 19.99
C LYS B 612 -4.91 17.83 19.00
N CYS B 613 -5.20 18.14 17.74
CA CYS B 613 -5.20 17.14 16.69
C CYS B 613 -4.81 17.75 15.36
N GLY B 614 -4.73 16.89 14.35
CA GLY B 614 -4.38 17.34 13.03
C GLY B 614 -4.57 16.26 11.99
N ILE B 615 -4.60 16.67 10.74
CA ILE B 615 -4.77 15.76 9.63
C ILE B 615 -3.74 16.05 8.55
N ALA B 616 -2.93 15.06 8.22
CA ALA B 616 -1.92 15.20 7.18
C ALA B 616 -2.35 14.34 5.98
N VAL B 617 -2.52 14.97 4.82
CA VAL B 617 -2.92 14.25 3.62
C VAL B 617 -1.76 14.19 2.64
N ALA B 618 -1.38 12.96 2.27
CA ALA B 618 -0.28 12.70 1.33
C ALA B 618 0.91 13.59 1.66
N PRO B 619 1.38 13.51 2.90
CA PRO B 619 2.51 14.35 3.31
C PRO B 619 3.89 13.86 2.89
N VAL B 620 4.80 14.81 2.76
CA VAL B 620 6.17 14.47 2.48
C VAL B 620 6.66 14.21 3.91
N SER B 621 7.40 13.14 4.15
CA SER B 621 7.87 12.85 5.49
C SER B 621 9.38 13.05 5.64
N ARG B 622 10.12 12.92 4.55
CA ARG B 622 11.56 13.18 4.60
C ARG B 622 11.99 13.53 3.20
N TRP B 623 12.74 14.61 3.06
CA TRP B 623 13.12 15.09 1.75
C TRP B 623 13.86 14.19 0.78
N GLU B 624 14.54 13.16 1.25
CA GLU B 624 15.21 12.27 0.31
C GLU B 624 14.18 11.48 -0.51
N TYR B 625 12.95 11.42 -0.03
CA TYR B 625 11.90 10.69 -0.76
C TYR B 625 11.29 11.50 -1.89
N TYR B 626 11.41 12.82 -1.80
CA TYR B 626 10.81 13.65 -2.84
C TYR B 626 11.69 13.84 -4.06
N ASP B 627 11.10 14.31 -5.16
CA ASP B 627 11.87 14.48 -6.39
C ASP B 627 12.99 15.50 -6.29
N SER B 628 13.98 15.31 -7.13
CA SER B 628 15.17 16.17 -7.19
C SER B 628 14.97 17.66 -7.51
N VAL B 629 14.35 17.95 -8.64
CA VAL B 629 14.17 19.34 -9.04
C VAL B 629 13.58 20.21 -7.95
N TYR B 630 12.51 19.73 -7.32
CA TYR B 630 11.88 20.49 -6.26
C TYR B 630 12.74 20.51 -5.00
N THR B 631 12.99 19.34 -4.45
CA THR B 631 13.77 19.23 -3.23
C THR B 631 15.09 19.99 -3.26
N GLU B 632 15.94 19.65 -4.21
CA GLU B 632 17.27 20.28 -4.33
C GLU B 632 17.23 21.80 -4.45
N ARG B 633 16.21 22.32 -5.11
CA ARG B 633 16.05 23.76 -5.29
C ARG B 633 16.08 24.48 -3.96
N TYR B 634 15.56 23.85 -2.92
CA TYR B 634 15.51 24.46 -1.61
C TYR B 634 16.47 23.77 -0.65
N MET B 635 16.84 22.54 -0.94
CA MET B 635 17.71 21.81 -0.02
C MET B 635 19.11 21.44 -0.45
N GLY B 636 19.44 21.66 -1.73
CA GLY B 636 20.75 21.28 -2.20
C GLY B 636 20.78 19.76 -2.33
N LEU B 637 21.98 19.20 -2.41
CA LEU B 637 22.10 17.75 -2.53
C LEU B 637 22.26 17.11 -1.16
N PRO B 638 21.61 15.96 -0.94
CA PRO B 638 21.69 15.24 0.34
C PRO B 638 23.02 14.54 0.56
N THR B 639 24.12 15.24 0.33
CA THR B 639 25.43 14.65 0.49
C THR B 639 26.20 15.31 1.61
N PRO B 640 27.11 14.57 2.26
CA PRO B 640 27.89 15.15 3.35
C PRO B 640 28.69 16.35 2.86
N GLU B 641 28.88 16.44 1.56
CA GLU B 641 29.64 17.56 1.02
C GLU B 641 28.76 18.78 0.82
N ASP B 642 27.45 18.61 1.05
CA ASP B 642 26.51 19.71 0.91
C ASP B 642 25.57 19.87 2.10
N ASN B 643 24.34 19.36 1.98
CA ASN B 643 23.33 19.55 3.01
C ASN B 643 22.75 18.28 3.66
N LEU B 644 23.49 17.19 3.65
CA LEU B 644 23.00 15.94 4.23
C LEU B 644 22.47 16.08 5.65
N ASP B 645 23.16 16.86 6.47
CA ASP B 645 22.72 17.04 7.84
C ASP B 645 21.31 17.56 7.95
N HIS B 646 20.97 18.59 7.17
CA HIS B 646 19.61 19.14 7.23
C HIS B 646 18.56 18.20 6.64
N TYR B 647 18.97 17.34 5.71
CA TYR B 647 18.01 16.41 5.15
C TYR B 647 17.57 15.46 6.27
N ARG B 648 18.54 14.92 6.99
CA ARG B 648 18.26 13.99 8.05
C ARG B 648 17.70 14.60 9.33
N ASN B 649 17.85 15.91 9.49
CA ASN B 649 17.37 16.58 10.67
C ASN B 649 15.89 17.00 10.56
N SER B 650 15.37 17.08 9.34
CA SER B 650 13.99 17.50 9.13
C SER B 650 12.99 16.38 8.84
N THR B 651 13.24 15.21 9.41
CA THR B 651 12.38 14.05 9.23
C THR B 651 11.13 14.07 10.12
N VAL B 652 10.01 13.57 9.63
CA VAL B 652 8.80 13.53 10.45
C VAL B 652 8.94 12.37 11.42
N MET B 653 9.43 11.25 10.92
CA MET B 653 9.58 10.09 11.77
C MET B 653 10.50 10.32 12.96
N SER B 654 11.40 11.28 12.85
CA SER B 654 12.31 11.56 13.96
C SER B 654 11.60 12.23 15.13
N ARG B 655 10.34 12.62 14.93
CA ARG B 655 9.55 13.28 15.97
C ARG B 655 8.38 12.41 16.41
N ALA B 656 8.43 11.13 16.06
CA ALA B 656 7.39 10.17 16.39
C ALA B 656 6.94 10.28 17.85
N GLU B 657 7.90 10.36 18.76
CA GLU B 657 7.59 10.48 20.18
C GLU B 657 6.55 11.54 20.51
N ASN B 658 6.82 12.80 20.17
CA ASN B 658 5.88 13.87 20.48
C ASN B 658 4.44 13.70 19.98
N PHE B 659 4.19 12.64 19.23
CA PHE B 659 2.84 12.40 18.72
C PHE B 659 1.94 11.76 19.78
N LYS B 660 2.52 11.35 20.91
CA LYS B 660 1.73 10.73 21.97
C LYS B 660 0.76 11.74 22.57
N GLN B 661 1.03 13.02 22.35
CA GLN B 661 0.20 14.09 22.88
C GLN B 661 -0.76 14.65 21.83
N VAL B 662 -1.13 13.85 20.84
CA VAL B 662 -1.98 14.34 19.76
C VAL B 662 -2.85 13.28 19.11
N GLU B 663 -4.03 13.69 18.62
CA GLU B 663 -4.91 12.78 17.89
C GLU B 663 -4.46 13.06 16.44
N TYR B 664 -3.88 12.05 15.78
CA TYR B 664 -3.37 12.22 14.42
C TYR B 664 -4.10 11.38 13.39
N LEU B 665 -4.40 11.99 12.23
CA LEU B 665 -5.05 11.27 11.13
C LEU B 665 -4.16 11.38 9.89
N LEU B 666 -3.64 10.25 9.43
CA LEU B 666 -2.76 10.18 8.26
C LEU B 666 -3.53 9.58 7.07
N ILE B 667 -3.60 10.32 5.97
CA ILE B 667 -4.33 9.85 4.80
C ILE B 667 -3.43 9.85 3.56
N HIS B 668 -3.50 8.80 2.75
CA HIS B 668 -2.65 8.75 1.54
C HIS B 668 -3.23 7.95 0.39
N GLY B 669 -2.96 8.40 -0.82
CA GLY B 669 -3.44 7.72 -2.01
C GLY B 669 -2.55 6.57 -2.43
N THR B 670 -3.17 5.44 -2.74
CA THR B 670 -2.45 4.24 -3.16
C THR B 670 -1.65 4.41 -4.44
N ALA B 671 -2.13 5.25 -5.34
CA ALA B 671 -1.46 5.44 -6.62
C ALA B 671 -0.79 6.80 -6.73
N ASP B 672 -0.38 7.38 -5.60
CA ASP B 672 0.27 8.68 -5.64
C ASP B 672 1.65 8.58 -6.33
N ASP B 673 1.76 9.12 -7.53
CA ASP B 673 3.01 9.10 -8.28
C ASP B 673 3.85 10.32 -7.95
N ASN B 674 3.28 11.27 -7.20
CA ASN B 674 4.00 12.49 -6.84
C ASN B 674 4.71 12.32 -5.50
N VAL B 675 3.92 12.26 -4.44
CA VAL B 675 4.46 12.03 -3.11
C VAL B 675 4.10 10.57 -2.91
N HIS B 676 5.09 9.71 -3.05
CA HIS B 676 4.86 8.28 -2.95
C HIS B 676 4.38 7.82 -1.59
N PHE B 677 3.51 6.81 -1.62
CA PHE B 677 2.90 6.21 -0.42
C PHE B 677 3.98 5.94 0.63
N GLN B 678 5.18 5.63 0.14
CA GLN B 678 6.33 5.35 0.97
C GLN B 678 6.45 6.38 2.08
N GLN B 679 6.27 7.65 1.74
CA GLN B 679 6.39 8.71 2.72
C GLN B 679 5.51 8.49 3.94
N SER B 680 4.24 8.15 3.72
CA SER B 680 3.34 7.91 4.85
C SER B 680 3.65 6.56 5.48
N ALA B 681 4.00 5.58 4.66
CA ALA B 681 4.33 4.24 5.13
C ALA B 681 5.48 4.32 6.12
N GLN B 682 6.37 5.26 5.85
CA GLN B 682 7.52 5.46 6.71
C GLN B 682 7.06 6.12 8.02
N ILE B 683 6.09 7.03 7.92
CA ILE B 683 5.56 7.71 9.09
C ILE B 683 4.84 6.72 10.01
N SER B 684 3.89 5.99 9.44
CA SER B 684 3.13 5.04 10.23
C SER B 684 4.08 4.07 10.94
N LYS B 685 5.10 3.60 10.23
CA LYS B 685 6.04 2.68 10.84
C LYS B 685 6.74 3.33 12.03
N ALA B 686 7.19 4.58 11.85
CA ALA B 686 7.87 5.31 12.93
C ALA B 686 6.98 5.43 14.17
N LEU B 687 5.71 5.78 13.97
CA LEU B 687 4.80 5.91 15.10
C LEU B 687 4.52 4.56 15.75
N VAL B 688 4.37 3.50 14.96
CA VAL B 688 4.11 2.17 15.48
C VAL B 688 5.28 1.70 16.35
N ASP B 689 6.49 2.04 15.93
CA ASP B 689 7.66 1.63 16.69
C ASP B 689 7.77 2.44 17.97
N ALA B 690 7.14 3.62 17.99
CA ALA B 690 7.17 4.48 19.16
C ALA B 690 6.00 4.16 20.09
N GLY B 691 5.09 3.31 19.61
CA GLY B 691 3.93 2.94 20.39
C GLY B 691 2.94 4.08 20.53
N VAL B 692 2.74 4.81 19.43
CA VAL B 692 1.83 5.93 19.41
C VAL B 692 0.60 5.61 18.61
N ASP B 693 -0.57 5.67 19.23
CA ASP B 693 -1.77 5.37 18.46
C ASP B 693 -2.10 6.56 17.59
N PHE B 694 -2.75 6.29 16.46
CA PHE B 694 -3.12 7.32 15.50
C PHE B 694 -4.11 6.69 14.54
N GLN B 695 -4.68 7.49 13.65
CA GLN B 695 -5.63 6.97 12.68
C GLN B 695 -5.09 7.10 11.27
N ALA B 696 -5.34 6.09 10.45
CA ALA B 696 -4.89 6.11 9.08
C ALA B 696 -6.03 5.82 8.13
N MET B 697 -5.80 6.12 6.85
CA MET B 697 -6.79 5.87 5.83
C MET B 697 -6.04 5.91 4.50
N TRP B 698 -6.18 4.83 3.74
CA TRP B 698 -5.54 4.75 2.44
C TRP B 698 -6.67 4.81 1.42
N TYR B 699 -6.39 5.36 0.25
CA TYR B 699 -7.41 5.42 -0.78
C TYR B 699 -6.96 4.65 -2.00
N THR B 700 -7.52 3.45 -2.15
CA THR B 700 -7.19 2.56 -3.24
C THR B 700 -7.25 3.23 -4.61
N ASP B 701 -6.12 3.16 -5.31
CA ASP B 701 -5.97 3.69 -6.65
C ASP B 701 -6.21 5.18 -6.83
N GLU B 702 -6.04 5.95 -5.77
CA GLU B 702 -6.21 7.39 -5.84
C GLU B 702 -4.89 8.09 -6.07
N ASP B 703 -4.96 9.18 -6.84
CA ASP B 703 -3.85 10.04 -7.21
C ASP B 703 -3.35 10.87 -6.02
N HIS B 704 -2.46 11.81 -6.30
CA HIS B 704 -1.92 12.69 -5.26
C HIS B 704 -2.99 13.69 -4.88
N GLY B 705 -4.04 13.76 -5.69
CA GLY B 705 -5.12 14.69 -5.42
C GLY B 705 -6.35 14.04 -4.84
N ILE B 706 -6.41 12.71 -4.82
CA ILE B 706 -7.57 11.99 -4.28
C ILE B 706 -8.81 12.76 -4.73
N ALA B 707 -8.84 13.10 -6.01
CA ALA B 707 -9.91 13.89 -6.58
C ALA B 707 -10.99 13.15 -7.38
N SER B 708 -10.97 11.83 -7.38
CA SER B 708 -12.03 11.12 -8.11
C SER B 708 -13.30 11.47 -7.36
N SER B 709 -14.43 11.51 -8.06
CA SER B 709 -15.69 11.89 -7.40
C SER B 709 -15.99 11.22 -6.03
N THR B 710 -16.13 9.89 -6.01
CA THR B 710 -16.43 9.19 -4.76
C THR B 710 -15.37 9.34 -3.67
N ALA B 711 -14.11 9.29 -4.06
CA ALA B 711 -13.02 9.41 -3.11
C ALA B 711 -13.00 10.81 -2.53
N HIS B 712 -13.21 11.80 -3.39
CA HIS B 712 -13.23 13.21 -2.96
C HIS B 712 -14.29 13.43 -1.87
N GLN B 713 -15.48 12.86 -2.07
CA GLN B 713 -16.54 13.01 -1.09
C GLN B 713 -16.19 12.24 0.18
N HIS B 714 -15.70 11.02 0.00
CA HIS B 714 -15.33 10.16 1.11
C HIS B 714 -14.25 10.76 2.02
N ILE B 715 -13.19 11.29 1.43
CA ILE B 715 -12.14 11.84 2.26
C ILE B 715 -12.59 13.06 3.07
N TYR B 716 -13.37 13.95 2.46
CA TYR B 716 -13.81 15.12 3.22
C TYR B 716 -14.80 14.76 4.32
N SER B 717 -15.64 13.77 4.08
CA SER B 717 -16.60 13.34 5.09
C SER B 717 -15.82 12.77 6.25
N HIS B 718 -14.81 11.96 5.91
CA HIS B 718 -13.98 11.31 6.92
C HIS B 718 -13.24 12.34 7.77
N MET B 719 -12.69 13.35 7.14
CA MET B 719 -11.97 14.37 7.88
C MET B 719 -12.97 15.15 8.74
N SER B 720 -14.15 15.41 8.19
CA SER B 720 -15.17 16.14 8.91
C SER B 720 -15.47 15.40 10.22
N HIS B 721 -15.70 14.10 10.12
CA HIS B 721 -15.97 13.27 11.30
C HIS B 721 -14.79 13.26 12.27
N PHE B 722 -13.57 13.29 11.73
CA PHE B 722 -12.39 13.27 12.58
C PHE B 722 -12.35 14.54 13.44
N LEU B 723 -12.73 15.65 12.82
CA LEU B 723 -12.74 16.92 13.52
C LEU B 723 -13.88 16.96 14.53
N GLN B 724 -15.01 16.39 14.15
CA GLN B 724 -16.14 16.37 15.06
C GLN B 724 -15.74 15.55 16.28
N GLN B 725 -15.07 14.43 16.08
CA GLN B 725 -14.62 13.64 17.22
C GLN B 725 -13.65 14.51 18.01
N CYS B 726 -12.58 14.96 17.36
CA CYS B 726 -11.58 15.76 18.06
C CYS B 726 -12.15 16.98 18.80
N PHE B 727 -13.11 17.68 18.20
CA PHE B 727 -13.69 18.87 18.81
C PHE B 727 -14.93 18.63 19.67
N SER B 728 -15.23 17.37 19.93
CA SER B 728 -16.39 16.98 20.76
C SER B 728 -17.75 17.45 20.24
N LEU B 729 -17.88 17.56 18.93
CA LEU B 729 -19.13 18.00 18.31
C LEU B 729 -20.04 16.79 18.05
N ARG B 730 -19.76 15.99 17.01
CA ARG B 730 -20.59 14.80 16.74
C ARG B 730 -20.17 13.72 17.73
C1 NAG C . 21.84 -42.13 36.24
C2 NAG C . 22.15 -43.63 36.27
C3 NAG C . 23.42 -43.92 35.44
C4 NAG C . 23.39 -43.24 34.07
C5 NAG C . 22.99 -41.75 34.21
C6 NAG C . 22.81 -40.96 32.92
C7 NAG C . 23.34 -43.77 38.41
C8 NAG C . 23.38 -44.34 39.83
N2 NAG C . 22.29 -44.11 37.64
O3 NAG C . 23.60 -45.33 35.27
O4 NAG C . 24.67 -43.35 33.48
O5 NAG C . 21.74 -41.66 34.89
O6 NAG C . 22.00 -39.81 33.14
O7 NAG C . 24.25 -43.03 38.03
C1 NAG D . 25.10 -21.46 33.41
C2 NAG D . 24.58 -21.87 34.83
C3 NAG D . 23.42 -20.96 35.41
C4 NAG D . 23.27 -19.57 34.73
C5 NAG D . 23.55 -19.68 33.24
C6 NAG D . 23.34 -18.39 32.45
C7 NAG D . 23.52 -23.96 35.71
C8 NAG D . 23.31 -25.45 35.47
N2 NAG D . 24.24 -23.30 34.79
O3 NAG D . 23.65 -20.72 36.80
O4 NAG D . 21.96 -19.05 34.94
O5 NAG D . 24.91 -20.07 33.10
O6 NAG D . 23.12 -18.66 31.07
O7 NAG D . 23.05 -23.43 36.72
C1 NAG E . 9.74 -27.31 -15.59
C2 NAG E . 10.85 -27.90 -16.47
C3 NAG E . 11.61 -26.74 -17.15
C4 NAG E . 10.58 -26.00 -18.01
C5 NAG E . 9.47 -25.45 -17.12
C6 NAG E . 8.40 -24.75 -17.93
C7 NAG E . 12.87 -28.51 -15.21
C8 NAG E . 13.56 -29.64 -14.45
N2 NAG E . 11.68 -28.83 -15.70
O3 NAG E . 12.66 -27.24 -17.96
O4 NAG E . 11.18 -24.96 -18.76
O5 NAG E . 8.83 -26.53 -16.39
O6 NAG E . 7.76 -25.64 -18.80
O7 NAG E . 13.42 -27.42 -15.35
C1 NAG F . -15.15 -34.62 -8.14
C2 NAG F . -16.30 -35.61 -8.30
C3 NAG F . -16.69 -35.66 -9.77
C4 NAG F . -17.30 -34.28 -10.07
C5 NAG F . -16.19 -33.25 -9.89
C6 NAG F . -16.74 -31.85 -10.10
C7 NAG F . -14.88 -37.55 -8.01
C8 NAG F . -14.64 -38.88 -7.30
N2 NAG F . -16.00 -36.90 -7.70
O3 NAG F . -17.64 -36.69 -9.97
O4 NAG F . -17.90 -34.19 -11.36
O5 NAG F . -15.62 -33.31 -8.54
O6 NAG F . -16.24 -30.92 -9.14
O7 NAG F . -14.06 -37.13 -8.84
C1 NAG G . -32.02 -25.12 9.55
C2 NAG G . -30.71 -24.66 8.93
C3 NAG G . -30.85 -23.15 8.73
C4 NAG G . -32.00 -22.90 7.73
C5 NAG G . -33.30 -23.64 8.13
C6 NAG G . -34.24 -23.72 6.94
C7 NAG G . -29.07 -24.34 10.71
C8 NAG G . -27.85 -24.89 11.42
N2 NAG G . -29.55 -25.07 9.71
O3 NAG G . -29.63 -22.60 8.23
O4 NAG G . -32.26 -21.50 7.63
O5 NAG G . -33.05 -25.02 8.55
O6 NAG G . -35.37 -24.53 7.22
O7 NAG G . -29.56 -23.27 11.06
C1 NAG H . -20.96 43.09 -35.23
C2 NAG H . -21.01 43.73 -36.66
C3 NAG H . -21.28 42.71 -37.80
C4 NAG H . -20.51 41.41 -37.58
C5 NAG H . -20.82 40.87 -36.18
C6 NAG H . -20.21 39.50 -35.91
C7 NAG H . -23.11 44.86 -37.39
C8 NAG H . -23.98 46.11 -37.27
N2 NAG H . -21.97 44.85 -36.68
O3 NAG H . -20.88 43.28 -39.06
O4 NAG H . -20.86 40.45 -38.57
O5 NAG H . -20.31 41.79 -35.20
O6 NAG H . -19.96 39.30 -34.54
O7 NAG H . -23.49 43.93 -38.11
C1 NAG I . -28.19 24.50 -27.63
C2 NAG I . -29.59 25.05 -28.04
C3 NAG I . -30.47 25.22 -26.78
C4 NAG I . -30.48 23.92 -25.93
C5 NAG I . -29.04 23.44 -25.67
C6 NAG I . -28.90 22.12 -24.95
C7 NAG I . -29.37 27.50 -28.27
C8 NAG I . -29.26 28.67 -29.24
N2 NAG I . -29.47 26.28 -28.83
O3 NAG I . -31.81 25.54 -27.15
O4 NAG I . -31.14 24.18 -24.69
O5 NAG I . -28.35 23.27 -26.93
O6 NAG I . -27.66 21.49 -25.27
O7 NAG I . -29.36 27.71 -27.07
C1 NAG J . 20.55 9.63 -23.84
C2 NAG J . 21.08 9.27 -25.23
C3 NAG J . 20.77 7.77 -25.43
C4 NAG J . 21.60 7.01 -24.39
C5 NAG J . 21.22 7.47 -22.96
C6 NAG J . 22.15 6.87 -21.91
C7 NAG J . 19.70 9.77 -27.19
C8 NAG J . 19.31 10.82 -28.22
N2 NAG J . 20.58 10.15 -26.27
O3 NAG J . 21.12 7.36 -26.74
O4 NAG J . 21.40 5.62 -24.52
O5 NAG J . 21.31 8.92 -22.85
O6 NAG J . 23.26 7.72 -21.66
O7 NAG J . 19.18 8.65 -27.23
C1 NAG K . 25.40 28.33 -5.04
C2 NAG K . 26.38 29.37 -4.53
C3 NAG K . 27.73 28.69 -4.42
C4 NAG K . 27.58 27.76 -3.23
C5 NAG K . 26.49 26.70 -3.58
C6 NAG K . 26.14 25.81 -2.39
C7 NAG K . 26.13 30.73 -6.56
C8 NAG K . 26.12 32.13 -7.15
N2 NAG K . 26.37 30.64 -5.25
O3 NAG K . 28.78 29.63 -4.19
O4 NAG K . 28.82 27.15 -2.88
O5 NAG K . 25.24 27.34 -4.02
O6 NAG K . 25.09 24.90 -2.70
O7 NAG K . 25.97 29.75 -7.28
C1 NAG L . 12.07 36.36 15.99
C2 NAG L . 12.11 35.29 14.91
C3 NAG L . 11.91 33.91 15.56
C4 NAG L . 12.99 33.68 16.62
C5 NAG L . 13.06 34.86 17.61
C6 NAG L . 14.30 34.76 18.48
C7 NAG L . 9.87 35.21 13.92
C8 NAG L . 8.99 35.56 12.73
N2 NAG L . 11.15 35.55 13.84
O3 NAG L . 12.02 32.89 14.56
O4 NAG L . 12.74 32.48 17.32
O5 NAG L . 13.15 36.13 16.92
O6 NAG L . 13.99 34.31 19.79
O7 NAG L . 9.37 34.65 14.91
#